data_1O3X
# 
_entry.id   1O3X 
# 
_audit_conform.dict_name       mmcif_pdbx.dic 
_audit_conform.dict_version    5.383 
_audit_conform.dict_location   http://mmcif.pdb.org/dictionaries/ascii/mmcif_pdbx.dic 
# 
loop_
_database_2.database_id 
_database_2.database_code 
_database_2.pdbx_database_accession 
_database_2.pdbx_DOI 
PDB   1O3X         pdb_00001o3x 10.2210/pdb1o3x/pdb 
RCSB  RCSB001773   ?            ?                   
WWPDB D_1000001773 ?            ?                   
# 
loop_
_pdbx_audit_revision_history.ordinal 
_pdbx_audit_revision_history.data_content_type 
_pdbx_audit_revision_history.major_revision 
_pdbx_audit_revision_history.minor_revision 
_pdbx_audit_revision_history.revision_date 
1 'Structure model' 1 0 2003-05-20 
2 'Structure model' 1 1 2008-04-26 
3 'Structure model' 1 2 2011-07-13 
4 'Structure model' 1 3 2023-12-27 
# 
_pdbx_audit_revision_details.ordinal             1 
_pdbx_audit_revision_details.revision_ordinal    1 
_pdbx_audit_revision_details.data_content_type   'Structure model' 
_pdbx_audit_revision_details.provider            repository 
_pdbx_audit_revision_details.type                'Initial release' 
_pdbx_audit_revision_details.description         ? 
_pdbx_audit_revision_details.details             ? 
# 
loop_
_pdbx_audit_revision_group.ordinal 
_pdbx_audit_revision_group.revision_ordinal 
_pdbx_audit_revision_group.data_content_type 
_pdbx_audit_revision_group.group 
1 2 'Structure model' 'Version format compliance' 
2 3 'Structure model' 'Version format compliance' 
3 4 'Structure model' 'Data collection'           
4 4 'Structure model' 'Database references'       
# 
loop_
_pdbx_audit_revision_category.ordinal 
_pdbx_audit_revision_category.revision_ordinal 
_pdbx_audit_revision_category.data_content_type 
_pdbx_audit_revision_category.category 
1 4 'Structure model' chem_comp_atom 
2 4 'Structure model' chem_comp_bond 
3 4 'Structure model' database_2     
# 
loop_
_pdbx_audit_revision_item.ordinal 
_pdbx_audit_revision_item.revision_ordinal 
_pdbx_audit_revision_item.data_content_type 
_pdbx_audit_revision_item.item 
1 4 'Structure model' '_database_2.pdbx_DOI'                
2 4 'Structure model' '_database_2.pdbx_database_accession' 
# 
_pdbx_database_PDB_obs_spr.id               SPRSDE 
_pdbx_database_PDB_obs_spr.date             2003-05-20 
_pdbx_database_PDB_obs_spr.pdb_id           1O3X 
_pdbx_database_PDB_obs_spr.replace_pdb_id   1J2H 
_pdbx_database_PDB_obs_spr.details          ? 
# 
_pdbx_database_status.status_code                     REL 
_pdbx_database_status.entry_id                        1O3X 
_pdbx_database_status.recvd_initial_deposition_date   2003-05-08 
_pdbx_database_status.deposit_site                    RCSB 
_pdbx_database_status.process_site                    PDBJ 
_pdbx_database_status.status_code_sf                  REL 
_pdbx_database_status.SG_entry                        . 
_pdbx_database_status.pdb_format_compatible           Y 
_pdbx_database_status.status_code_mr                  ? 
_pdbx_database_status.status_code_cs                  ? 
_pdbx_database_status.status_code_nmr_data            ? 
_pdbx_database_status.methods_development_category    ? 
# 
loop_
_pdbx_database_related.db_name 
_pdbx_database_related.db_id 
_pdbx_database_related.details 
_pdbx_database_related.content_type 
PDB 1J2I 'mouse ARF1 (delta17-Q71L), GTP form'                      unspecified 
PDB 1J2J 'GGA1 GAT N-terminal region in complex with ARF1 GTP form' unspecified 
# 
loop_
_audit_author.name 
_audit_author.pdbx_ordinal 
'Shiba, T.'     1  
'Kawasaki, M.'  2  
'Takatsu, H.'   3  
'Nogi, T.'      4  
'Matsugaki, N.' 5  
'Igarashi, N.'  6  
'Suzuki, M.'    7  
'Kato, R.'      8  
'Nakayama, K.'  9  
'Wakatsuki, S.' 10 
# 
_citation.id                        primary 
_citation.title                     'Molecular Mechanism of Membrane Recruitment of Gga by Arf in Lysosomal Protein Transport' 
_citation.journal_abbrev            Nat.Struct.Biol. 
_citation.journal_volume            10 
_citation.page_first                386 
_citation.page_last                 393 
_citation.year                      2003 
_citation.journal_id_ASTM           NSBIEW 
_citation.country                   US 
_citation.journal_id_ISSN           1072-8368 
_citation.journal_id_CSD            2024 
_citation.book_publisher            ? 
_citation.pdbx_database_id_PubMed   12679809 
_citation.pdbx_database_id_DOI      10.1038/nsb920 
# 
loop_
_citation_author.citation_id 
_citation_author.name 
_citation_author.ordinal 
_citation_author.identifier_ORCID 
primary 'Shiba, T.'     1  ? 
primary 'Kawasaki, M.'  2  ? 
primary 'Takatsu, H.'   3  ? 
primary 'Nogi, T.'      4  ? 
primary 'Matsugaki, N.' 5  ? 
primary 'Igarashi, N.'  6  ? 
primary 'Suzuki, M.'    7  ? 
primary 'Kato, R.'      8  ? 
primary 'Nakayama, K.'  9  ? 
primary 'Wakatsuki, S.' 10 ? 
# 
loop_
_entity.id 
_entity.type 
_entity.src_method 
_entity.pdbx_description 
_entity.formula_weight 
_entity.pdbx_number_of_molecules 
_entity.pdbx_ec 
_entity.pdbx_mutation 
_entity.pdbx_fragment 
_entity.details 
1 polymer man 'ADP-ribosylation factor binding protein GGA1' 16000.128 1   ? ? 'Gat domain' ? 
2 water   nat water                                          18.015    108 ? ? ?            ? 
# 
_entity_poly.entity_id                      1 
_entity_poly.type                           'polypeptide(L)' 
_entity_poly.nstd_linkage                   no 
_entity_poly.nstd_monomer                   no 
_entity_poly.pdbx_seq_one_letter_code       
;NVIFEDEEKSKMLARLLKSSHPEDLRAANKLIKEMVQEDQKRMEKISKRVNAIEEVNNNVKLLTEMVMSHSQGGAAAGSS
EDLMKELYQRCERMRPTLFRLASDTEDNDEALAEILQANDNLTQVINLYKQLVRGEEVNG
;
_entity_poly.pdbx_seq_one_letter_code_can   
;NVIFEDEEKSKMLARLLKSSHPEDLRAANKLIKEMVQEDQKRMEKISKRVNAIEEVNNNVKLLTEMVMSHSQGGAAAGSS
EDLMKELYQRCERMRPTLFRLASDTEDNDEALAEILQANDNLTQVINLYKQLVRGEEVNG
;
_entity_poly.pdbx_strand_id                 A 
_entity_poly.pdbx_target_identifier         ? 
# 
_pdbx_entity_nonpoly.entity_id   2 
_pdbx_entity_nonpoly.name        water 
_pdbx_entity_nonpoly.comp_id     HOH 
# 
loop_
_entity_poly_seq.entity_id 
_entity_poly_seq.num 
_entity_poly_seq.mon_id 
_entity_poly_seq.hetero 
1 1   ASN n 
1 2   VAL n 
1 3   ILE n 
1 4   PHE n 
1 5   GLU n 
1 6   ASP n 
1 7   GLU n 
1 8   GLU n 
1 9   LYS n 
1 10  SER n 
1 11  LYS n 
1 12  MET n 
1 13  LEU n 
1 14  ALA n 
1 15  ARG n 
1 16  LEU n 
1 17  LEU n 
1 18  LYS n 
1 19  SER n 
1 20  SER n 
1 21  HIS n 
1 22  PRO n 
1 23  GLU n 
1 24  ASP n 
1 25  LEU n 
1 26  ARG n 
1 27  ALA n 
1 28  ALA n 
1 29  ASN n 
1 30  LYS n 
1 31  LEU n 
1 32  ILE n 
1 33  LYS n 
1 34  GLU n 
1 35  MET n 
1 36  VAL n 
1 37  GLN n 
1 38  GLU n 
1 39  ASP n 
1 40  GLN n 
1 41  LYS n 
1 42  ARG n 
1 43  MET n 
1 44  GLU n 
1 45  LYS n 
1 46  ILE n 
1 47  SER n 
1 48  LYS n 
1 49  ARG n 
1 50  VAL n 
1 51  ASN n 
1 52  ALA n 
1 53  ILE n 
1 54  GLU n 
1 55  GLU n 
1 56  VAL n 
1 57  ASN n 
1 58  ASN n 
1 59  ASN n 
1 60  VAL n 
1 61  LYS n 
1 62  LEU n 
1 63  LEU n 
1 64  THR n 
1 65  GLU n 
1 66  MET n 
1 67  VAL n 
1 68  MET n 
1 69  SER n 
1 70  HIS n 
1 71  SER n 
1 72  GLN n 
1 73  GLY n 
1 74  GLY n 
1 75  ALA n 
1 76  ALA n 
1 77  ALA n 
1 78  GLY n 
1 79  SER n 
1 80  SER n 
1 81  GLU n 
1 82  ASP n 
1 83  LEU n 
1 84  MET n 
1 85  LYS n 
1 86  GLU n 
1 87  LEU n 
1 88  TYR n 
1 89  GLN n 
1 90  ARG n 
1 91  CYS n 
1 92  GLU n 
1 93  ARG n 
1 94  MET n 
1 95  ARG n 
1 96  PRO n 
1 97  THR n 
1 98  LEU n 
1 99  PHE n 
1 100 ARG n 
1 101 LEU n 
1 102 ALA n 
1 103 SER n 
1 104 ASP n 
1 105 THR n 
1 106 GLU n 
1 107 ASP n 
1 108 ASN n 
1 109 ASP n 
1 110 GLU n 
1 111 ALA n 
1 112 LEU n 
1 113 ALA n 
1 114 GLU n 
1 115 ILE n 
1 116 LEU n 
1 117 GLN n 
1 118 ALA n 
1 119 ASN n 
1 120 ASP n 
1 121 ASN n 
1 122 LEU n 
1 123 THR n 
1 124 GLN n 
1 125 VAL n 
1 126 ILE n 
1 127 ASN n 
1 128 LEU n 
1 129 TYR n 
1 130 LYS n 
1 131 GLN n 
1 132 LEU n 
1 133 VAL n 
1 134 ARG n 
1 135 GLY n 
1 136 GLU n 
1 137 GLU n 
1 138 VAL n 
1 139 ASN n 
1 140 GLY n 
# 
_entity_src_gen.entity_id                          1 
_entity_src_gen.pdbx_src_id                        1 
_entity_src_gen.pdbx_alt_source_flag               sample 
_entity_src_gen.pdbx_seq_type                      ? 
_entity_src_gen.pdbx_beg_seq_num                   ? 
_entity_src_gen.pdbx_end_seq_num                   ? 
_entity_src_gen.gene_src_common_name               human 
_entity_src_gen.gene_src_genus                     Homo 
_entity_src_gen.pdbx_gene_src_gene                 ? 
_entity_src_gen.gene_src_species                   ? 
_entity_src_gen.gene_src_strain                    ? 
_entity_src_gen.gene_src_tissue                    ? 
_entity_src_gen.gene_src_tissue_fraction           ? 
_entity_src_gen.gene_src_details                   ? 
_entity_src_gen.pdbx_gene_src_fragment             ? 
_entity_src_gen.pdbx_gene_src_scientific_name      'Homo sapiens' 
_entity_src_gen.pdbx_gene_src_ncbi_taxonomy_id     9606 
_entity_src_gen.pdbx_gene_src_variant              ? 
_entity_src_gen.pdbx_gene_src_cell_line            ? 
_entity_src_gen.pdbx_gene_src_atcc                 ? 
_entity_src_gen.pdbx_gene_src_organ                ? 
_entity_src_gen.pdbx_gene_src_organelle            ? 
_entity_src_gen.pdbx_gene_src_cell                 ? 
_entity_src_gen.pdbx_gene_src_cellular_location    ? 
_entity_src_gen.host_org_common_name               ? 
_entity_src_gen.pdbx_host_org_scientific_name      'Escherichia coli BL21' 
_entity_src_gen.pdbx_host_org_ncbi_taxonomy_id     511693 
_entity_src_gen.host_org_genus                     Escherichia 
_entity_src_gen.pdbx_host_org_gene                 ? 
_entity_src_gen.pdbx_host_org_organ                ? 
_entity_src_gen.host_org_species                   'Escherichia coli' 
_entity_src_gen.pdbx_host_org_tissue               ? 
_entity_src_gen.pdbx_host_org_tissue_fraction      ? 
_entity_src_gen.pdbx_host_org_strain               BL21 
_entity_src_gen.pdbx_host_org_variant              ? 
_entity_src_gen.pdbx_host_org_cell_line            ? 
_entity_src_gen.pdbx_host_org_atcc                 ? 
_entity_src_gen.pdbx_host_org_culture_collection   ? 
_entity_src_gen.pdbx_host_org_cell                 ? 
_entity_src_gen.pdbx_host_org_organelle            ? 
_entity_src_gen.pdbx_host_org_cellular_location    ? 
_entity_src_gen.pdbx_host_org_vector_type          PLASMID 
_entity_src_gen.pdbx_host_org_vector               ? 
_entity_src_gen.host_org_details                   ? 
_entity_src_gen.expression_system_id               ? 
_entity_src_gen.plasmid_name                       pGEX4T-2 
_entity_src_gen.plasmid_details                    ? 
_entity_src_gen.pdbx_description                   ? 
# 
loop_
_chem_comp.id 
_chem_comp.type 
_chem_comp.mon_nstd_flag 
_chem_comp.name 
_chem_comp.pdbx_synonyms 
_chem_comp.formula 
_chem_comp.formula_weight 
ALA 'L-peptide linking' y ALANINE         ? 'C3 H7 N O2'     89.093  
ARG 'L-peptide linking' y ARGININE        ? 'C6 H15 N4 O2 1' 175.209 
ASN 'L-peptide linking' y ASPARAGINE      ? 'C4 H8 N2 O3'    132.118 
ASP 'L-peptide linking' y 'ASPARTIC ACID' ? 'C4 H7 N O4'     133.103 
CYS 'L-peptide linking' y CYSTEINE        ? 'C3 H7 N O2 S'   121.158 
GLN 'L-peptide linking' y GLUTAMINE       ? 'C5 H10 N2 O3'   146.144 
GLU 'L-peptide linking' y 'GLUTAMIC ACID' ? 'C5 H9 N O4'     147.129 
GLY 'peptide linking'   y GLYCINE         ? 'C2 H5 N O2'     75.067  
HIS 'L-peptide linking' y HISTIDINE       ? 'C6 H10 N3 O2 1' 156.162 
HOH non-polymer         . WATER           ? 'H2 O'           18.015  
ILE 'L-peptide linking' y ISOLEUCINE      ? 'C6 H13 N O2'    131.173 
LEU 'L-peptide linking' y LEUCINE         ? 'C6 H13 N O2'    131.173 
LYS 'L-peptide linking' y LYSINE          ? 'C6 H15 N2 O2 1' 147.195 
MET 'L-peptide linking' y METHIONINE      ? 'C5 H11 N O2 S'  149.211 
PHE 'L-peptide linking' y PHENYLALANINE   ? 'C9 H11 N O2'    165.189 
PRO 'L-peptide linking' y PROLINE         ? 'C5 H9 N O2'     115.130 
SER 'L-peptide linking' y SERINE          ? 'C3 H7 N O3'     105.093 
THR 'L-peptide linking' y THREONINE       ? 'C4 H9 N O3'     119.119 
TYR 'L-peptide linking' y TYROSINE        ? 'C9 H11 N O3'    181.189 
VAL 'L-peptide linking' y VALINE          ? 'C5 H11 N O2'    117.146 
# 
loop_
_pdbx_poly_seq_scheme.asym_id 
_pdbx_poly_seq_scheme.entity_id 
_pdbx_poly_seq_scheme.seq_id 
_pdbx_poly_seq_scheme.mon_id 
_pdbx_poly_seq_scheme.ndb_seq_num 
_pdbx_poly_seq_scheme.pdb_seq_num 
_pdbx_poly_seq_scheme.auth_seq_num 
_pdbx_poly_seq_scheme.pdb_mon_id 
_pdbx_poly_seq_scheme.auth_mon_id 
_pdbx_poly_seq_scheme.pdb_strand_id 
_pdbx_poly_seq_scheme.pdb_ins_code 
_pdbx_poly_seq_scheme.hetero 
A 1 1   ASN 1   166 ?   ?   ?   A . n 
A 1 2   VAL 2   167 ?   ?   ?   A . n 
A 1 3   ILE 3   168 ?   ?   ?   A . n 
A 1 4   PHE 4   169 ?   ?   ?   A . n 
A 1 5   GLU 5   170 ?   ?   ?   A . n 
A 1 6   ASP 6   171 ?   ?   ?   A . n 
A 1 7   GLU 7   172 ?   ?   ?   A . n 
A 1 8   GLU 8   173 ?   ?   ?   A . n 
A 1 9   LYS 9   174 ?   ?   ?   A . n 
A 1 10  SER 10  175 ?   ?   ?   A . n 
A 1 11  LYS 11  176 ?   ?   ?   A . n 
A 1 12  MET 12  177 ?   ?   ?   A . n 
A 1 13  LEU 13  178 ?   ?   ?   A . n 
A 1 14  ALA 14  179 ?   ?   ?   A . n 
A 1 15  ARG 15  180 ?   ?   ?   A . n 
A 1 16  LEU 16  181 ?   ?   ?   A . n 
A 1 17  LEU 17  182 ?   ?   ?   A . n 
A 1 18  LYS 18  183 ?   ?   ?   A . n 
A 1 19  SER 19  184 ?   ?   ?   A . n 
A 1 20  SER 20  185 ?   ?   ?   A . n 
A 1 21  HIS 21  186 ?   ?   ?   A . n 
A 1 22  PRO 22  187 ?   ?   ?   A . n 
A 1 23  GLU 23  188 ?   ?   ?   A . n 
A 1 24  ASP 24  189 ?   ?   ?   A . n 
A 1 25  LEU 25  190 ?   ?   ?   A . n 
A 1 26  ARG 26  191 ?   ?   ?   A . n 
A 1 27  ALA 27  192 192 ALA ALA A . n 
A 1 28  ALA 28  193 193 ALA ALA A . n 
A 1 29  ASN 29  194 194 ASN ASN A . n 
A 1 30  LYS 30  195 195 LYS LYS A . n 
A 1 31  LEU 31  196 196 LEU LEU A . n 
A 1 32  ILE 32  197 197 ILE ILE A . n 
A 1 33  LYS 33  198 198 LYS LYS A . n 
A 1 34  GLU 34  199 199 GLU GLU A . n 
A 1 35  MET 35  200 200 MET MET A . n 
A 1 36  VAL 36  201 201 VAL VAL A . n 
A 1 37  GLN 37  202 202 GLN GLN A . n 
A 1 38  GLU 38  203 203 GLU GLU A . n 
A 1 39  ASP 39  204 204 ASP ASP A . n 
A 1 40  GLN 40  205 205 GLN GLN A . n 
A 1 41  LYS 41  206 206 LYS LYS A . n 
A 1 42  ARG 42  207 207 ARG ARG A . n 
A 1 43  MET 43  208 208 MET MET A . n 
A 1 44  GLU 44  209 209 GLU GLU A . n 
A 1 45  LYS 45  210 210 LYS LYS A . n 
A 1 46  ILE 46  211 211 ILE ILE A . n 
A 1 47  SER 47  212 212 SER SER A . n 
A 1 48  LYS 48  213 213 LYS LYS A . n 
A 1 49  ARG 49  214 214 ARG ARG A . n 
A 1 50  VAL 50  215 215 VAL VAL A . n 
A 1 51  ASN 51  216 216 ASN ASN A . n 
A 1 52  ALA 52  217 217 ALA ALA A . n 
A 1 53  ILE 53  218 218 ILE ILE A . n 
A 1 54  GLU 54  219 219 GLU GLU A . n 
A 1 55  GLU 55  220 220 GLU GLU A . n 
A 1 56  VAL 56  221 221 VAL VAL A . n 
A 1 57  ASN 57  222 222 ASN ASN A . n 
A 1 58  ASN 58  223 223 ASN ASN A . n 
A 1 59  ASN 59  224 224 ASN ASN A . n 
A 1 60  VAL 60  225 225 VAL VAL A . n 
A 1 61  LYS 61  226 226 LYS LYS A . n 
A 1 62  LEU 62  227 227 LEU LEU A . n 
A 1 63  LEU 63  228 228 LEU LEU A . n 
A 1 64  THR 64  229 229 THR THR A . n 
A 1 65  GLU 65  230 230 GLU GLU A . n 
A 1 66  MET 66  231 231 MET MET A . n 
A 1 67  VAL 67  232 232 VAL VAL A . n 
A 1 68  MET 68  233 233 MET MET A . n 
A 1 69  SER 69  234 234 SER SER A . n 
A 1 70  HIS 70  235 235 HIS HIS A . n 
A 1 71  SER 71  236 236 SER SER A . n 
A 1 72  GLN 72  237 237 GLN GLN A . n 
A 1 73  GLY 73  238 238 GLY GLY A . n 
A 1 74  GLY 74  239 239 GLY GLY A . n 
A 1 75  ALA 75  240 240 ALA ALA A . n 
A 1 76  ALA 76  241 241 ALA ALA A . n 
A 1 77  ALA 77  242 242 ALA ALA A . n 
A 1 78  GLY 78  243 243 GLY GLY A . n 
A 1 79  SER 79  244 244 SER SER A . n 
A 1 80  SER 80  245 245 SER SER A . n 
A 1 81  GLU 81  246 246 GLU GLU A . n 
A 1 82  ASP 82  247 247 ASP ASP A . n 
A 1 83  LEU 83  248 248 LEU LEU A . n 
A 1 84  MET 84  249 249 MET MET A . n 
A 1 85  LYS 85  250 250 LYS LYS A . n 
A 1 86  GLU 86  251 251 GLU GLU A . n 
A 1 87  LEU 87  252 252 LEU LEU A . n 
A 1 88  TYR 88  253 253 TYR TYR A . n 
A 1 89  GLN 89  254 254 GLN GLN A . n 
A 1 90  ARG 90  255 255 ARG ARG A . n 
A 1 91  CYS 91  256 256 CYS CYS A . n 
A 1 92  GLU 92  257 257 GLU GLU A . n 
A 1 93  ARG 93  258 258 ARG ARG A . n 
A 1 94  MET 94  259 259 MET MET A . n 
A 1 95  ARG 95  260 260 ARG ARG A . n 
A 1 96  PRO 96  261 261 PRO PRO A . n 
A 1 97  THR 97  262 262 THR THR A . n 
A 1 98  LEU 98  263 263 LEU LEU A . n 
A 1 99  PHE 99  264 264 PHE PHE A . n 
A 1 100 ARG 100 265 265 ARG ARG A . n 
A 1 101 LEU 101 266 266 LEU LEU A . n 
A 1 102 ALA 102 267 267 ALA ALA A . n 
A 1 103 SER 103 268 268 SER SER A . n 
A 1 104 ASP 104 269 269 ASP ASP A . n 
A 1 105 THR 105 270 270 THR THR A . n 
A 1 106 GLU 106 271 271 GLU GLU A . n 
A 1 107 ASP 107 272 272 ASP ASP A . n 
A 1 108 ASN 108 273 273 ASN ASN A . n 
A 1 109 ASP 109 274 274 ASP ASP A . n 
A 1 110 GLU 110 275 275 GLU GLU A . n 
A 1 111 ALA 111 276 276 ALA ALA A . n 
A 1 112 LEU 112 277 277 LEU LEU A . n 
A 1 113 ALA 113 278 278 ALA ALA A . n 
A 1 114 GLU 114 279 279 GLU GLU A . n 
A 1 115 ILE 115 280 280 ILE ILE A . n 
A 1 116 LEU 116 281 281 LEU LEU A . n 
A 1 117 GLN 117 282 282 GLN GLN A . n 
A 1 118 ALA 118 283 283 ALA ALA A . n 
A 1 119 ASN 119 284 284 ASN ASN A . n 
A 1 120 ASP 120 285 285 ASP ASP A . n 
A 1 121 ASN 121 286 286 ASN ASN A . n 
A 1 122 LEU 122 287 287 LEU LEU A . n 
A 1 123 THR 123 288 288 THR THR A . n 
A 1 124 GLN 124 289 289 GLN GLN A . n 
A 1 125 VAL 125 290 290 VAL VAL A . n 
A 1 126 ILE 126 291 291 ILE ILE A . n 
A 1 127 ASN 127 292 292 ASN ASN A . n 
A 1 128 LEU 128 293 293 LEU LEU A . n 
A 1 129 TYR 129 294 294 TYR TYR A . n 
A 1 130 LYS 130 295 295 LYS LYS A . n 
A 1 131 GLN 131 296 296 GLN GLN A . n 
A 1 132 LEU 132 297 297 LEU LEU A . n 
A 1 133 VAL 133 298 298 VAL VAL A . n 
A 1 134 ARG 134 299 299 ARG ARG A . n 
A 1 135 GLY 135 300 300 GLY GLY A . n 
A 1 136 GLU 136 301 301 GLU GLU A . n 
A 1 137 GLU 137 302 302 GLU GLU A . n 
A 1 138 VAL 138 303 303 VAL VAL A . n 
A 1 139 ASN 139 304 ?   ?   ?   A . n 
A 1 140 GLY 140 305 ?   ?   ?   A . n 
# 
loop_
_pdbx_nonpoly_scheme.asym_id 
_pdbx_nonpoly_scheme.entity_id 
_pdbx_nonpoly_scheme.mon_id 
_pdbx_nonpoly_scheme.ndb_seq_num 
_pdbx_nonpoly_scheme.pdb_seq_num 
_pdbx_nonpoly_scheme.auth_seq_num 
_pdbx_nonpoly_scheme.pdb_mon_id 
_pdbx_nonpoly_scheme.auth_mon_id 
_pdbx_nonpoly_scheme.pdb_strand_id 
_pdbx_nonpoly_scheme.pdb_ins_code 
B 2 HOH 1   1   1   HOH HOH A . 
B 2 HOH 2   2   2   HOH HOH A . 
B 2 HOH 3   3   3   HOH HOH A . 
B 2 HOH 4   4   4   HOH HOH A . 
B 2 HOH 5   5   5   HOH HOH A . 
B 2 HOH 6   6   6   HOH HOH A . 
B 2 HOH 7   7   7   HOH HOH A . 
B 2 HOH 8   8   8   HOH HOH A . 
B 2 HOH 9   9   9   HOH HOH A . 
B 2 HOH 10  10  10  HOH HOH A . 
B 2 HOH 11  11  11  HOH HOH A . 
B 2 HOH 12  12  12  HOH HOH A . 
B 2 HOH 13  13  13  HOH HOH A . 
B 2 HOH 14  14  14  HOH HOH A . 
B 2 HOH 15  15  15  HOH HOH A . 
B 2 HOH 16  16  16  HOH HOH A . 
B 2 HOH 17  17  17  HOH HOH A . 
B 2 HOH 18  18  18  HOH HOH A . 
B 2 HOH 19  19  19  HOH HOH A . 
B 2 HOH 20  20  20  HOH HOH A . 
B 2 HOH 21  21  21  HOH HOH A . 
B 2 HOH 22  22  22  HOH HOH A . 
B 2 HOH 23  23  23  HOH HOH A . 
B 2 HOH 24  24  24  HOH HOH A . 
B 2 HOH 25  25  25  HOH HOH A . 
B 2 HOH 26  26  26  HOH HOH A . 
B 2 HOH 27  27  27  HOH HOH A . 
B 2 HOH 28  28  28  HOH HOH A . 
B 2 HOH 29  29  29  HOH HOH A . 
B 2 HOH 30  30  30  HOH HOH A . 
B 2 HOH 31  31  31  HOH HOH A . 
B 2 HOH 32  32  32  HOH HOH A . 
B 2 HOH 33  33  33  HOH HOH A . 
B 2 HOH 34  34  34  HOH HOH A . 
B 2 HOH 35  35  35  HOH HOH A . 
B 2 HOH 36  36  36  HOH HOH A . 
B 2 HOH 37  37  37  HOH HOH A . 
B 2 HOH 38  38  38  HOH HOH A . 
B 2 HOH 39  39  39  HOH HOH A . 
B 2 HOH 40  40  40  HOH HOH A . 
B 2 HOH 41  41  41  HOH HOH A . 
B 2 HOH 42  42  42  HOH HOH A . 
B 2 HOH 43  43  43  HOH HOH A . 
B 2 HOH 44  44  44  HOH HOH A . 
B 2 HOH 45  45  45  HOH HOH A . 
B 2 HOH 46  46  46  HOH HOH A . 
B 2 HOH 47  47  47  HOH HOH A . 
B 2 HOH 48  48  48  HOH HOH A . 
B 2 HOH 49  49  49  HOH HOH A . 
B 2 HOH 50  50  50  HOH HOH A . 
B 2 HOH 51  51  51  HOH HOH A . 
B 2 HOH 52  52  52  HOH HOH A . 
B 2 HOH 53  53  53  HOH HOH A . 
B 2 HOH 54  54  54  HOH HOH A . 
B 2 HOH 55  55  55  HOH HOH A . 
B 2 HOH 56  56  56  HOH HOH A . 
B 2 HOH 57  57  57  HOH HOH A . 
B 2 HOH 58  58  58  HOH HOH A . 
B 2 HOH 59  59  59  HOH HOH A . 
B 2 HOH 60  60  60  HOH HOH A . 
B 2 HOH 61  61  61  HOH HOH A . 
B 2 HOH 62  62  62  HOH HOH A . 
B 2 HOH 63  63  63  HOH HOH A . 
B 2 HOH 64  64  64  HOH HOH A . 
B 2 HOH 65  65  65  HOH HOH A . 
B 2 HOH 66  66  66  HOH HOH A . 
B 2 HOH 67  67  67  HOH HOH A . 
B 2 HOH 68  68  68  HOH HOH A . 
B 2 HOH 69  69  69  HOH HOH A . 
B 2 HOH 70  70  70  HOH HOH A . 
B 2 HOH 71  71  71  HOH HOH A . 
B 2 HOH 72  72  72  HOH HOH A . 
B 2 HOH 73  73  73  HOH HOH A . 
B 2 HOH 74  74  74  HOH HOH A . 
B 2 HOH 75  75  75  HOH HOH A . 
B 2 HOH 76  76  76  HOH HOH A . 
B 2 HOH 77  77  77  HOH HOH A . 
B 2 HOH 78  78  78  HOH HOH A . 
B 2 HOH 79  79  79  HOH HOH A . 
B 2 HOH 80  80  80  HOH HOH A . 
B 2 HOH 81  81  81  HOH HOH A . 
B 2 HOH 82  82  82  HOH HOH A . 
B 2 HOH 83  83  83  HOH HOH A . 
B 2 HOH 84  84  84  HOH HOH A . 
B 2 HOH 85  85  85  HOH HOH A . 
B 2 HOH 86  86  86  HOH HOH A . 
B 2 HOH 87  87  87  HOH HOH A . 
B 2 HOH 88  88  88  HOH HOH A . 
B 2 HOH 89  89  89  HOH HOH A . 
B 2 HOH 90  90  90  HOH HOH A . 
B 2 HOH 91  91  91  HOH HOH A . 
B 2 HOH 92  92  92  HOH HOH A . 
B 2 HOH 93  93  93  HOH HOH A . 
B 2 HOH 94  94  94  HOH HOH A . 
B 2 HOH 95  95  95  HOH HOH A . 
B 2 HOH 96  96  96  HOH HOH A . 
B 2 HOH 97  97  97  HOH HOH A . 
B 2 HOH 98  98  98  HOH HOH A . 
B 2 HOH 99  99  99  HOH HOH A . 
B 2 HOH 100 100 100 HOH HOH A . 
B 2 HOH 101 101 101 HOH HOH A . 
B 2 HOH 102 102 102 HOH HOH A . 
B 2 HOH 103 103 103 HOH HOH A . 
B 2 HOH 104 104 104 HOH HOH A . 
B 2 HOH 105 105 105 HOH HOH A . 
B 2 HOH 106 106 106 HOH HOH A . 
B 2 HOH 107 107 107 HOH HOH A . 
B 2 HOH 108 108 108 HOH HOH A . 
# 
loop_
_software.name 
_software.classification 
_software.version 
_software.citation_id 
_software.pdbx_ordinal 
MOSFLM  'data reduction' .         ? 1 
SCALA   'data scaling'   .         ? 2 
SOLVE   phasing          .         ? 3 
RESOLVE 'model building' .         ? 4 
REFMAC  refinement       5.0       ? 5 
CCP4    'data scaling'   '(SCALA)' ? 6 
RESOLVE phasing          .         ? 7 
# 
_cell.entry_id           1O3X 
_cell.length_a           85.110 
_cell.length_b           85.110 
_cell.length_c           59.001 
_cell.angle_alpha        90.00 
_cell.angle_beta         90.00 
_cell.angle_gamma        120.00 
_cell.Z_PDB              9 
_cell.pdbx_unique_axis   ? 
# 
_symmetry.entry_id                         1O3X 
_symmetry.space_group_name_H-M             'H 3' 
_symmetry.pdbx_full_space_group_name_H-M   ? 
_symmetry.cell_setting                     ? 
_symmetry.Int_Tables_number                146 
# 
_exptl.entry_id          1O3X 
_exptl.method            'X-RAY DIFFRACTION' 
_exptl.crystals_number   1 
# 
_exptl_crystal.id                    1 
_exptl_crystal.density_meas          ? 
_exptl_crystal.density_Matthews      2.96 
_exptl_crystal.density_percent_sol   58.06 
_exptl_crystal.description           ? 
# 
_exptl_crystal_grow.crystal_id      1 
_exptl_crystal_grow.method          'VAPOR DIFFUSION, HANGING DROP' 
_exptl_crystal_grow.temp            293 
_exptl_crystal_grow.temp_details    ? 
_exptl_crystal_grow.pH              7.5 
_exptl_crystal_grow.pdbx_details    'MPD, PEG6000, Tris, pH 7.5, VAPOR DIFFUSION, HANGING DROP, temperature 293K' 
_exptl_crystal_grow.pdbx_pH_range   . 
# 
_diffrn.id                     1 
_diffrn.ambient_temp           100.0 
_diffrn.ambient_temp_details   ? 
_diffrn.crystal_id             1 
# 
_diffrn_detector.diffrn_id              1 
_diffrn_detector.detector               CCD 
_diffrn_detector.type                   'ADSC QUANTUM 4' 
_diffrn_detector.pdbx_collection_date   2001-10-19 
_diffrn_detector.details                ? 
# 
_diffrn_radiation.diffrn_id                        1 
_diffrn_radiation.wavelength_id                    1 
_diffrn_radiation.pdbx_monochromatic_or_laue_m_l   M 
_diffrn_radiation.monochromator                    'SI (111) + GE (220)' 
_diffrn_radiation.pdbx_diffrn_protocol             MAD 
_diffrn_radiation.pdbx_scattering_type             x-ray 
# 
loop_
_diffrn_radiation_wavelength.id 
_diffrn_radiation_wavelength.wavelength 
_diffrn_radiation_wavelength.wt 
1 0.9500 1.0 
2 0.9806 1.0 
3 0.9808 1.0 
4 1.0    1.0 
# 
_diffrn_source.diffrn_id                   1 
_diffrn_source.source                      SYNCHROTRON 
_diffrn_source.type                        'PHOTON FACTORY BEAMLINE BL-18B' 
_diffrn_source.pdbx_synchrotron_site       'Photon Factory' 
_diffrn_source.pdbx_synchrotron_beamline   BL-18B 
_diffrn_source.pdbx_wavelength             ? 
_diffrn_source.pdbx_wavelength_list        '0.9500, 0.9806, 0.9808, 1.0' 
# 
_reflns.entry_id                     1O3X 
_reflns.observed_criterion_sigma_F   ? 
_reflns.observed_criterion_sigma_I   ? 
_reflns.d_resolution_high            2.1 
_reflns.d_resolution_low             30 
_reflns.number_all                   9302 
_reflns.number_obs                   9301 
_reflns.percent_possible_obs         100 
_reflns.pdbx_Rmerge_I_obs            0.045 
_reflns.pdbx_Rsym_value              ? 
_reflns.pdbx_netI_over_sigmaI        9.2 
_reflns.B_iso_Wilson_estimate        ? 
_reflns.pdbx_redundancy              ? 
_reflns.R_free_details               ? 
_reflns.limit_h_max                  ? 
_reflns.limit_h_min                  ? 
_reflns.limit_k_max                  ? 
_reflns.limit_k_min                  ? 
_reflns.limit_l_max                  ? 
_reflns.limit_l_min                  ? 
_reflns.observed_criterion_F_max     ? 
_reflns.observed_criterion_F_min     ? 
_reflns.pdbx_diffrn_id               1 
_reflns.pdbx_ordinal                 1 
# 
_reflns_shell.d_res_high             2.10 
_reflns_shell.d_res_low              2.21 
_reflns_shell.percent_possible_all   99.6 
_reflns_shell.Rmerge_I_obs           0.267 
_reflns_shell.pdbx_Rsym_value        ? 
_reflns_shell.meanI_over_sigI_obs    2.800 
_reflns_shell.pdbx_redundancy        ? 
_reflns_shell.percent_possible_obs   ? 
_reflns_shell.number_unique_all      ? 
_reflns_shell.pdbx_diffrn_id         ? 
_reflns_shell.pdbx_ordinal           1 
# 
_refine.entry_id                                 1O3X 
_refine.ls_number_reflns_obs                     8858 
_refine.ls_number_reflns_all                     9301 
_refine.pdbx_ls_sigma_I                          ? 
_refine.pdbx_ls_sigma_F                          0 
_refine.pdbx_data_cutoff_high_absF               ? 
_refine.pdbx_data_cutoff_low_absF                ? 
_refine.ls_d_res_low                             30.00 
_refine.ls_d_res_high                            2.10 
_refine.ls_percent_reflns_obs                    100.00 
_refine.ls_R_factor_obs                          0.2468 
_refine.ls_R_factor_all                          0.2468 
_refine.ls_R_factor_R_work                       0.24477 
_refine.ls_R_factor_R_free                       0.28951 
_refine.ls_R_factor_R_free_error                 ? 
_refine.ls_R_factor_R_free_error_details         ? 
_refine.ls_percent_reflns_R_free                 4.8 
_refine.ls_number_reflns_R_free                  443 
_refine.ls_number_parameters                     ? 
_refine.ls_number_restraints                     ? 
_refine.occupancy_min                            ? 
_refine.occupancy_max                            ? 
_refine.correlation_coeff_Fo_to_Fc               0.926 
_refine.correlation_coeff_Fo_to_Fc_free          0.898 
_refine.B_iso_mean                               46.589 
_refine.aniso_B[1][1]                            0.09 
_refine.aniso_B[2][2]                            0.09 
_refine.aniso_B[3][3]                            -0.13 
_refine.aniso_B[1][2]                            0.04 
_refine.aniso_B[1][3]                            0.00 
_refine.aniso_B[2][3]                            0.00 
_refine.solvent_model_details                    'BABINET MODEL WITH MASK' 
_refine.solvent_model_param_ksol                 ? 
_refine.solvent_model_param_bsol                 ? 
_refine.pdbx_solvent_vdw_probe_radii             1.40 
_refine.pdbx_solvent_ion_probe_radii             0.80 
_refine.pdbx_solvent_shrinkage_radii             0.80 
_refine.pdbx_ls_cross_valid_method               THROUGHOUT 
_refine.details                                  ? 
_refine.pdbx_starting_model                      ? 
_refine.pdbx_method_to_determine_struct          MAD 
_refine.pdbx_isotropic_thermal_model             ? 
_refine.pdbx_stereochemistry_target_values       'MAXIMUM LIKELIHOOD' 
_refine.pdbx_stereochem_target_val_spec_case     ? 
_refine.pdbx_R_Free_selection_details            RANDOM 
_refine.pdbx_overall_ESU_R_Free                  0.207 
_refine.overall_SU_B                             6.056 
_refine.ls_redundancy_reflns_obs                 ? 
_refine.B_iso_min                                ? 
_refine.B_iso_max                                ? 
_refine.overall_SU_R_Cruickshank_DPI             ? 
_refine.overall_SU_R_free                        ? 
_refine.overall_SU_ML                            0.167 
_refine.pdbx_overall_ESU_R                       0.237 
_refine.pdbx_data_cutoff_high_rms_absF           ? 
_refine.pdbx_refine_id                           'X-RAY DIFFRACTION' 
_refine.pdbx_diffrn_id                           1 
_refine.pdbx_TLS_residual_ADP_flag               ? 
_refine.pdbx_overall_phase_error                 ? 
_refine.pdbx_overall_SU_R_free_Cruickshank_DPI   ? 
_refine.pdbx_overall_SU_R_Blow_DPI               ? 
_refine.pdbx_overall_SU_R_free_Blow_DPI          ? 
# 
_refine_hist.pdbx_refine_id                   'X-RAY DIFFRACTION' 
_refine_hist.cycle_id                         LAST 
_refine_hist.pdbx_number_atoms_protein        886 
_refine_hist.pdbx_number_atoms_nucleic_acid   0 
_refine_hist.pdbx_number_atoms_ligand         0 
_refine_hist.number_atoms_solvent             108 
_refine_hist.number_atoms_total               994 
_refine_hist.d_res_high                       2.10 
_refine_hist.d_res_low                        30.00 
# 
loop_
_refine_ls_restr.type 
_refine_ls_restr.dev_ideal 
_refine_ls_restr.dev_ideal_target 
_refine_ls_restr.weight 
_refine_ls_restr.number 
_refine_ls_restr.pdbx_refine_id 
_refine_ls_restr.pdbx_restraint_function 
r_bond_refined_d         0.017  0.022  ? 891  'X-RAY DIFFRACTION' ? 
r_bond_other_d           ?      ?      ? ?    'X-RAY DIFFRACTION' ? 
r_angle_refined_deg      1.727  1.975  ? 1193 'X-RAY DIFFRACTION' ? 
r_angle_other_deg        ?      ?      ? ?    'X-RAY DIFFRACTION' ? 
r_dihedral_angle_1_deg   3.426  3.000  ? 111  'X-RAY DIFFRACTION' ? 
r_dihedral_angle_3_deg   17.844 15.000 ? 184  'X-RAY DIFFRACTION' ? 
r_chiral_restr           0.126  0.200  ? 137  'X-RAY DIFFRACTION' ? 
r_gen_planes_refined     0.007  0.020  ? 660  'X-RAY DIFFRACTION' ? 
r_gen_planes_other       ?      ?      ? ?    'X-RAY DIFFRACTION' ? 
r_nbd_refined            0.281  0.300  ? 445  'X-RAY DIFFRACTION' ? 
r_nbd_other              ?      ?      ? ?    'X-RAY DIFFRACTION' ? 
r_nbtor_other            ?      ?      ? ?    'X-RAY DIFFRACTION' ? 
r_xyhbond_nbd_refined    0.274  0.500  ? 49   'X-RAY DIFFRACTION' ? 
r_xyhbond_nbd_other      ?      ?      ? ?    'X-RAY DIFFRACTION' ? 
r_symmetry_vdw_refined   0.270  0.300  ? 28   'X-RAY DIFFRACTION' ? 
r_symmetry_vdw_other     ?      ?      ? ?    'X-RAY DIFFRACTION' ? 
r_symmetry_hbond_refined 0.244  0.500  ? 14   'X-RAY DIFFRACTION' ? 
r_symmetry_hbond_other   ?      ?      ? ?    'X-RAY DIFFRACTION' ? 
r_mcbond_it              1.159  1.500  ? 557  'X-RAY DIFFRACTION' ? 
r_mcangle_it             2.128  2.000  ? 892  'X-RAY DIFFRACTION' ? 
r_scbond_it              3.127  3.000  ? 334  'X-RAY DIFFRACTION' ? 
r_scangle_it             5.374  4.500  ? 301  'X-RAY DIFFRACTION' ? 
r_rigid_bond_restr       ?      ?      ? ?    'X-RAY DIFFRACTION' ? 
r_sphericity_free        ?      ?      ? ?    'X-RAY DIFFRACTION' ? 
r_sphericity_bonded      ?      ?      ? ?    'X-RAY DIFFRACTION' ? 
# 
_refine_ls_shell.pdbx_total_number_of_bins_used   20 
_refine_ls_shell.d_res_high                       2.100 
_refine_ls_shell.d_res_low                        2.154 
_refine_ls_shell.number_reflns_R_work             673 
_refine_ls_shell.R_factor_R_work                  0.263 
_refine_ls_shell.percent_reflns_obs               ? 
_refine_ls_shell.R_factor_R_free                  0.319 
_refine_ls_shell.R_factor_R_free_error            ? 
_refine_ls_shell.percent_reflns_R_free            ? 
_refine_ls_shell.number_reflns_R_free             35 
_refine_ls_shell.number_reflns_obs                ? 
_refine_ls_shell.redundancy_reflns_obs            ? 
_refine_ls_shell.number_reflns_all                ? 
_refine_ls_shell.pdbx_refine_id                   'X-RAY DIFFRACTION' 
_refine_ls_shell.R_factor_all                     ? 
# 
_struct.entry_id                  1O3X 
_struct.title                     'Crystal structure of human GGA1 GAT domain' 
_struct.pdbx_model_details        ? 
_struct.pdbx_CASP_flag            ? 
_struct.pdbx_model_type_details   ? 
# 
_struct_keywords.entry_id        1O3X 
_struct_keywords.pdbx_keywords   'PROTEIN TRANSPORT' 
_struct_keywords.text            'PROTEIN TRANSPORT' 
# 
loop_
_struct_asym.id 
_struct_asym.pdbx_blank_PDB_chainid_flag 
_struct_asym.pdbx_modified 
_struct_asym.entity_id 
_struct_asym.details 
A N N 1 ? 
B N N 2 ? 
# 
_struct_ref.id                         1 
_struct_ref.db_name                    UNP 
_struct_ref.db_code                    GGA1_HUMAN 
_struct_ref.entity_id                  1 
_struct_ref.pdbx_seq_one_letter_code   
;NVIFEDEEKSKMLARLLKSSHPEDLRAANKLIKEMVQEDQKRMEKISKRVNAIEEVNNNVKLLTEMVMSHSQGGAAAGSS
EDLMKELYQRCERMRPTLFRLASDTEDNDEALAEILQANDNLTQVINLYKQLVRGEEVNG
;
_struct_ref.pdbx_align_begin           166 
_struct_ref.pdbx_db_accession          Q9UJY5 
_struct_ref.pdbx_db_isoform            ? 
# 
_struct_ref_seq.align_id                      1 
_struct_ref_seq.ref_id                        1 
_struct_ref_seq.pdbx_PDB_id_code              1O3X 
_struct_ref_seq.pdbx_strand_id                A 
_struct_ref_seq.seq_align_beg                 1 
_struct_ref_seq.pdbx_seq_align_beg_ins_code   ? 
_struct_ref_seq.seq_align_end                 140 
_struct_ref_seq.pdbx_seq_align_end_ins_code   ? 
_struct_ref_seq.pdbx_db_accession             Q9UJY5 
_struct_ref_seq.db_align_beg                  166 
_struct_ref_seq.pdbx_db_align_beg_ins_code    ? 
_struct_ref_seq.db_align_end                  305 
_struct_ref_seq.pdbx_db_align_end_ins_code    ? 
_struct_ref_seq.pdbx_auth_seq_align_beg       166 
_struct_ref_seq.pdbx_auth_seq_align_end       305 
# 
_pdbx_struct_assembly.id                   1 
_pdbx_struct_assembly.details              author_defined_assembly 
_pdbx_struct_assembly.method_details       ? 
_pdbx_struct_assembly.oligomeric_details   monomeric 
_pdbx_struct_assembly.oligomeric_count     1 
# 
_pdbx_struct_assembly_gen.assembly_id       1 
_pdbx_struct_assembly_gen.oper_expression   1 
_pdbx_struct_assembly_gen.asym_id_list      A,B 
# 
_pdbx_struct_oper_list.id                   1 
_pdbx_struct_oper_list.type                 'identity operation' 
_pdbx_struct_oper_list.name                 1_555 
_pdbx_struct_oper_list.symmetry_operation   x,y,z 
_pdbx_struct_oper_list.matrix[1][1]         1.0000000000 
_pdbx_struct_oper_list.matrix[1][2]         0.0000000000 
_pdbx_struct_oper_list.matrix[1][3]         0.0000000000 
_pdbx_struct_oper_list.vector[1]            0.0000000000 
_pdbx_struct_oper_list.matrix[2][1]         0.0000000000 
_pdbx_struct_oper_list.matrix[2][2]         1.0000000000 
_pdbx_struct_oper_list.matrix[2][3]         0.0000000000 
_pdbx_struct_oper_list.vector[2]            0.0000000000 
_pdbx_struct_oper_list.matrix[3][1]         0.0000000000 
_pdbx_struct_oper_list.matrix[3][2]         0.0000000000 
_pdbx_struct_oper_list.matrix[3][3]         1.0000000000 
_pdbx_struct_oper_list.vector[3]            0.0000000000 
# 
_struct_biol.id                    1 
_struct_biol.pdbx_parent_biol_id   ? 
_struct_biol.details               ? 
# 
loop_
_struct_conf.conf_type_id 
_struct_conf.id 
_struct_conf.pdbx_PDB_helix_id 
_struct_conf.beg_label_comp_id 
_struct_conf.beg_label_asym_id 
_struct_conf.beg_label_seq_id 
_struct_conf.pdbx_beg_PDB_ins_code 
_struct_conf.end_label_comp_id 
_struct_conf.end_label_asym_id 
_struct_conf.end_label_seq_id 
_struct_conf.pdbx_end_PDB_ins_code 
_struct_conf.beg_auth_comp_id 
_struct_conf.beg_auth_asym_id 
_struct_conf.beg_auth_seq_id 
_struct_conf.end_auth_comp_id 
_struct_conf.end_auth_asym_id 
_struct_conf.end_auth_seq_id 
_struct_conf.pdbx_PDB_helix_class 
_struct_conf.details 
_struct_conf.pdbx_PDB_helix_length 
HELX_P HELX_P1 1 ILE A 32  ? HIS A 70  ? ILE A 197 HIS A 235 1 ? 39 
HELX_P HELX_P2 2 ALA A 77  ? SER A 103 ? ALA A 242 SER A 268 1 ? 27 
HELX_P HELX_P3 3 ASN A 108 ? ARG A 134 ? ASN A 273 ARG A 299 1 ? 27 
# 
_struct_conf_type.id          HELX_P 
_struct_conf_type.criteria    ? 
_struct_conf_type.reference   ? 
# 
_pdbx_validate_rmsd_angle.id                         1 
_pdbx_validate_rmsd_angle.PDB_model_num              1 
_pdbx_validate_rmsd_angle.auth_atom_id_1             CB 
_pdbx_validate_rmsd_angle.auth_asym_id_1             A 
_pdbx_validate_rmsd_angle.auth_comp_id_1             ASP 
_pdbx_validate_rmsd_angle.auth_seq_id_1              285 
_pdbx_validate_rmsd_angle.PDB_ins_code_1             ? 
_pdbx_validate_rmsd_angle.label_alt_id_1             ? 
_pdbx_validate_rmsd_angle.auth_atom_id_2             CG 
_pdbx_validate_rmsd_angle.auth_asym_id_2             A 
_pdbx_validate_rmsd_angle.auth_comp_id_2             ASP 
_pdbx_validate_rmsd_angle.auth_seq_id_2              285 
_pdbx_validate_rmsd_angle.PDB_ins_code_2             ? 
_pdbx_validate_rmsd_angle.label_alt_id_2             ? 
_pdbx_validate_rmsd_angle.auth_atom_id_3             OD2 
_pdbx_validate_rmsd_angle.auth_asym_id_3             A 
_pdbx_validate_rmsd_angle.auth_comp_id_3             ASP 
_pdbx_validate_rmsd_angle.auth_seq_id_3              285 
_pdbx_validate_rmsd_angle.PDB_ins_code_3             ? 
_pdbx_validate_rmsd_angle.label_alt_id_3             ? 
_pdbx_validate_rmsd_angle.angle_value                125.68 
_pdbx_validate_rmsd_angle.angle_target_value         118.30 
_pdbx_validate_rmsd_angle.angle_deviation            7.38 
_pdbx_validate_rmsd_angle.angle_standard_deviation   0.90 
_pdbx_validate_rmsd_angle.linker_flag                N 
# 
loop_
_pdbx_validate_torsion.id 
_pdbx_validate_torsion.PDB_model_num 
_pdbx_validate_torsion.auth_comp_id 
_pdbx_validate_torsion.auth_asym_id 
_pdbx_validate_torsion.auth_seq_id 
_pdbx_validate_torsion.PDB_ins_code 
_pdbx_validate_torsion.label_alt_id 
_pdbx_validate_torsion.phi 
_pdbx_validate_torsion.psi 
1 1 ALA A 241 ? ? -153.49 -27.98  
2 1 ALA A 242 ? ? 62.63   -142.63 
3 1 GLU A 271 ? ? -38.91  121.92  
4 1 GLU A 301 ? ? -68.34  -177.55 
5 1 GLU A 302 ? ? -97.88  -153.17 
# 
loop_
_pdbx_unobs_or_zero_occ_residues.id 
_pdbx_unobs_or_zero_occ_residues.PDB_model_num 
_pdbx_unobs_or_zero_occ_residues.polymer_flag 
_pdbx_unobs_or_zero_occ_residues.occupancy_flag 
_pdbx_unobs_or_zero_occ_residues.auth_asym_id 
_pdbx_unobs_or_zero_occ_residues.auth_comp_id 
_pdbx_unobs_or_zero_occ_residues.auth_seq_id 
_pdbx_unobs_or_zero_occ_residues.PDB_ins_code 
_pdbx_unobs_or_zero_occ_residues.label_asym_id 
_pdbx_unobs_or_zero_occ_residues.label_comp_id 
_pdbx_unobs_or_zero_occ_residues.label_seq_id 
1  1 Y 1 A ASN 166 ? A ASN 1   
2  1 Y 1 A VAL 167 ? A VAL 2   
3  1 Y 1 A ILE 168 ? A ILE 3   
4  1 Y 1 A PHE 169 ? A PHE 4   
5  1 Y 1 A GLU 170 ? A GLU 5   
6  1 Y 1 A ASP 171 ? A ASP 6   
7  1 Y 1 A GLU 172 ? A GLU 7   
8  1 Y 1 A GLU 173 ? A GLU 8   
9  1 Y 1 A LYS 174 ? A LYS 9   
10 1 Y 1 A SER 175 ? A SER 10  
11 1 Y 1 A LYS 176 ? A LYS 11  
12 1 Y 1 A MET 177 ? A MET 12  
13 1 Y 1 A LEU 178 ? A LEU 13  
14 1 Y 1 A ALA 179 ? A ALA 14  
15 1 Y 1 A ARG 180 ? A ARG 15  
16 1 Y 1 A LEU 181 ? A LEU 16  
17 1 Y 1 A LEU 182 ? A LEU 17  
18 1 Y 1 A LYS 183 ? A LYS 18  
19 1 Y 1 A SER 184 ? A SER 19  
20 1 Y 1 A SER 185 ? A SER 20  
21 1 Y 1 A HIS 186 ? A HIS 21  
22 1 Y 1 A PRO 187 ? A PRO 22  
23 1 Y 1 A GLU 188 ? A GLU 23  
24 1 Y 1 A ASP 189 ? A ASP 24  
25 1 Y 1 A LEU 190 ? A LEU 25  
26 1 Y 1 A ARG 191 ? A ARG 26  
27 1 Y 1 A ASN 304 ? A ASN 139 
28 1 Y 1 A GLY 305 ? A GLY 140 
# 
loop_
_chem_comp_atom.comp_id 
_chem_comp_atom.atom_id 
_chem_comp_atom.type_symbol 
_chem_comp_atom.pdbx_aromatic_flag 
_chem_comp_atom.pdbx_stereo_config 
_chem_comp_atom.pdbx_ordinal 
ALA N    N N N 1   
ALA CA   C N S 2   
ALA C    C N N 3   
ALA O    O N N 4   
ALA CB   C N N 5   
ALA OXT  O N N 6   
ALA H    H N N 7   
ALA H2   H N N 8   
ALA HA   H N N 9   
ALA HB1  H N N 10  
ALA HB2  H N N 11  
ALA HB3  H N N 12  
ALA HXT  H N N 13  
ARG N    N N N 14  
ARG CA   C N S 15  
ARG C    C N N 16  
ARG O    O N N 17  
ARG CB   C N N 18  
ARG CG   C N N 19  
ARG CD   C N N 20  
ARG NE   N N N 21  
ARG CZ   C N N 22  
ARG NH1  N N N 23  
ARG NH2  N N N 24  
ARG OXT  O N N 25  
ARG H    H N N 26  
ARG H2   H N N 27  
ARG HA   H N N 28  
ARG HB2  H N N 29  
ARG HB3  H N N 30  
ARG HG2  H N N 31  
ARG HG3  H N N 32  
ARG HD2  H N N 33  
ARG HD3  H N N 34  
ARG HE   H N N 35  
ARG HH11 H N N 36  
ARG HH12 H N N 37  
ARG HH21 H N N 38  
ARG HH22 H N N 39  
ARG HXT  H N N 40  
ASN N    N N N 41  
ASN CA   C N S 42  
ASN C    C N N 43  
ASN O    O N N 44  
ASN CB   C N N 45  
ASN CG   C N N 46  
ASN OD1  O N N 47  
ASN ND2  N N N 48  
ASN OXT  O N N 49  
ASN H    H N N 50  
ASN H2   H N N 51  
ASN HA   H N N 52  
ASN HB2  H N N 53  
ASN HB3  H N N 54  
ASN HD21 H N N 55  
ASN HD22 H N N 56  
ASN HXT  H N N 57  
ASP N    N N N 58  
ASP CA   C N S 59  
ASP C    C N N 60  
ASP O    O N N 61  
ASP CB   C N N 62  
ASP CG   C N N 63  
ASP OD1  O N N 64  
ASP OD2  O N N 65  
ASP OXT  O N N 66  
ASP H    H N N 67  
ASP H2   H N N 68  
ASP HA   H N N 69  
ASP HB2  H N N 70  
ASP HB3  H N N 71  
ASP HD2  H N N 72  
ASP HXT  H N N 73  
CYS N    N N N 74  
CYS CA   C N R 75  
CYS C    C N N 76  
CYS O    O N N 77  
CYS CB   C N N 78  
CYS SG   S N N 79  
CYS OXT  O N N 80  
CYS H    H N N 81  
CYS H2   H N N 82  
CYS HA   H N N 83  
CYS HB2  H N N 84  
CYS HB3  H N N 85  
CYS HG   H N N 86  
CYS HXT  H N N 87  
GLN N    N N N 88  
GLN CA   C N S 89  
GLN C    C N N 90  
GLN O    O N N 91  
GLN CB   C N N 92  
GLN CG   C N N 93  
GLN CD   C N N 94  
GLN OE1  O N N 95  
GLN NE2  N N N 96  
GLN OXT  O N N 97  
GLN H    H N N 98  
GLN H2   H N N 99  
GLN HA   H N N 100 
GLN HB2  H N N 101 
GLN HB3  H N N 102 
GLN HG2  H N N 103 
GLN HG3  H N N 104 
GLN HE21 H N N 105 
GLN HE22 H N N 106 
GLN HXT  H N N 107 
GLU N    N N N 108 
GLU CA   C N S 109 
GLU C    C N N 110 
GLU O    O N N 111 
GLU CB   C N N 112 
GLU CG   C N N 113 
GLU CD   C N N 114 
GLU OE1  O N N 115 
GLU OE2  O N N 116 
GLU OXT  O N N 117 
GLU H    H N N 118 
GLU H2   H N N 119 
GLU HA   H N N 120 
GLU HB2  H N N 121 
GLU HB3  H N N 122 
GLU HG2  H N N 123 
GLU HG3  H N N 124 
GLU HE2  H N N 125 
GLU HXT  H N N 126 
GLY N    N N N 127 
GLY CA   C N N 128 
GLY C    C N N 129 
GLY O    O N N 130 
GLY OXT  O N N 131 
GLY H    H N N 132 
GLY H2   H N N 133 
GLY HA2  H N N 134 
GLY HA3  H N N 135 
GLY HXT  H N N 136 
HIS N    N N N 137 
HIS CA   C N S 138 
HIS C    C N N 139 
HIS O    O N N 140 
HIS CB   C N N 141 
HIS CG   C Y N 142 
HIS ND1  N Y N 143 
HIS CD2  C Y N 144 
HIS CE1  C Y N 145 
HIS NE2  N Y N 146 
HIS OXT  O N N 147 
HIS H    H N N 148 
HIS H2   H N N 149 
HIS HA   H N N 150 
HIS HB2  H N N 151 
HIS HB3  H N N 152 
HIS HD1  H N N 153 
HIS HD2  H N N 154 
HIS HE1  H N N 155 
HIS HE2  H N N 156 
HIS HXT  H N N 157 
HOH O    O N N 158 
HOH H1   H N N 159 
HOH H2   H N N 160 
ILE N    N N N 161 
ILE CA   C N S 162 
ILE C    C N N 163 
ILE O    O N N 164 
ILE CB   C N S 165 
ILE CG1  C N N 166 
ILE CG2  C N N 167 
ILE CD1  C N N 168 
ILE OXT  O N N 169 
ILE H    H N N 170 
ILE H2   H N N 171 
ILE HA   H N N 172 
ILE HB   H N N 173 
ILE HG12 H N N 174 
ILE HG13 H N N 175 
ILE HG21 H N N 176 
ILE HG22 H N N 177 
ILE HG23 H N N 178 
ILE HD11 H N N 179 
ILE HD12 H N N 180 
ILE HD13 H N N 181 
ILE HXT  H N N 182 
LEU N    N N N 183 
LEU CA   C N S 184 
LEU C    C N N 185 
LEU O    O N N 186 
LEU CB   C N N 187 
LEU CG   C N N 188 
LEU CD1  C N N 189 
LEU CD2  C N N 190 
LEU OXT  O N N 191 
LEU H    H N N 192 
LEU H2   H N N 193 
LEU HA   H N N 194 
LEU HB2  H N N 195 
LEU HB3  H N N 196 
LEU HG   H N N 197 
LEU HD11 H N N 198 
LEU HD12 H N N 199 
LEU HD13 H N N 200 
LEU HD21 H N N 201 
LEU HD22 H N N 202 
LEU HD23 H N N 203 
LEU HXT  H N N 204 
LYS N    N N N 205 
LYS CA   C N S 206 
LYS C    C N N 207 
LYS O    O N N 208 
LYS CB   C N N 209 
LYS CG   C N N 210 
LYS CD   C N N 211 
LYS CE   C N N 212 
LYS NZ   N N N 213 
LYS OXT  O N N 214 
LYS H    H N N 215 
LYS H2   H N N 216 
LYS HA   H N N 217 
LYS HB2  H N N 218 
LYS HB3  H N N 219 
LYS HG2  H N N 220 
LYS HG3  H N N 221 
LYS HD2  H N N 222 
LYS HD3  H N N 223 
LYS HE2  H N N 224 
LYS HE3  H N N 225 
LYS HZ1  H N N 226 
LYS HZ2  H N N 227 
LYS HZ3  H N N 228 
LYS HXT  H N N 229 
MET N    N N N 230 
MET CA   C N S 231 
MET C    C N N 232 
MET O    O N N 233 
MET CB   C N N 234 
MET CG   C N N 235 
MET SD   S N N 236 
MET CE   C N N 237 
MET OXT  O N N 238 
MET H    H N N 239 
MET H2   H N N 240 
MET HA   H N N 241 
MET HB2  H N N 242 
MET HB3  H N N 243 
MET HG2  H N N 244 
MET HG3  H N N 245 
MET HE1  H N N 246 
MET HE2  H N N 247 
MET HE3  H N N 248 
MET HXT  H N N 249 
PHE N    N N N 250 
PHE CA   C N S 251 
PHE C    C N N 252 
PHE O    O N N 253 
PHE CB   C N N 254 
PHE CG   C Y N 255 
PHE CD1  C Y N 256 
PHE CD2  C Y N 257 
PHE CE1  C Y N 258 
PHE CE2  C Y N 259 
PHE CZ   C Y N 260 
PHE OXT  O N N 261 
PHE H    H N N 262 
PHE H2   H N N 263 
PHE HA   H N N 264 
PHE HB2  H N N 265 
PHE HB3  H N N 266 
PHE HD1  H N N 267 
PHE HD2  H N N 268 
PHE HE1  H N N 269 
PHE HE2  H N N 270 
PHE HZ   H N N 271 
PHE HXT  H N N 272 
PRO N    N N N 273 
PRO CA   C N S 274 
PRO C    C N N 275 
PRO O    O N N 276 
PRO CB   C N N 277 
PRO CG   C N N 278 
PRO CD   C N N 279 
PRO OXT  O N N 280 
PRO H    H N N 281 
PRO HA   H N N 282 
PRO HB2  H N N 283 
PRO HB3  H N N 284 
PRO HG2  H N N 285 
PRO HG3  H N N 286 
PRO HD2  H N N 287 
PRO HD3  H N N 288 
PRO HXT  H N N 289 
SER N    N N N 290 
SER CA   C N S 291 
SER C    C N N 292 
SER O    O N N 293 
SER CB   C N N 294 
SER OG   O N N 295 
SER OXT  O N N 296 
SER H    H N N 297 
SER H2   H N N 298 
SER HA   H N N 299 
SER HB2  H N N 300 
SER HB3  H N N 301 
SER HG   H N N 302 
SER HXT  H N N 303 
THR N    N N N 304 
THR CA   C N S 305 
THR C    C N N 306 
THR O    O N N 307 
THR CB   C N R 308 
THR OG1  O N N 309 
THR CG2  C N N 310 
THR OXT  O N N 311 
THR H    H N N 312 
THR H2   H N N 313 
THR HA   H N N 314 
THR HB   H N N 315 
THR HG1  H N N 316 
THR HG21 H N N 317 
THR HG22 H N N 318 
THR HG23 H N N 319 
THR HXT  H N N 320 
TYR N    N N N 321 
TYR CA   C N S 322 
TYR C    C N N 323 
TYR O    O N N 324 
TYR CB   C N N 325 
TYR CG   C Y N 326 
TYR CD1  C Y N 327 
TYR CD2  C Y N 328 
TYR CE1  C Y N 329 
TYR CE2  C Y N 330 
TYR CZ   C Y N 331 
TYR OH   O N N 332 
TYR OXT  O N N 333 
TYR H    H N N 334 
TYR H2   H N N 335 
TYR HA   H N N 336 
TYR HB2  H N N 337 
TYR HB3  H N N 338 
TYR HD1  H N N 339 
TYR HD2  H N N 340 
TYR HE1  H N N 341 
TYR HE2  H N N 342 
TYR HH   H N N 343 
TYR HXT  H N N 344 
VAL N    N N N 345 
VAL CA   C N S 346 
VAL C    C N N 347 
VAL O    O N N 348 
VAL CB   C N N 349 
VAL CG1  C N N 350 
VAL CG2  C N N 351 
VAL OXT  O N N 352 
VAL H    H N N 353 
VAL H2   H N N 354 
VAL HA   H N N 355 
VAL HB   H N N 356 
VAL HG11 H N N 357 
VAL HG12 H N N 358 
VAL HG13 H N N 359 
VAL HG21 H N N 360 
VAL HG22 H N N 361 
VAL HG23 H N N 362 
VAL HXT  H N N 363 
# 
loop_
_chem_comp_bond.comp_id 
_chem_comp_bond.atom_id_1 
_chem_comp_bond.atom_id_2 
_chem_comp_bond.value_order 
_chem_comp_bond.pdbx_aromatic_flag 
_chem_comp_bond.pdbx_stereo_config 
_chem_comp_bond.pdbx_ordinal 
ALA N   CA   sing N N 1   
ALA N   H    sing N N 2   
ALA N   H2   sing N N 3   
ALA CA  C    sing N N 4   
ALA CA  CB   sing N N 5   
ALA CA  HA   sing N N 6   
ALA C   O    doub N N 7   
ALA C   OXT  sing N N 8   
ALA CB  HB1  sing N N 9   
ALA CB  HB2  sing N N 10  
ALA CB  HB3  sing N N 11  
ALA OXT HXT  sing N N 12  
ARG N   CA   sing N N 13  
ARG N   H    sing N N 14  
ARG N   H2   sing N N 15  
ARG CA  C    sing N N 16  
ARG CA  CB   sing N N 17  
ARG CA  HA   sing N N 18  
ARG C   O    doub N N 19  
ARG C   OXT  sing N N 20  
ARG CB  CG   sing N N 21  
ARG CB  HB2  sing N N 22  
ARG CB  HB3  sing N N 23  
ARG CG  CD   sing N N 24  
ARG CG  HG2  sing N N 25  
ARG CG  HG3  sing N N 26  
ARG CD  NE   sing N N 27  
ARG CD  HD2  sing N N 28  
ARG CD  HD3  sing N N 29  
ARG NE  CZ   sing N N 30  
ARG NE  HE   sing N N 31  
ARG CZ  NH1  sing N N 32  
ARG CZ  NH2  doub N N 33  
ARG NH1 HH11 sing N N 34  
ARG NH1 HH12 sing N N 35  
ARG NH2 HH21 sing N N 36  
ARG NH2 HH22 sing N N 37  
ARG OXT HXT  sing N N 38  
ASN N   CA   sing N N 39  
ASN N   H    sing N N 40  
ASN N   H2   sing N N 41  
ASN CA  C    sing N N 42  
ASN CA  CB   sing N N 43  
ASN CA  HA   sing N N 44  
ASN C   O    doub N N 45  
ASN C   OXT  sing N N 46  
ASN CB  CG   sing N N 47  
ASN CB  HB2  sing N N 48  
ASN CB  HB3  sing N N 49  
ASN CG  OD1  doub N N 50  
ASN CG  ND2  sing N N 51  
ASN ND2 HD21 sing N N 52  
ASN ND2 HD22 sing N N 53  
ASN OXT HXT  sing N N 54  
ASP N   CA   sing N N 55  
ASP N   H    sing N N 56  
ASP N   H2   sing N N 57  
ASP CA  C    sing N N 58  
ASP CA  CB   sing N N 59  
ASP CA  HA   sing N N 60  
ASP C   O    doub N N 61  
ASP C   OXT  sing N N 62  
ASP CB  CG   sing N N 63  
ASP CB  HB2  sing N N 64  
ASP CB  HB3  sing N N 65  
ASP CG  OD1  doub N N 66  
ASP CG  OD2  sing N N 67  
ASP OD2 HD2  sing N N 68  
ASP OXT HXT  sing N N 69  
CYS N   CA   sing N N 70  
CYS N   H    sing N N 71  
CYS N   H2   sing N N 72  
CYS CA  C    sing N N 73  
CYS CA  CB   sing N N 74  
CYS CA  HA   sing N N 75  
CYS C   O    doub N N 76  
CYS C   OXT  sing N N 77  
CYS CB  SG   sing N N 78  
CYS CB  HB2  sing N N 79  
CYS CB  HB3  sing N N 80  
CYS SG  HG   sing N N 81  
CYS OXT HXT  sing N N 82  
GLN N   CA   sing N N 83  
GLN N   H    sing N N 84  
GLN N   H2   sing N N 85  
GLN CA  C    sing N N 86  
GLN CA  CB   sing N N 87  
GLN CA  HA   sing N N 88  
GLN C   O    doub N N 89  
GLN C   OXT  sing N N 90  
GLN CB  CG   sing N N 91  
GLN CB  HB2  sing N N 92  
GLN CB  HB3  sing N N 93  
GLN CG  CD   sing N N 94  
GLN CG  HG2  sing N N 95  
GLN CG  HG3  sing N N 96  
GLN CD  OE1  doub N N 97  
GLN CD  NE2  sing N N 98  
GLN NE2 HE21 sing N N 99  
GLN NE2 HE22 sing N N 100 
GLN OXT HXT  sing N N 101 
GLU N   CA   sing N N 102 
GLU N   H    sing N N 103 
GLU N   H2   sing N N 104 
GLU CA  C    sing N N 105 
GLU CA  CB   sing N N 106 
GLU CA  HA   sing N N 107 
GLU C   O    doub N N 108 
GLU C   OXT  sing N N 109 
GLU CB  CG   sing N N 110 
GLU CB  HB2  sing N N 111 
GLU CB  HB3  sing N N 112 
GLU CG  CD   sing N N 113 
GLU CG  HG2  sing N N 114 
GLU CG  HG3  sing N N 115 
GLU CD  OE1  doub N N 116 
GLU CD  OE2  sing N N 117 
GLU OE2 HE2  sing N N 118 
GLU OXT HXT  sing N N 119 
GLY N   CA   sing N N 120 
GLY N   H    sing N N 121 
GLY N   H2   sing N N 122 
GLY CA  C    sing N N 123 
GLY CA  HA2  sing N N 124 
GLY CA  HA3  sing N N 125 
GLY C   O    doub N N 126 
GLY C   OXT  sing N N 127 
GLY OXT HXT  sing N N 128 
HIS N   CA   sing N N 129 
HIS N   H    sing N N 130 
HIS N   H2   sing N N 131 
HIS CA  C    sing N N 132 
HIS CA  CB   sing N N 133 
HIS CA  HA   sing N N 134 
HIS C   O    doub N N 135 
HIS C   OXT  sing N N 136 
HIS CB  CG   sing N N 137 
HIS CB  HB2  sing N N 138 
HIS CB  HB3  sing N N 139 
HIS CG  ND1  sing Y N 140 
HIS CG  CD2  doub Y N 141 
HIS ND1 CE1  doub Y N 142 
HIS ND1 HD1  sing N N 143 
HIS CD2 NE2  sing Y N 144 
HIS CD2 HD2  sing N N 145 
HIS CE1 NE2  sing Y N 146 
HIS CE1 HE1  sing N N 147 
HIS NE2 HE2  sing N N 148 
HIS OXT HXT  sing N N 149 
HOH O   H1   sing N N 150 
HOH O   H2   sing N N 151 
ILE N   CA   sing N N 152 
ILE N   H    sing N N 153 
ILE N   H2   sing N N 154 
ILE CA  C    sing N N 155 
ILE CA  CB   sing N N 156 
ILE CA  HA   sing N N 157 
ILE C   O    doub N N 158 
ILE C   OXT  sing N N 159 
ILE CB  CG1  sing N N 160 
ILE CB  CG2  sing N N 161 
ILE CB  HB   sing N N 162 
ILE CG1 CD1  sing N N 163 
ILE CG1 HG12 sing N N 164 
ILE CG1 HG13 sing N N 165 
ILE CG2 HG21 sing N N 166 
ILE CG2 HG22 sing N N 167 
ILE CG2 HG23 sing N N 168 
ILE CD1 HD11 sing N N 169 
ILE CD1 HD12 sing N N 170 
ILE CD1 HD13 sing N N 171 
ILE OXT HXT  sing N N 172 
LEU N   CA   sing N N 173 
LEU N   H    sing N N 174 
LEU N   H2   sing N N 175 
LEU CA  C    sing N N 176 
LEU CA  CB   sing N N 177 
LEU CA  HA   sing N N 178 
LEU C   O    doub N N 179 
LEU C   OXT  sing N N 180 
LEU CB  CG   sing N N 181 
LEU CB  HB2  sing N N 182 
LEU CB  HB3  sing N N 183 
LEU CG  CD1  sing N N 184 
LEU CG  CD2  sing N N 185 
LEU CG  HG   sing N N 186 
LEU CD1 HD11 sing N N 187 
LEU CD1 HD12 sing N N 188 
LEU CD1 HD13 sing N N 189 
LEU CD2 HD21 sing N N 190 
LEU CD2 HD22 sing N N 191 
LEU CD2 HD23 sing N N 192 
LEU OXT HXT  sing N N 193 
LYS N   CA   sing N N 194 
LYS N   H    sing N N 195 
LYS N   H2   sing N N 196 
LYS CA  C    sing N N 197 
LYS CA  CB   sing N N 198 
LYS CA  HA   sing N N 199 
LYS C   O    doub N N 200 
LYS C   OXT  sing N N 201 
LYS CB  CG   sing N N 202 
LYS CB  HB2  sing N N 203 
LYS CB  HB3  sing N N 204 
LYS CG  CD   sing N N 205 
LYS CG  HG2  sing N N 206 
LYS CG  HG3  sing N N 207 
LYS CD  CE   sing N N 208 
LYS CD  HD2  sing N N 209 
LYS CD  HD3  sing N N 210 
LYS CE  NZ   sing N N 211 
LYS CE  HE2  sing N N 212 
LYS CE  HE3  sing N N 213 
LYS NZ  HZ1  sing N N 214 
LYS NZ  HZ2  sing N N 215 
LYS NZ  HZ3  sing N N 216 
LYS OXT HXT  sing N N 217 
MET N   CA   sing N N 218 
MET N   H    sing N N 219 
MET N   H2   sing N N 220 
MET CA  C    sing N N 221 
MET CA  CB   sing N N 222 
MET CA  HA   sing N N 223 
MET C   O    doub N N 224 
MET C   OXT  sing N N 225 
MET CB  CG   sing N N 226 
MET CB  HB2  sing N N 227 
MET CB  HB3  sing N N 228 
MET CG  SD   sing N N 229 
MET CG  HG2  sing N N 230 
MET CG  HG3  sing N N 231 
MET SD  CE   sing N N 232 
MET CE  HE1  sing N N 233 
MET CE  HE2  sing N N 234 
MET CE  HE3  sing N N 235 
MET OXT HXT  sing N N 236 
PHE N   CA   sing N N 237 
PHE N   H    sing N N 238 
PHE N   H2   sing N N 239 
PHE CA  C    sing N N 240 
PHE CA  CB   sing N N 241 
PHE CA  HA   sing N N 242 
PHE C   O    doub N N 243 
PHE C   OXT  sing N N 244 
PHE CB  CG   sing N N 245 
PHE CB  HB2  sing N N 246 
PHE CB  HB3  sing N N 247 
PHE CG  CD1  doub Y N 248 
PHE CG  CD2  sing Y N 249 
PHE CD1 CE1  sing Y N 250 
PHE CD1 HD1  sing N N 251 
PHE CD2 CE2  doub Y N 252 
PHE CD2 HD2  sing N N 253 
PHE CE1 CZ   doub Y N 254 
PHE CE1 HE1  sing N N 255 
PHE CE2 CZ   sing Y N 256 
PHE CE2 HE2  sing N N 257 
PHE CZ  HZ   sing N N 258 
PHE OXT HXT  sing N N 259 
PRO N   CA   sing N N 260 
PRO N   CD   sing N N 261 
PRO N   H    sing N N 262 
PRO CA  C    sing N N 263 
PRO CA  CB   sing N N 264 
PRO CA  HA   sing N N 265 
PRO C   O    doub N N 266 
PRO C   OXT  sing N N 267 
PRO CB  CG   sing N N 268 
PRO CB  HB2  sing N N 269 
PRO CB  HB3  sing N N 270 
PRO CG  CD   sing N N 271 
PRO CG  HG2  sing N N 272 
PRO CG  HG3  sing N N 273 
PRO CD  HD2  sing N N 274 
PRO CD  HD3  sing N N 275 
PRO OXT HXT  sing N N 276 
SER N   CA   sing N N 277 
SER N   H    sing N N 278 
SER N   H2   sing N N 279 
SER CA  C    sing N N 280 
SER CA  CB   sing N N 281 
SER CA  HA   sing N N 282 
SER C   O    doub N N 283 
SER C   OXT  sing N N 284 
SER CB  OG   sing N N 285 
SER CB  HB2  sing N N 286 
SER CB  HB3  sing N N 287 
SER OG  HG   sing N N 288 
SER OXT HXT  sing N N 289 
THR N   CA   sing N N 290 
THR N   H    sing N N 291 
THR N   H2   sing N N 292 
THR CA  C    sing N N 293 
THR CA  CB   sing N N 294 
THR CA  HA   sing N N 295 
THR C   O    doub N N 296 
THR C   OXT  sing N N 297 
THR CB  OG1  sing N N 298 
THR CB  CG2  sing N N 299 
THR CB  HB   sing N N 300 
THR OG1 HG1  sing N N 301 
THR CG2 HG21 sing N N 302 
THR CG2 HG22 sing N N 303 
THR CG2 HG23 sing N N 304 
THR OXT HXT  sing N N 305 
TYR N   CA   sing N N 306 
TYR N   H    sing N N 307 
TYR N   H2   sing N N 308 
TYR CA  C    sing N N 309 
TYR CA  CB   sing N N 310 
TYR CA  HA   sing N N 311 
TYR C   O    doub N N 312 
TYR C   OXT  sing N N 313 
TYR CB  CG   sing N N 314 
TYR CB  HB2  sing N N 315 
TYR CB  HB3  sing N N 316 
TYR CG  CD1  doub Y N 317 
TYR CG  CD2  sing Y N 318 
TYR CD1 CE1  sing Y N 319 
TYR CD1 HD1  sing N N 320 
TYR CD2 CE2  doub Y N 321 
TYR CD2 HD2  sing N N 322 
TYR CE1 CZ   doub Y N 323 
TYR CE1 HE1  sing N N 324 
TYR CE2 CZ   sing Y N 325 
TYR CE2 HE2  sing N N 326 
TYR CZ  OH   sing N N 327 
TYR OH  HH   sing N N 328 
TYR OXT HXT  sing N N 329 
VAL N   CA   sing N N 330 
VAL N   H    sing N N 331 
VAL N   H2   sing N N 332 
VAL CA  C    sing N N 333 
VAL CA  CB   sing N N 334 
VAL CA  HA   sing N N 335 
VAL C   O    doub N N 336 
VAL C   OXT  sing N N 337 
VAL CB  CG1  sing N N 338 
VAL CB  CG2  sing N N 339 
VAL CB  HB   sing N N 340 
VAL CG1 HG11 sing N N 341 
VAL CG1 HG12 sing N N 342 
VAL CG1 HG13 sing N N 343 
VAL CG2 HG21 sing N N 344 
VAL CG2 HG22 sing N N 345 
VAL CG2 HG23 sing N N 346 
VAL OXT HXT  sing N N 347 
# 
_atom_sites.entry_id                    1O3X 
_atom_sites.fract_transf_matrix[1][1]   -0.00785501 
_atom_sites.fract_transf_matrix[1][2]   -0.00787464 
_atom_sites.fract_transf_matrix[1][3]   -0.00777008 
_atom_sites.fract_transf_matrix[2][1]   -0.00466808 
_atom_sites.fract_transf_matrix[2][2]   -0.01179036 
_atom_sites.fract_transf_matrix[2][3]   0.00482286 
_atom_sites.fract_transf_matrix[3][1]   -0.01377828 
_atom_sites.fract_transf_matrix[3][2]   0.00788429 
_atom_sites.fract_transf_matrix[3][3]   0.00593849 
_atom_sites.fract_transf_vector[1]      0.650883 
_atom_sites.fract_transf_vector[2]      0.492405 
_atom_sites.fract_transf_vector[3]      0.429670 
# 
loop_
_atom_type.symbol 
C 
N 
O 
S 
# 
loop_
_atom_site.group_PDB 
_atom_site.id 
_atom_site.type_symbol 
_atom_site.label_atom_id 
_atom_site.label_alt_id 
_atom_site.label_comp_id 
_atom_site.label_asym_id 
_atom_site.label_entity_id 
_atom_site.label_seq_id 
_atom_site.pdbx_PDB_ins_code 
_atom_site.Cartn_x 
_atom_site.Cartn_y 
_atom_site.Cartn_z 
_atom_site.occupancy 
_atom_site.B_iso_or_equiv 
_atom_site.pdbx_formal_charge 
_atom_site.auth_seq_id 
_atom_site.auth_comp_id 
_atom_site.auth_asym_id 
_atom_site.auth_atom_id 
_atom_site.pdbx_PDB_model_num 
ATOM   1   N N   . ALA A 1 27  ? 22.368  -31.050 -6.655  1.00 87.42 ? 192 ALA A N   1 
ATOM   2   C CA  . ALA A 1 27  ? 23.838  -31.288 -6.777  1.00 87.48 ? 192 ALA A CA  1 
ATOM   3   C C   . ALA A 1 27  ? 24.470  -30.381 -7.840  1.00 87.39 ? 192 ALA A C   1 
ATOM   4   O O   . ALA A 1 27  ? 23.924  -29.324 -8.162  1.00 87.50 ? 192 ALA A O   1 
ATOM   5   C CB  . ALA A 1 27  ? 24.113  -32.755 -7.082  1.00 87.53 ? 192 ALA A CB  1 
ATOM   6   N N   . ALA A 1 28  ? 25.630  -30.781 -8.363  1.00 87.13 ? 193 ALA A N   1 
ATOM   7   C CA  . ALA A 1 28  ? 26.290  -30.023 -9.424  1.00 86.75 ? 193 ALA A CA  1 
ATOM   8   C C   . ALA A 1 28  ? 25.508  -30.226 -10.722 1.00 86.42 ? 193 ALA A C   1 
ATOM   9   O O   . ALA A 1 28  ? 25.237  -31.357 -11.118 1.00 86.29 ? 193 ALA A O   1 
ATOM   10  C CB  . ALA A 1 28  ? 27.736  -30.462 -9.584  1.00 86.85 ? 193 ALA A CB  1 
ATOM   11  N N   . ASN A 1 29  ? 25.143  -29.134 -11.382 1.00 85.93 ? 194 ASN A N   1 
ATOM   12  C CA  . ASN A 1 29  ? 24.262  -29.234 -12.541 1.00 85.36 ? 194 ASN A CA  1 
ATOM   13  C C   . ASN A 1 29  ? 24.645  -28.303 -13.687 1.00 84.87 ? 194 ASN A C   1 
ATOM   14  O O   . ASN A 1 29  ? 25.330  -27.296 -13.481 1.00 85.20 ? 194 ASN A O   1 
ATOM   15  C CB  . ASN A 1 29  ? 22.822  -28.959 -12.091 1.00 85.47 ? 194 ASN A CB  1 
ATOM   16  C CG  . ASN A 1 29  ? 21.806  -29.117 -13.207 1.00 85.35 ? 194 ASN A CG  1 
ATOM   17  O OD1 . ASN A 1 29  ? 21.900  -30.027 -14.031 1.00 84.96 ? 194 ASN A OD1 1 
ATOM   18  N ND2 . ASN A 1 29  ? 20.817  -28.233 -13.229 1.00 85.84 ? 194 ASN A ND2 1 
ATOM   19  N N   . LYS A 1 30  ? 24.177  -28.630 -14.888 1.00 83.91 ? 195 LYS A N   1 
ATOM   20  C CA  . LYS A 1 30  ? 24.502  -27.820 -16.052 1.00 83.02 ? 195 LYS A CA  1 
ATOM   21  C C   . LYS A 1 30  ? 23.341  -27.004 -16.651 1.00 82.44 ? 195 LYS A C   1 
ATOM   22  O O   . LYS A 1 30  ? 22.403  -27.549 -17.232 1.00 82.38 ? 195 LYS A O   1 
ATOM   23  C CB  . LYS A 1 30  ? 25.201  -28.669 -17.137 1.00 83.12 ? 195 LYS A CB  1 
ATOM   24  C CG  . LYS A 1 30  ? 26.161  -27.879 -18.047 1.00 82.22 ? 195 LYS A CG  1 
ATOM   25  C CD  . LYS A 1 30  ? 26.949  -28.804 -18.992 1.00 81.43 ? 195 LYS A CD  1 
ATOM   26  C CE  . LYS A 1 30  ? 28.126  -28.079 -19.634 1.00 80.52 ? 195 LYS A CE  1 
ATOM   27  N NZ  . LYS A 1 30  ? 28.916  -27.373 -18.586 1.00 78.26 ? 195 LYS A NZ  1 
ATOM   28  N N   . LEU A 1 31  ? 23.420  -25.691 -16.469 1.00 81.42 ? 196 LEU A N   1 
ATOM   29  C CA  . LEU A 1 31  ? 22.549  -24.724 -17.148 1.00 80.76 ? 196 LEU A CA  1 
ATOM   30  C C   . LEU A 1 31  ? 21.028  -24.730 -16.906 1.00 80.11 ? 196 LEU A C   1 
ATOM   31  O O   . LEU A 1 31  ? 20.302  -23.931 -17.494 1.00 79.98 ? 196 LEU A O   1 
ATOM   32  C CB  . LEU A 1 31  ? 22.863  -24.705 -18.649 1.00 80.76 ? 196 LEU A CB  1 
ATOM   33  C CG  . LEU A 1 31  ? 23.946  -23.692 -19.009 1.00 80.69 ? 196 LEU A CG  1 
ATOM   34  C CD1 . LEU A 1 31  ? 23.366  -22.445 -19.675 1.00 80.24 ? 196 LEU A CD1 1 
ATOM   35  C CD2 . LEU A 1 31  ? 24.726  -23.337 -17.751 1.00 81.07 ? 196 LEU A CD2 1 
ATOM   36  N N   . ILE A 1 32  ? 20.551  -25.631 -16.051 1.00 79.25 ? 197 ILE A N   1 
ATOM   37  C CA  . ILE A 1 32  ? 19.143  -25.650 -15.661 1.00 78.26 ? 197 ILE A CA  1 
ATOM   38  C C   . ILE A 1 32  ? 19.003  -24.943 -14.300 1.00 77.66 ? 197 ILE A C   1 
ATOM   39  O O   . ILE A 1 32  ? 18.040  -25.117 -13.545 1.00 77.20 ? 197 ILE A O   1 
ATOM   40  C CB  . ILE A 1 32  ? 18.603  -27.093 -15.662 1.00 78.36 ? 197 ILE A CB  1 
ATOM   41  C CG1 . ILE A 1 32  ? 18.471  -27.592 -17.108 1.00 78.17 ? 197 ILE A CG1 1 
ATOM   42  C CG2 . ILE A 1 32  ? 17.271  -27.190 -14.940 1.00 78.43 ? 197 ILE A CG2 1 
ATOM   43  C CD1 . ILE A 1 32  ? 18.086  -26.503 -18.118 1.00 77.15 ? 197 ILE A CD1 1 
ATOM   44  N N   . LYS A 1 33  ? 20.016  -24.133 -14.017 1.00 76.85 ? 198 LYS A N   1 
ATOM   45  C CA  . LYS A 1 33  ? 20.064  -23.309 -12.825 1.00 76.37 ? 198 LYS A CA  1 
ATOM   46  C C   . LYS A 1 33  ? 19.358  -21.993 -13.153 1.00 75.71 ? 198 LYS A C   1 
ATOM   47  O O   . LYS A 1 33  ? 18.960  -21.236 -12.269 1.00 75.45 ? 198 LYS A O   1 
ATOM   48  C CB  . LYS A 1 33  ? 21.515  -23.045 -12.423 1.00 76.55 ? 198 LYS A CB  1 
ATOM   49  C CG  . LYS A 1 33  ? 21.695  -22.603 -10.975 1.00 77.24 ? 198 LYS A CG  1 
ATOM   50  C CD  . LYS A 1 33  ? 21.129  -23.633 -10.000 1.00 77.87 ? 198 LYS A CD  1 
ATOM   51  C CE  . LYS A 1 33  ? 21.392  -23.230 -8.561  1.00 77.86 ? 198 LYS A CE  1 
ATOM   52  N NZ  . LYS A 1 33  ? 22.786  -22.732 -8.379  1.00 78.29 ? 198 LYS A NZ  1 
ATOM   53  N N   . GLU A 1 34  ? 19.197  -21.748 -14.449 1.00 74.81 ? 199 GLU A N   1 
ATOM   54  C CA  . GLU A 1 34  ? 18.534  -20.556 -14.941 1.00 74.35 ? 199 GLU A CA  1 
ATOM   55  C C   . GLU A 1 34  ? 17.035  -20.716 -14.718 1.00 73.70 ? 199 GLU A C   1 
ATOM   56  O O   . GLU A 1 34  ? 16.272  -19.748 -14.741 1.00 73.70 ? 199 GLU A O   1 
ATOM   57  C CB  . GLU A 1 34  ? 18.808  -20.378 -16.436 1.00 74.56 ? 199 GLU A CB  1 
ATOM   58  C CG  . GLU A 1 34  ? 18.062  -21.372 -17.315 1.00 74.86 ? 199 GLU A CG  1 
ATOM   59  C CD  . GLU A 1 34  ? 18.502  -21.328 -18.766 1.00 75.57 ? 199 GLU A CD  1 
ATOM   60  O OE1 . GLU A 1 34  ? 19.655  -21.710 -19.059 1.00 75.65 ? 199 GLU A OE1 1 
ATOM   61  O OE2 . GLU A 1 34  ? 17.690  -20.911 -19.617 1.00 75.36 ? 199 GLU A OE2 1 
ATOM   62  N N   . MET A 1 35  ? 16.631  -21.958 -14.487 1.00 72.73 ? 200 MET A N   1 
ATOM   63  C CA  . MET A 1 35  ? 15.224  -22.305 -14.344 1.00 71.79 ? 200 MET A CA  1 
ATOM   64  C C   . MET A 1 35  ? 14.718  -22.193 -12.923 1.00 70.64 ? 200 MET A C   1 
ATOM   65  O O   . MET A 1 35  ? 13.676  -21.607 -12.684 1.00 70.53 ? 200 MET A O   1 
ATOM   66  C CB  . MET A 1 35  ? 14.993  -23.710 -14.879 1.00 71.67 ? 200 MET A CB  1 
ATOM   67  C CG  . MET A 1 35  ? 15.528  -23.852 -16.281 1.00 73.60 ? 200 MET A CG  1 
ATOM   68  S SD  . MET A 1 35  ? 14.784  -22.609 -17.375 1.00 75.41 ? 200 MET A SD  1 
ATOM   69  C CE  . MET A 1 35  ? 13.587  -23.626 -18.267 1.00 76.10 ? 200 MET A CE  1 
ATOM   70  N N   . VAL A 1 36  ? 15.456  -22.751 -11.979 1.00 69.28 ? 201 VAL A N   1 
ATOM   71  C CA  . VAL A 1 36  ? 15.047  -22.700 -10.590 1.00 68.32 ? 201 VAL A CA  1 
ATOM   72  C C   . VAL A 1 36  ? 15.186  -21.267 -10.094 1.00 67.61 ? 201 VAL A C   1 
ATOM   73  O O   . VAL A 1 36  ? 14.625  -20.889 -9.076  1.00 67.19 ? 201 VAL A O   1 
ATOM   74  C CB  . VAL A 1 36  ? 15.946  -23.574 -9.738  1.00 68.02 ? 201 VAL A CB  1 
ATOM   75  C CG1 . VAL A 1 36  ? 17.022  -22.739 -9.107  1.00 67.88 ? 201 VAL A CG1 1 
ATOM   76  C CG2 . VAL A 1 36  ? 15.134  -24.274 -8.678  1.00 68.59 ? 201 VAL A CG2 1 
ATOM   77  N N   . GLN A 1 37  ? 15.991  -20.499 -10.819 1.00 66.46 ? 202 GLN A N   1 
ATOM   78  C CA  . GLN A 1 37  ? 16.251  -19.124 -10.455 1.00 65.84 ? 202 GLN A CA  1 
ATOM   79  C C   . GLN A 1 37  ? 15.153  -18.234 -11.059 1.00 64.66 ? 202 GLN A C   1 
ATOM   80  O O   . GLN A 1 37  ? 14.741  -17.232 -10.475 1.00 64.42 ? 202 GLN A O   1 
ATOM   81  C CB  . GLN A 1 37  ? 17.687  -18.728 -10.820 1.00 65.99 ? 202 GLN A CB  1 
ATOM   82  C CG  . GLN A 1 37  ? 18.740  -19.514 -10.001 1.00 67.74 ? 202 GLN A CG  1 
ATOM   83  C CD  . GLN A 1 37  ? 20.173  -19.024 -10.229 1.00 70.20 ? 202 GLN A CD  1 
ATOM   84  O OE1 . GLN A 1 37  ? 21.111  -19.461 -9.542  1.00 70.85 ? 202 GLN A OE1 1 
ATOM   85  N NE2 . GLN A 1 37  ? 20.342  -18.117 -11.190 1.00 69.73 ? 202 GLN A NE2 1 
ATOM   86  N N   . GLU A 1 38  ? 14.647  -18.676 -12.202 1.00 63.13 ? 203 GLU A N   1 
ATOM   87  C CA  . GLU A 1 38  ? 13.483  -18.038 -12.819 1.00 62.33 ? 203 GLU A CA  1 
ATOM   88  C C   . GLU A 1 38  ? 12.162  -18.287 -12.016 1.00 61.21 ? 203 GLU A C   1 
ATOM   89  O O   . GLU A 1 38  ? 11.342  -17.395 -11.821 1.00 60.40 ? 203 GLU A O   1 
ATOM   90  C CB  . GLU A 1 38  ? 13.356  -18.508 -14.264 1.00 62.50 ? 203 GLU A CB  1 
ATOM   91  C CG  . GLU A 1 38  ? 11.978  -18.440 -14.881 1.00 63.96 ? 203 GLU A CG  1 
ATOM   92  C CD  . GLU A 1 38  ? 12.033  -18.653 -16.383 1.00 66.87 ? 203 GLU A CD  1 
ATOM   93  O OE1 . GLU A 1 38  ? 11.704  -19.790 -16.850 1.00 67.31 ? 203 GLU A OE1 1 
ATOM   94  O OE2 . GLU A 1 38  ? 12.412  -17.675 -17.094 1.00 67.51 ? 203 GLU A OE2 1 
ATOM   95  N N   . ASP A 1 39  ? 11.989  -19.524 -11.572 1.00 60.27 ? 204 ASP A N   1 
ATOM   96  C CA  . ASP A 1 39  ? 10.866  -19.927 -10.749 1.00 59.56 ? 204 ASP A CA  1 
ATOM   97  C C   . ASP A 1 39  ? 10.870  -19.036 -9.500  1.00 58.28 ? 204 ASP A C   1 
ATOM   98  O O   . ASP A 1 39  ? 9.831   -18.476 -9.100  1.00 57.62 ? 204 ASP A O   1 
ATOM   99  C CB  . ASP A 1 39  ? 11.024  -21.403 -10.372 1.00 60.19 ? 204 ASP A CB  1 
ATOM   100 C CG  . ASP A 1 39  ? 9.787   -21.980 -9.723  1.00 61.45 ? 204 ASP A CG  1 
ATOM   101 O OD1 . ASP A 1 39  ? 8.701   -21.825 -10.322 1.00 62.51 ? 204 ASP A OD1 1 
ATOM   102 O OD2 . ASP A 1 39  ? 9.819   -22.594 -8.624  1.00 61.41 ? 204 ASP A OD2 1 
ATOM   103 N N   . GLN A 1 40  ? 12.068  -18.870 -8.939  1.00 56.42 ? 205 GLN A N   1 
ATOM   104 C CA  . GLN A 1 40  ? 12.307  -18.078 -7.734  1.00 55.16 ? 205 GLN A CA  1 
ATOM   105 C C   . GLN A 1 40  ? 11.928  -16.614 -7.898  1.00 53.47 ? 205 GLN A C   1 
ATOM   106 O O   . GLN A 1 40  ? 11.345  -16.041 -6.987  1.00 53.40 ? 205 GLN A O   1 
ATOM   107 C CB  . GLN A 1 40  ? 13.778  -18.163 -7.277  1.00 55.09 ? 205 GLN A CB  1 
ATOM   108 C CG  . GLN A 1 40  ? 14.226  -19.546 -6.799  1.00 57.24 ? 205 GLN A CG  1 
ATOM   109 C CD  . GLN A 1 40  ? 15.740  -19.630 -6.429  1.00 57.40 ? 205 GLN A CD  1 
ATOM   110 O OE1 . GLN A 1 40  ? 16.140  -20.502 -5.674  1.00 57.04 ? 205 GLN A OE1 1 
ATOM   111 N NE2 . GLN A 1 40  ? 16.547  -18.707 -6.953  1.00 59.90 ? 205 GLN A NE2 1 
ATOM   112 N N   . LYS A 1 41  ? 12.303  -16.013 -9.026  1.00 51.36 ? 206 LYS A N   1 
ATOM   113 C CA  . LYS A 1 41  ? 11.982  -14.609 -9.313  1.00 50.50 ? 206 LYS A CA  1 
ATOM   114 C C   . LYS A 1 41  ? 10.477  -14.453 -9.591  1.00 48.77 ? 206 LYS A C   1 
ATOM   115 O O   . LYS A 1 41  ? 9.892   -13.407 -9.358  1.00 48.08 ? 206 LYS A O   1 
ATOM   116 C CB  . LYS A 1 41  ? 12.774  -14.087 -10.528 1.00 50.93 ? 206 LYS A CB  1 
ATOM   117 C CG  . LYS A 1 41  ? 14.302  -13.960 -10.358 1.00 53.49 ? 206 LYS A CG  1 
ATOM   118 C CD  . LYS A 1 41  ? 14.790  -12.495 -10.339 1.00 58.16 ? 206 LYS A CD  1 
ATOM   119 C CE  . LYS A 1 41  ? 15.119  -11.949 -11.760 1.00 60.62 ? 206 LYS A CE  1 
ATOM   120 N NZ  . LYS A 1 41  ? 15.267  -10.438 -11.820 1.00 60.33 ? 206 LYS A NZ  1 
ATOM   121 N N   . ARG A 1 42  ? 9.865   -15.504 -10.107 1.00 46.96 ? 207 ARG A N   1 
ATOM   122 C CA  . ARG A 1 42  ? 8.452   -15.443 -10.401 1.00 46.10 ? 207 ARG A CA  1 
ATOM   123 C C   . ARG A 1 42  ? 7.766   -15.316 -9.059  1.00 45.23 ? 207 ARG A C   1 
ATOM   124 O O   . ARG A 1 42  ? 7.019   -14.385 -8.815  1.00 43.57 ? 207 ARG A O   1 
ATOM   125 C CB  . ARG A 1 42  ? 7.953   -16.681 -11.141 1.00 45.55 ? 207 ARG A CB  1 
ATOM   126 C CG  . ARG A 1 42  ? 6.619   -16.451 -11.863 1.00 48.00 ? 207 ARG A CG  1 
ATOM   127 C CD  . ARG A 1 42  ? 6.115   -17.637 -12.705 1.00 50.64 ? 207 ARG A CD  1 
ATOM   128 N NE  . ARG A 1 42  ? 6.078   -18.872 -11.930 1.00 50.79 ? 207 ARG A NE  1 
ATOM   129 C CZ  . ARG A 1 42  ? 6.982   -19.828 -12.018 1.00 52.17 ? 207 ARG A CZ  1 
ATOM   130 N NH1 . ARG A 1 42  ? 6.872   -20.918 -11.258 1.00 52.52 ? 207 ARG A NH1 1 
ATOM   131 N NH2 . ARG A 1 42  ? 7.999   -19.702 -12.870 1.00 51.90 ? 207 ARG A NH2 1 
ATOM   132 N N   . MET A 1 43  ? 8.111   -16.245 -8.177  1.00 44.73 ? 208 MET A N   1 
ATOM   133 C CA  . MET A 1 43  ? 7.541   -16.329 -6.852  1.00 44.54 ? 208 MET A CA  1 
ATOM   134 C C   . MET A 1 43  ? 7.755   -15.102 -5.972  1.00 43.20 ? 208 MET A C   1 
ATOM   135 O O   . MET A 1 43  ? 6.823   -14.648 -5.304  1.00 42.75 ? 208 MET A O   1 
ATOM   136 C CB  . MET A 1 43  ? 8.046   -17.599 -6.140  1.00 44.91 ? 208 MET A CB  1 
ATOM   137 C CG  . MET A 1 43  ? 7.611   -17.701 -4.665  1.00 48.62 ? 208 MET A CG  1 
ATOM   138 S SD  . MET A 1 43  ? 5.792   -17.809 -4.412  1.00 55.78 ? 208 MET A SD  1 
ATOM   139 C CE  . MET A 1 43  ? 5.380   -19.318 -5.279  1.00 53.97 ? 208 MET A CE  1 
ATOM   140 N N   . GLU A 1 44  ? 8.971   -14.579 -5.958  1.00 41.77 ? 209 GLU A N   1 
ATOM   141 C CA  . GLU A 1 44  ? 9.282   -13.426 -5.122  1.00 42.00 ? 209 GLU A CA  1 
ATOM   142 C C   . GLU A 1 44  ? 8.435   -12.243 -5.573  1.00 40.59 ? 209 GLU A C   1 
ATOM   143 O O   . GLU A 1 44  ? 7.928   -11.473 -4.776  1.00 38.79 ? 209 GLU A O   1 
ATOM   144 C CB  . GLU A 1 44  ? 10.758  -13.025 -5.236  1.00 42.02 ? 209 GLU A CB  1 
ATOM   145 C CG  . GLU A 1 44  ? 11.090  -11.751 -4.465  1.00 46.57 ? 209 GLU A CG  1 
ATOM   146 C CD  . GLU A 1 44  ? 12.581  -11.394 -4.452  1.00 50.48 ? 209 GLU A CD  1 
ATOM   147 O OE1 . GLU A 1 44  ? 13.136  -11.176 -3.352  1.00 52.54 ? 209 GLU A OE1 1 
ATOM   148 O OE2 . GLU A 1 44  ? 13.192  -11.303 -5.528  1.00 52.88 ? 209 GLU A OE2 1 
ATOM   149 N N   . LYS A 1 45  ? 8.344   -12.114 -6.887  1.00 39.34 ? 210 LYS A N   1 
ATOM   150 C CA  . LYS A 1 45  ? 7.624   -11.045 -7.539  1.00 38.06 ? 210 LYS A CA  1 
ATOM   151 C C   . LYS A 1 45  ? 6.148   -11.038 -7.148  1.00 36.20 ? 210 LYS A C   1 
ATOM   152 O O   . LYS A 1 45  ? 5.599   -10.024 -6.720  1.00 35.01 ? 210 LYS A O   1 
ATOM   153 C CB  . LYS A 1 45  ? 7.792   -11.250 -9.028  1.00 38.34 ? 210 LYS A CB  1 
ATOM   154 C CG  . LYS A 1 45  ? 7.189   -10.190 -9.895  1.00 42.69 ? 210 LYS A CG  1 
ATOM   155 C CD  . LYS A 1 45  ? 7.983   -10.161 -11.237 1.00 48.26 ? 210 LYS A CD  1 
ATOM   156 C CE  . LYS A 1 45  ? 9.484   -9.983  -10.973 1.00 52.76 ? 210 LYS A CE  1 
ATOM   157 N NZ  . LYS A 1 45  ? 10.434  -10.381 -12.098 1.00 53.56 ? 210 LYS A NZ  1 
ATOM   158 N N   . ILE A 1 46  ? 5.499   -12.181 -7.293  1.00 35.12 ? 211 ILE A N   1 
ATOM   159 C CA  . ILE A 1 46  ? 4.089   -12.279 -6.989  1.00 34.09 ? 211 ILE A CA  1 
ATOM   160 C C   . ILE A 1 46  ? 3.825   -11.980 -5.506  1.00 33.83 ? 211 ILE A C   1 
ATOM   161 O O   . ILE A 1 46  ? 2.903   -11.225 -5.149  1.00 32.82 ? 211 ILE A O   1 
ATOM   162 C CB  . ILE A 1 46  ? 3.571   -13.670 -7.401  1.00 34.44 ? 211 ILE A CB  1 
ATOM   163 C CG1 . ILE A 1 46  ? 3.463   -13.750 -8.930  1.00 33.58 ? 211 ILE A CG1 1 
ATOM   164 C CG2 . ILE A 1 46  ? 2.230   -13.978 -6.761  1.00 35.46 ? 211 ILE A CG2 1 
ATOM   165 C CD1 . ILE A 1 46  ? 3.226   -15.172 -9.475  1.00 38.89 ? 211 ILE A CD1 1 
ATOM   166 N N   . SER A 1 47  ? 4.652   -12.573 -4.654  1.00 33.28 ? 212 SER A N   1 
ATOM   167 C CA  . SER A 1 47  ? 4.496   -12.524 -3.219  1.00 33.96 ? 212 SER A CA  1 
ATOM   168 C C   . SER A 1 47  ? 4.727   -11.092 -2.696  1.00 33.89 ? 212 SER A C   1 
ATOM   169 O O   . SER A 1 47  ? 4.001   -10.622 -1.842  1.00 33.22 ? 212 SER A O   1 
ATOM   170 C CB  . SER A 1 47  ? 5.452   -13.563 -2.581  1.00 34.82 ? 212 SER A CB  1 
ATOM   171 O OG  . SER A 1 47  ? 5.440   -13.542 -1.179  1.00 38.51 ? 212 SER A OG  1 
ATOM   172 N N   . LYS A 1 48  ? 5.739   -10.408 -3.204  1.00 32.90 ? 213 LYS A N   1 
ATOM   173 C CA  . LYS A 1 48  ? 5.943   -9.019  -2.849  1.00 33.64 ? 213 LYS A CA  1 
ATOM   174 C C   . LYS A 1 48  ? 4.700   -8.156  -3.208  1.00 32.49 ? 213 LYS A C   1 
ATOM   175 O O   . LYS A 1 48  ? 4.385   -7.231  -2.478  1.00 31.06 ? 213 LYS A O   1 
ATOM   176 C CB  . LYS A 1 48  ? 7.143   -8.454  -3.620  1.00 34.54 ? 213 LYS A CB  1 
ATOM   177 C CG  . LYS A 1 48  ? 8.349   -8.230  -2.795  1.00 38.74 ? 213 LYS A CG  1 
ATOM   178 C CD  . LYS A 1 48  ? 9.229   -7.167  -3.418  1.00 45.80 ? 213 LYS A CD  1 
ATOM   179 C CE  . LYS A 1 48  ? 10.080  -7.735  -4.531  1.00 47.77 ? 213 LYS A CE  1 
ATOM   180 N NZ  . LYS A 1 48  ? 11.396  -7.056  -4.571  1.00 47.09 ? 213 LYS A NZ  1 
ATOM   181 N N   . ARG A 1 49  ? 4.043   -8.466  -4.346  1.00 30.28 ? 214 ARG A N   1 
ATOM   182 C CA  . ARG A 1 49  ? 2.858   -7.737  -4.813  1.00 30.55 ? 214 ARG A CA  1 
ATOM   183 C C   . ARG A 1 49  ? 1.734   -7.884  -3.807  1.00 30.65 ? 214 ARG A C   1 
ATOM   184 O O   . ARG A 1 49  ? 1.114   -6.914  -3.366  1.00 28.88 ? 214 ARG A O   1 
ATOM   185 C CB  . ARG A 1 49  ? 2.326   -8.246  -6.160  1.00 30.30 ? 214 ARG A CB  1 
ATOM   186 C CG  . ARG A 1 49  ? 2.999   -7.692  -7.275  1.00 31.57 ? 214 ARG A CG  1 
ATOM   187 C CD  . ARG A 1 49  ? 2.496   -8.217  -8.576  1.00 36.04 ? 214 ARG A CD  1 
ATOM   188 N NE  . ARG A 1 49  ? 3.573   -8.185  -9.571  1.00 37.83 ? 214 ARG A NE  1 
ATOM   189 C CZ  . ARG A 1 49  ? 3.663   -9.007  -10.609 1.00 38.42 ? 214 ARG A CZ  1 
ATOM   190 N NH1 . ARG A 1 49  ? 4.633   -8.834  -11.480 1.00 39.91 ? 214 ARG A NH1 1 
ATOM   191 N NH2 . ARG A 1 49  ? 2.795   -9.995  -10.776 1.00 37.73 ? 214 ARG A NH2 1 
ATOM   192 N N   . VAL A 1 50  ? 1.465   -9.152  -3.512  1.00 30.38 ? 215 VAL A N   1 
ATOM   193 C CA  . VAL A 1 50  ? 0.460   -9.561  -2.590  1.00 31.80 ? 215 VAL A CA  1 
ATOM   194 C C   . VAL A 1 50  ? 0.614   -8.849  -1.260  1.00 31.79 ? 215 VAL A C   1 
ATOM   195 O O   . VAL A 1 50  ? -0.353  -8.235  -0.786  1.00 31.28 ? 215 VAL A O   1 
ATOM   196 C CB  . VAL A 1 50  ? 0.453   -11.105 -2.384  1.00 31.56 ? 215 VAL A CB  1 
ATOM   197 C CG1 . VAL A 1 50  ? -0.388  -11.459 -1.152  1.00 32.44 ? 215 VAL A CG1 1 
ATOM   198 C CG2 . VAL A 1 50  ? -0.143  -11.795 -3.602  1.00 31.57 ? 215 VAL A CG2 1 
ATOM   199 N N   . ASN A 1 51  ? 1.807   -8.917  -0.673  1.00 31.76 ? 216 ASN A N   1 
ATOM   200 C CA  . ASN A 1 51  ? 2.081   -8.279  0.633   1.00 32.92 ? 216 ASN A CA  1 
ATOM   201 C C   . ASN A 1 51  ? 1.883   -6.775  0.591   1.00 31.44 ? 216 ASN A C   1 
ATOM   202 O O   . ASN A 1 51  ? 1.390   -6.135  1.527   1.00 29.80 ? 216 ASN A O   1 
ATOM   203 C CB  . ASN A 1 51  ? 3.563   -8.515  1.017   1.00 34.61 ? 216 ASN A CB  1 
ATOM   204 C CG  . ASN A 1 51  ? 3.827   -9.917  1.527   1.00 39.39 ? 216 ASN A CG  1 
ATOM   205 O OD1 . ASN A 1 51  ? 2.893   -10.680 1.764   1.00 43.25 ? 216 ASN A OD1 1 
ATOM   206 N ND2 . ASN A 1 51  ? 5.108   -10.263 1.706   1.00 42.25 ? 216 ASN A ND2 1 
ATOM   207 N N   . ALA A 1 52  ? 2.371   -6.183  -0.486  1.00 30.86 ? 217 ALA A N   1 
ATOM   208 C CA  . ALA A 1 52  ? 2.094   -4.746  -0.684  1.00 29.54 ? 217 ALA A CA  1 
ATOM   209 C C   . ALA A 1 52  ? 0.632   -4.400  -0.782  1.00 28.48 ? 217 ALA A C   1 
ATOM   210 O O   . ALA A 1 52  ? 0.140   -3.547  -0.045  1.00 27.46 ? 217 ALA A O   1 
ATOM   211 C CB  . ALA A 1 52  ? 2.834   -4.187  -1.889  1.00 28.33 ? 217 ALA A CB  1 
ATOM   212 N N   . ILE A 1 53  ? -0.089  -5.063  -1.659  1.00 27.97 ? 218 ILE A N   1 
ATOM   213 C CA  . ILE A 1 53  ? -1.458  -4.705  -1.826  1.00 27.15 ? 218 ILE A CA  1 
ATOM   214 C C   . ILE A 1 53  ? -2.237  -4.915  -0.517  1.00 26.45 ? 218 ILE A C   1 
ATOM   215 O O   . ILE A 1 53  ? -3.038  -4.070  -0.107  1.00 21.70 ? 218 ILE A O   1 
ATOM   216 C CB  . ILE A 1 53  ? -2.057  -5.464  -3.022  1.00 28.76 ? 218 ILE A CB  1 
ATOM   217 C CG1 . ILE A 1 53  ? -1.449  -4.932  -4.322  1.00 29.09 ? 218 ILE A CG1 1 
ATOM   218 C CG2 . ILE A 1 53  ? -3.547  -5.268  -3.068  1.00 30.35 ? 218 ILE A CG2 1 
ATOM   219 C CD1 . ILE A 1 53  ? -1.741  -5.842  -5.514  1.00 32.00 ? 218 ILE A CD1 1 
ATOM   220 N N   . GLU A 1 54  ? -1.959  -6.035  0.158   1.00 25.81 ? 219 GLU A N   1 
ATOM   221 C CA  . GLU A 1 54  ? -2.646  -6.316  1.419   1.00 27.60 ? 219 GLU A CA  1 
ATOM   222 C C   . GLU A 1 54  ? -2.356  -5.225  2.434   1.00 26.36 ? 219 GLU A C   1 
ATOM   223 O O   . GLU A 1 54  ? -3.227  -4.728  3.070   1.00 25.82 ? 219 GLU A O   1 
ATOM   224 C CB  . GLU A 1 54  ? -2.226  -7.684  1.997   1.00 27.09 ? 219 GLU A CB  1 
ATOM   225 C CG  . GLU A 1 54  ? -2.908  -8.783  1.213   1.00 34.83 ? 219 GLU A CG  1 
ATOM   226 C CD  . GLU A 1 54  ? -4.382  -8.794  1.485   1.00 39.84 ? 219 GLU A CD  1 
ATOM   227 O OE1 . GLU A 1 54  ? -5.150  -9.194  0.596   1.00 44.29 ? 219 GLU A OE1 1 
ATOM   228 O OE2 . GLU A 1 54  ? -4.766  -8.412  2.611   1.00 45.38 ? 219 GLU A OE2 1 
ATOM   229 N N   . GLU A 1 55  ? -1.116  -4.916  2.651   1.00 26.64 ? 220 GLU A N   1 
ATOM   230 C CA  . GLU A 1 55  ? -0.767  -3.840  3.557   1.00 29.41 ? 220 GLU A CA  1 
ATOM   231 C C   . GLU A 1 55  ? -1.514  -2.533  3.203   1.00 27.98 ? 220 GLU A C   1 
ATOM   232 O O   . GLU A 1 55  ? -2.016  -1.832  4.082   1.00 27.55 ? 220 GLU A O   1 
ATOM   233 C CB  . GLU A 1 55  ? 0.737   -3.611  3.471   1.00 30.20 ? 220 GLU A CB  1 
ATOM   234 C CG  . GLU A 1 55  ? 1.254   -2.572  4.426   1.00 37.38 ? 220 GLU A CG  1 
ATOM   235 C CD  . GLU A 1 55  ? 2.503   -3.062  5.127   1.00 44.58 ? 220 GLU A CD  1 
ATOM   236 O OE1 . GLU A 1 55  ? 2.452   -4.149  5.782   1.00 46.22 ? 220 GLU A OE1 1 
ATOM   237 O OE2 . GLU A 1 55  ? 3.531   -2.372  5.000   1.00 45.43 ? 220 GLU A OE2 1 
ATOM   238 N N   . VAL A 1 56  ? -1.584  -2.208  1.914   1.00 26.46 ? 221 VAL A N   1 
ATOM   239 C CA  . VAL A 1 56  ? -2.293  -1.017  1.456   1.00 26.53 ? 221 VAL A CA  1 
ATOM   240 C C   . VAL A 1 56  ? -3.751  -1.054  1.878   1.00 26.22 ? 221 VAL A C   1 
ATOM   241 O O   . VAL A 1 56  ? -4.229  -0.172  2.584   1.00 26.27 ? 221 VAL A O   1 
ATOM   242 C CB  . VAL A 1 56  ? -2.127  -0.781  -0.109  1.00 24.96 ? 221 VAL A CB  1 
ATOM   243 C CG1 . VAL A 1 56  ? -3.310  0.089   -0.756  1.00 27.64 ? 221 VAL A CG1 1 
ATOM   244 C CG2 . VAL A 1 56  ? -0.786  -0.199  -0.399  1.00 25.12 ? 221 VAL A CG2 1 
ATOM   245 N N   . ASN A 1 57  ? -4.436  -2.084  1.427   1.00 26.61 ? 222 ASN A N   1 
ATOM   246 C CA  . ASN A 1 57  ? -5.815  -2.306  1.737   1.00 28.17 ? 222 ASN A CA  1 
ATOM   247 C C   . ASN A 1 57  ? -6.063  -2.176  3.236   1.00 27.97 ? 222 ASN A C   1 
ATOM   248 O O   . ASN A 1 57  ? -6.997  -1.549  3.646   1.00 28.39 ? 222 ASN A O   1 
ATOM   249 C CB  . ASN A 1 57  ? -6.280  -3.673  1.242   1.00 28.43 ? 222 ASN A CB  1 
ATOM   250 C CG  . ASN A 1 57  ? -6.315  -3.761  -0.256  1.00 32.05 ? 222 ASN A CG  1 
ATOM   251 O OD1 . ASN A 1 57  ? -6.323  -2.760  -0.955  1.00 35.00 ? 222 ASN A OD1 1 
ATOM   252 N ND2 . ASN A 1 57  ? -6.338  -4.966  -0.759  1.00 33.61 ? 222 ASN A ND2 1 
ATOM   253 N N   . ASN A 1 58  ? -5.202  -2.754  4.054   1.00 28.79 ? 223 ASN A N   1 
ATOM   254 C CA  . ASN A 1 58  ? -5.370  -2.690  5.503   1.00 29.76 ? 223 ASN A CA  1 
ATOM   255 C C   . ASN A 1 58  ? -5.247  -1.251  6.051   1.00 29.33 ? 223 ASN A C   1 
ATOM   256 O O   . ASN A 1 58  ? -6.093  -0.783  6.837   1.00 28.23 ? 223 ASN A O   1 
ATOM   257 C CB  . ASN A 1 58  ? -4.336  -3.611  6.189   1.00 29.88 ? 223 ASN A CB  1 
ATOM   258 C CG  . ASN A 1 58  ? -4.684  -5.098  6.091   1.00 33.17 ? 223 ASN A CG  1 
ATOM   259 O OD1 . ASN A 1 58  ? -5.831  -5.463  5.804   1.00 37.08 ? 223 ASN A OD1 1 
ATOM   260 N ND2 . ASN A 1 58  ? -3.661  -5.985  6.314   1.00 33.09 ? 223 ASN A ND2 1 
ATOM   261 N N   . ASN A 1 59  ? -4.163  -0.586  5.685   1.00 28.01 ? 224 ASN A N   1 
ATOM   262 C CA  . ASN A 1 59  ? -3.894  0.744   6.183   1.00 28.40 ? 224 ASN A CA  1 
ATOM   263 C C   . ASN A 1 59  ? -4.914  1.748   5.687   1.00 29.53 ? 224 ASN A C   1 
ATOM   264 O O   . ASN A 1 59  ? -5.377  2.603   6.474   1.00 26.86 ? 224 ASN A O   1 
ATOM   265 C CB  . ASN A 1 59  ? -2.472  1.209   5.863   1.00 28.94 ? 224 ASN A CB  1 
ATOM   266 C CG  . ASN A 1 59  ? -1.430  0.461   6.674   1.00 31.20 ? 224 ASN A CG  1 
ATOM   267 O OD1 . ASN A 1 59  ? -0.245  0.605   6.469   1.00 33.28 ? 224 ASN A OD1 1 
ATOM   268 N ND2 . ASN A 1 59  ? -1.888  -0.346  7.588   1.00 32.46 ? 224 ASN A ND2 1 
ATOM   269 N N   . VAL A 1 60  ? -5.274  1.644   4.396   1.00 28.15 ? 225 VAL A N   1 
ATOM   270 C CA  . VAL A 1 60  ? -6.254  2.563   3.863   1.00 28.74 ? 225 VAL A CA  1 
ATOM   271 C C   . VAL A 1 60  ? -7.584  2.413   4.600   1.00 29.88 ? 225 VAL A C   1 
ATOM   272 O O   . VAL A 1 60  ? -8.193  3.414   4.990   1.00 28.69 ? 225 VAL A O   1 
ATOM   273 C CB  . VAL A 1 60  ? -6.484  2.377   2.364   1.00 28.89 ? 225 VAL A CB  1 
ATOM   274 C CG1 . VAL A 1 60  ? -7.626  3.295   1.903   1.00 28.23 ? 225 VAL A CG1 1 
ATOM   275 C CG2 . VAL A 1 60  ? -5.213  2.747   1.603   1.00 29.45 ? 225 VAL A CG2 1 
ATOM   276 N N   . LYS A 1 61  ? -8.018  1.174   4.790   1.00 29.69 ? 226 LYS A N   1 
ATOM   277 C CA  . LYS A 1 61  ? -9.322  0.933   5.408   1.00 33.35 ? 226 LYS A CA  1 
ATOM   278 C C   . LYS A 1 61  ? -9.382  1.478   6.829   1.00 33.49 ? 226 LYS A C   1 
ATOM   279 O O   . LYS A 1 61  ? -10.324 2.168   7.175   1.00 34.45 ? 226 LYS A O   1 
ATOM   280 C CB  . LYS A 1 61  ? -9.607  -0.552  5.466   1.00 33.67 ? 226 LYS A CB  1 
ATOM   281 C CG  . LYS A 1 61  ? -11.014 -0.961  5.624   1.00 38.14 ? 226 LYS A CG  1 
ATOM   282 C CD  . LYS A 1 61  ? -10.997 -2.371  6.201   1.00 44.96 ? 226 LYS A CD  1 
ATOM   283 C CE  . LYS A 1 61  ? -12.383 -2.825  6.638   1.00 48.55 ? 226 LYS A CE  1 
ATOM   284 N NZ  . LYS A 1 61  ? -12.315 -4.169  7.290   1.00 51.62 ? 226 LYS A NZ  1 
ATOM   285 N N   . LEU A 1 62  ? -8.377  1.170   7.641   1.00 33.85 ? 227 LEU A N   1 
ATOM   286 C CA  . LEU A 1 62  ? -8.380  1.665   9.012   1.00 34.94 ? 227 LEU A CA  1 
ATOM   287 C C   . LEU A 1 62  ? -8.245  3.184   9.074   1.00 34.74 ? 227 LEU A C   1 
ATOM   288 O O   . LEU A 1 62  ? -9.026  3.814   9.769   1.00 34.69 ? 227 LEU A O   1 
ATOM   289 C CB  . LEU A 1 62  ? -7.340  0.971   9.907   1.00 35.35 ? 227 LEU A CB  1 
ATOM   290 C CG  . LEU A 1 62  ? -7.141  1.567   11.318  1.00 35.66 ? 227 LEU A CG  1 
ATOM   291 C CD1 . LEU A 1 62  ? -8.383  1.487   12.192  1.00 39.06 ? 227 LEU A CD1 1 
ATOM   292 C CD2 . LEU A 1 62  ? -5.976  0.871   12.018  1.00 39.61 ? 227 LEU A CD2 1 
ATOM   293 N N   . LEU A 1 63  ? -7.267  3.780   8.373   1.00 33.47 ? 228 LEU A N   1 
ATOM   294 C CA  . LEU A 1 63  ? -7.131  5.236   8.378   1.00 33.72 ? 228 LEU A CA  1 
ATOM   295 C C   . LEU A 1 63  ? -8.415  5.956   7.932   1.00 36.11 ? 228 LEU A C   1 
ATOM   296 O O   . LEU A 1 63  ? -8.716  7.093   8.349   1.00 34.21 ? 228 LEU A O   1 
ATOM   297 C CB  . LEU A 1 63  ? -5.961  5.718   7.514   1.00 32.40 ? 228 LEU A CB  1 
ATOM   298 C CG  . LEU A 1 63  ? -5.633  7.207   7.571   1.00 30.61 ? 228 LEU A CG  1 
ATOM   299 C CD1 . LEU A 1 63  ? -5.540  7.723   9.061   1.00 26.30 ? 228 LEU A CD1 1 
ATOM   300 C CD2 . LEU A 1 63  ? -4.343  7.516   6.806   1.00 22.82 ? 228 LEU A CD2 1 
ATOM   301 N N   . THR A 1 64  ? -9.114  5.312   7.020   1.00 37.69 ? 229 THR A N   1 
ATOM   302 C CA  . THR A 1 64  ? -10.328 5.858   6.498   1.00 41.41 ? 229 THR A CA  1 
ATOM   303 C C   . THR A 1 64  ? -11.382 5.869   7.595   1.00 42.30 ? 229 THR A C   1 
ATOM   304 O O   . THR A 1 64  ? -11.868 6.940   7.964   1.00 43.19 ? 229 THR A O   1 
ATOM   305 C CB  . THR A 1 64  ? -10.723 5.082   5.227   1.00 41.69 ? 229 THR A CB  1 
ATOM   306 O OG1 . THR A 1 64  ? -10.152 5.794   4.133   1.00 42.53 ? 229 THR A OG1 1 
ATOM   307 C CG2 . THR A 1 64  ? -12.192 5.156   4.931   1.00 42.73 ? 229 THR A CG2 1 
ATOM   308 N N   . GLU A 1 65  ? -11.662 4.688   8.138   1.00 43.59 ? 230 GLU A N   1 
ATOM   309 C CA  . GLU A 1 65  ? -12.544 4.487   9.274   1.00 44.61 ? 230 GLU A CA  1 
ATOM   310 C C   . GLU A 1 65  ? -12.272 5.541   10.359  1.00 44.87 ? 230 GLU A C   1 
ATOM   311 O O   . GLU A 1 65  ? -13.184 6.235   10.787  1.00 45.03 ? 230 GLU A O   1 
ATOM   312 C CB  . GLU A 1 65  ? -12.319 3.063   9.854   1.00 45.22 ? 230 GLU A CB  1 
ATOM   313 C CG  . GLU A 1 65  ? -12.814 1.873   9.010   1.00 47.97 ? 230 GLU A CG  1 
ATOM   314 C CD  . GLU A 1 65  ? -12.565 0.519   9.680   1.00 50.90 ? 230 GLU A CD  1 
ATOM   315 O OE1 . GLU A 1 65  ? -12.772 -0.557  9.061   1.00 53.46 ? 230 GLU A OE1 1 
ATOM   316 O OE2 . GLU A 1 65  ? -12.153 0.518   10.851  1.00 52.79 ? 230 GLU A OE2 1 
ATOM   317 N N   . MET A 1 66  ? -11.017 5.643   10.794  1.00 44.46 ? 231 MET A N   1 
ATOM   318 C CA  . MET A 1 66  ? -10.605 6.553   11.861  1.00 44.47 ? 231 MET A CA  1 
ATOM   319 C C   . MET A 1 66  ? -10.806 8.027   11.526  1.00 45.71 ? 231 MET A C   1 
ATOM   320 O O   . MET A 1 66  ? -11.319 8.784   12.329  1.00 44.99 ? 231 MET A O   1 
ATOM   321 C CB  . MET A 1 66  ? -9.146  6.261   12.239  1.00 43.68 ? 231 MET A CB  1 
ATOM   322 C CG  . MET A 1 66  ? -8.964  4.938   12.921  1.00 39.28 ? 231 MET A CG  1 
ATOM   323 S SD  . MET A 1 66  ? -7.345  4.846   13.559  1.00 37.71 ? 231 MET A SD  1 
ATOM   324 C CE  . MET A 1 66  ? -7.646  5.885   15.149  1.00 35.61 ? 231 MET A CE  1 
ATOM   325 N N   . VAL A 1 67  ? -10.403 8.427   10.328  1.00 47.13 ? 232 VAL A N   1 
ATOM   326 C CA  . VAL A 1 67  ? -10.548 9.798   9.886   1.00 49.09 ? 232 VAL A CA  1 
ATOM   327 C C   . VAL A 1 67  ? -12.000 10.248  9.867   1.00 50.80 ? 232 VAL A C   1 
ATOM   328 O O   . VAL A 1 67  ? -12.307 11.392  10.225  1.00 50.41 ? 232 VAL A O   1 
ATOM   329 C CB  . VAL A 1 67  ? -9.990  9.998   8.494   1.00 48.86 ? 232 VAL A CB  1 
ATOM   330 C CG1 . VAL A 1 67  ? -10.374 11.354  7.941   1.00 49.18 ? 232 VAL A CG1 1 
ATOM   331 C CG2 . VAL A 1 67  ? -8.506  9.883   8.532   1.00 49.99 ? 232 VAL A CG2 1 
ATOM   332 N N   . MET A 1 68  ? -12.879 9.340   9.453   1.00 52.79 ? 233 MET A N   1 
ATOM   333 C CA  . MET A 1 68  ? -14.291 9.645   9.304   1.00 55.17 ? 233 MET A CA  1 
ATOM   334 C C   . MET A 1 68  ? -14.920 9.863   10.659  1.00 56.40 ? 233 MET A C   1 
ATOM   335 O O   . MET A 1 68  ? -15.681 10.799  10.847  1.00 57.15 ? 233 MET A O   1 
ATOM   336 C CB  . MET A 1 68  ? -15.021 8.519   8.554   1.00 54.77 ? 233 MET A CB  1 
ATOM   337 C CG  . MET A 1 68  ? -14.755 8.479   7.056   1.00 55.75 ? 233 MET A CG  1 
ATOM   338 S SD  . MET A 1 68  ? -14.755 10.100  6.274   1.00 57.91 ? 233 MET A SD  1 
ATOM   339 C CE  . MET A 1 68  ? -16.358 10.105  5.488   1.00 59.77 ? 233 MET A CE  1 
ATOM   340 N N   . SER A 1 69  ? -14.586 8.979   11.594  1.00 58.30 ? 234 SER A N   1 
ATOM   341 C CA  . SER A 1 69  ? -15.088 9.013   12.957  1.00 59.87 ? 234 SER A CA  1 
ATOM   342 C C   . SER A 1 69  ? -14.663 10.264  13.699  1.00 61.41 ? 234 SER A C   1 
ATOM   343 O O   . SER A 1 69  ? -15.385 10.763  14.573  1.00 61.86 ? 234 SER A O   1 
ATOM   344 C CB  . SER A 1 69  ? -14.538 7.832   13.710  1.00 59.79 ? 234 SER A CB  1 
ATOM   345 O OG  . SER A 1 69  ? -13.170 8.058   13.925  1.00 59.94 ? 234 SER A OG  1 
ATOM   346 N N   . HIS A 1 70  ? -13.485 10.770  13.371  1.00 62.73 ? 235 HIS A N   1 
ATOM   347 C CA  . HIS A 1 70  ? -13.014 11.988  14.001  1.00 64.89 ? 235 HIS A CA  1 
ATOM   348 C C   . HIS A 1 70  ? -13.538 13.204  13.262  1.00 66.07 ? 235 HIS A C   1 
ATOM   349 O O   . HIS A 1 70  ? -13.208 14.344  13.597  1.00 65.97 ? 235 HIS A O   1 
ATOM   350 C CB  . HIS A 1 70  ? -11.501 12.002  14.071  1.00 64.89 ? 235 HIS A CB  1 
ATOM   351 C CG  . HIS A 1 70  ? -10.948 10.965  14.993  1.00 66.39 ? 235 HIS A CG  1 
ATOM   352 N ND1 . HIS A 1 70  ? -11.133 9.615   14.788  1.00 66.35 ? 235 HIS A ND1 1 
ATOM   353 C CD2 . HIS A 1 70  ? -10.239 11.078  16.138  1.00 67.57 ? 235 HIS A CD2 1 
ATOM   354 C CE1 . HIS A 1 70  ? -10.555 8.940   15.760  1.00 67.39 ? 235 HIS A CE1 1 
ATOM   355 N NE2 . HIS A 1 70  ? -10.008 9.804   16.596  1.00 68.85 ? 235 HIS A NE2 1 
ATOM   356 N N   . SER A 1 71  ? -14.346 12.931  12.243  1.00 67.70 ? 236 SER A N   1 
ATOM   357 C CA  . SER A 1 71  ? -15.010 13.955  11.450  1.00 69.52 ? 236 SER A CA  1 
ATOM   358 C C   . SER A 1 71  ? -16.229 14.461  12.248  1.00 70.55 ? 236 SER A C   1 
ATOM   359 O O   . SER A 1 71  ? -17.379 14.231  11.869  1.00 71.05 ? 236 SER A O   1 
ATOM   360 C CB  . SER A 1 71  ? -15.425 13.353  10.095  1.00 69.34 ? 236 SER A CB  1 
ATOM   361 O OG  . SER A 1 71  ? -16.199 14.238  9.310   1.00 69.38 ? 236 SER A OG  1 
ATOM   362 N N   . GLN A 1 72  ? -15.947 15.119  13.370  1.00 71.67 ? 237 GLN A N   1 
ATOM   363 C CA  . GLN A 1 72  ? -16.952 15.667  14.291  1.00 72.97 ? 237 GLN A CA  1 
ATOM   364 C C   . GLN A 1 72  ? -17.999 14.674  14.788  1.00 73.65 ? 237 GLN A C   1 
ATOM   365 O O   . GLN A 1 72  ? -19.204 14.880  14.613  1.00 74.08 ? 237 GLN A O   1 
ATOM   366 C CB  . GLN A 1 72  ? -17.620 16.914  13.700  1.00 73.00 ? 237 GLN A CB  1 
ATOM   367 C CG  . GLN A 1 72  ? -16.628 17.963  13.206  1.00 73.29 ? 237 GLN A CG  1 
ATOM   368 C CD  . GLN A 1 72  ? -15.975 18.768  14.331  1.00 74.14 ? 237 GLN A CD  1 
ATOM   369 O OE1 . GLN A 1 72  ? -15.258 19.738  14.059  1.00 73.44 ? 237 GLN A OE1 1 
ATOM   370 N NE2 . GLN A 1 72  ? -16.220 18.376  15.583  1.00 72.55 ? 237 GLN A NE2 1 
ATOM   371 N N   . GLY A 1 73  ? -17.530 13.607  15.427  1.00 74.43 ? 238 GLY A N   1 
ATOM   372 C CA  . GLY A 1 73  ? -18.403 12.587  15.985  1.00 74.93 ? 238 GLY A CA  1 
ATOM   373 C C   . GLY A 1 73  ? -17.808 11.914  17.218  1.00 75.17 ? 238 GLY A C   1 
ATOM   374 O O   . GLY A 1 73  ? -17.875 12.467  18.318  1.00 75.29 ? 238 GLY A O   1 
ATOM   375 N N   . GLY A 1 74  ? -17.243 10.717  17.039  1.00 75.14 ? 239 GLY A N   1 
ATOM   376 C CA  . GLY A 1 74  ? -16.603 9.983   18.124  1.00 74.70 ? 239 GLY A CA  1 
ATOM   377 C C   . GLY A 1 74  ? -15.086 10.104  18.050  1.00 74.48 ? 239 GLY A C   1 
ATOM   378 O O   . GLY A 1 74  ? -14.483 9.772   17.019  1.00 75.04 ? 239 GLY A O   1 
ATOM   379 N N   . ALA A 1 75  ? -14.460 10.560  19.134  1.00 73.58 ? 240 ALA A N   1 
ATOM   380 C CA  . ALA A 1 75  ? -13.004 10.778  19.131  1.00 72.67 ? 240 ALA A CA  1 
ATOM   381 C C   . ALA A 1 75  ? -12.250 10.113  20.285  1.00 71.67 ? 240 ALA A C   1 
ATOM   382 O O   . ALA A 1 75  ? -12.836 9.387   21.093  1.00 71.84 ? 240 ALA A O   1 
ATOM   383 C CB  . ALA A 1 75  ? -12.688 12.278  19.088  1.00 72.76 ? 240 ALA A CB  1 
ATOM   384 N N   . ALA A 1 76  ? -10.944 10.364  20.346  1.00 69.90 ? 241 ALA A N   1 
ATOM   385 C CA  . ALA A 1 76  ? -10.108 9.841   21.421  1.00 68.04 ? 241 ALA A CA  1 
ATOM   386 C C   . ALA A 1 76  ? -8.897  10.732  21.650  1.00 66.49 ? 241 ALA A C   1 
ATOM   387 O O   . ALA A 1 76  ? -8.359  10.811  22.760  1.00 66.30 ? 241 ALA A O   1 
ATOM   388 C CB  . ALA A 1 76  ? -9.670  8.439   21.123  1.00 68.28 ? 241 ALA A CB  1 
ATOM   389 N N   . ALA A 1 77  ? -8.481  11.405  20.585  1.00 64.15 ? 242 ALA A N   1 
ATOM   390 C CA  . ALA A 1 77  ? -7.322  12.281  20.633  1.00 61.68 ? 242 ALA A CA  1 
ATOM   391 C C   . ALA A 1 77  ? -6.070  11.451  20.967  1.00 59.33 ? 242 ALA A C   1 
ATOM   392 O O   . ALA A 1 77  ? -5.933  10.331  20.498  1.00 59.42 ? 242 ALA A O   1 
ATOM   393 C CB  . ALA A 1 77  ? -7.554  13.383  21.647  1.00 62.11 ? 242 ALA A CB  1 
ATOM   394 N N   . GLY A 1 78  ? -5.164  12.013  21.760  1.00 56.41 ? 243 GLY A N   1 
ATOM   395 C CA  . GLY A 1 78  ? -3.980  11.327  22.230  1.00 53.34 ? 243 GLY A CA  1 
ATOM   396 C C   . GLY A 1 78  ? -3.415  10.157  21.449  1.00 51.03 ? 243 GLY A C   1 
ATOM   397 O O   . GLY A 1 78  ? -2.723  10.350  20.473  1.00 50.89 ? 243 GLY A O   1 
ATOM   398 N N   . SER A 1 79  ? -3.700  8.948   21.896  1.00 49.17 ? 244 SER A N   1 
ATOM   399 C CA  . SER A 1 79  ? -3.247  7.751   21.233  1.00 47.53 ? 244 SER A CA  1 
ATOM   400 C C   . SER A 1 79  ? -3.838  7.583   19.816  1.00 46.68 ? 244 SER A C   1 
ATOM   401 O O   . SER A 1 79  ? -3.181  7.112   18.906  1.00 45.65 ? 244 SER A O   1 
ATOM   402 C CB  . SER A 1 79  ? -3.492  6.577   22.177  1.00 47.57 ? 244 SER A CB  1 
ATOM   403 O OG  . SER A 1 79  ? -2.407  6.547   23.108  1.00 46.16 ? 244 SER A OG  1 
ATOM   404 N N   . SER A 1 80  ? -5.072  8.024   19.638  1.00 45.63 ? 245 SER A N   1 
ATOM   405 C CA  . SER A 1 80  ? -5.768  7.995   18.348  1.00 45.52 ? 245 SER A CA  1 
ATOM   406 C C   . SER A 1 80  ? -5.141  8.942   17.348  1.00 45.24 ? 245 SER A C   1 
ATOM   407 O O   . SER A 1 80  ? -5.071  8.655   16.154  1.00 45.11 ? 245 SER A O   1 
ATOM   408 C CB  . SER A 1 80  ? -7.223  8.404   18.515  1.00 45.21 ? 245 SER A CB  1 
ATOM   409 O OG  . SER A 1 80  ? -7.985  7.328   18.989  1.00 44.39 ? 245 SER A OG  1 
ATOM   410 N N   . GLU A 1 81  ? -4.678  10.080  17.840  1.00 45.47 ? 246 GLU A N   1 
ATOM   411 C CA  . GLU A 1 81  ? -4.007  11.022  16.979  1.00 45.01 ? 246 GLU A CA  1 
ATOM   412 C C   . GLU A 1 81  ? -2.706  10.353  16.527  1.00 43.45 ? 246 GLU A C   1 
ATOM   413 O O   . GLU A 1 81  ? -2.313  10.416  15.347  1.00 42.33 ? 246 GLU A O   1 
ATOM   414 C CB  . GLU A 1 81  ? -3.767  12.346  17.720  1.00 46.07 ? 246 GLU A CB  1 
ATOM   415 C CG  . GLU A 1 81  ? -2.718  13.234  17.085  1.00 50.57 ? 246 GLU A CG  1 
ATOM   416 C CD  . GLU A 1 81  ? -2.339  14.437  17.935  1.00 57.88 ? 246 GLU A CD  1 
ATOM   417 O OE1 . GLU A 1 81  ? -1.098  14.669  18.111  1.00 58.51 ? 246 GLU A OE1 1 
ATOM   418 O OE2 . GLU A 1 81  ? -3.285  15.142  18.397  1.00 59.58 ? 246 GLU A OE2 1 
ATOM   419 N N   . ASP A 1 82  ? -2.066  9.663   17.468  1.00 41.33 ? 247 ASP A N   1 
ATOM   420 C CA  . ASP A 1 82  ? -0.817  8.960   17.205  1.00 39.33 ? 247 ASP A CA  1 
ATOM   421 C C   . ASP A 1 82  ? -0.931  7.853   16.136  1.00 36.85 ? 247 ASP A C   1 
ATOM   422 O O   . ASP A 1 82  ? -0.076  7.756   15.239  1.00 34.88 ? 247 ASP A O   1 
ATOM   423 C CB  . ASP A 1 82  ? -0.297  8.315   18.483  1.00 40.03 ? 247 ASP A CB  1 
ATOM   424 C CG  . ASP A 1 82  ? 0.453   9.280   19.383  1.00 43.77 ? 247 ASP A CG  1 
ATOM   425 O OD1 . ASP A 1 82  ? 0.706   10.445  18.969  1.00 42.55 ? 247 ASP A OD1 1 
ATOM   426 O OD2 . ASP A 1 82  ? 0.824   8.915   20.548  1.00 48.11 ? 247 ASP A OD2 1 
ATOM   427 N N   . LEU A 1 83  ? -1.977  7.041   16.238  1.00 34.62 ? 248 LEU A N   1 
ATOM   428 C CA  . LEU A 1 83  ? -2.213  5.926   15.338  1.00 34.29 ? 248 LEU A CA  1 
ATOM   429 C C   . LEU A 1 83  ? -2.566  6.406   13.919  1.00 34.15 ? 248 LEU A C   1 
ATOM   430 O O   . LEU A 1 83  ? -2.180  5.790   12.967  1.00 33.58 ? 248 LEU A O   1 
ATOM   431 C CB  . LEU A 1 83  ? -3.311  5.003   15.875  1.00 31.52 ? 248 LEU A CB  1 
ATOM   432 C CG  . LEU A 1 83  ? -3.680  3.865   14.944  1.00 32.62 ? 248 LEU A CG  1 
ATOM   433 C CD1 . LEU A 1 83  ? -2.470  2.857   14.693  1.00 27.82 ? 248 LEU A CD1 1 
ATOM   434 C CD2 . LEU A 1 83  ? -4.927  3.144   15.433  1.00 32.88 ? 248 LEU A CD2 1 
ATOM   435 N N   . MET A 1 84  ? -3.326  7.484   13.814  1.00 34.49 ? 249 MET A N   1 
ATOM   436 C CA  . MET A 1 84  ? -3.735  8.014   12.504  1.00 36.20 ? 249 MET A CA  1 
ATOM   437 C C   . MET A 1 84  ? -2.507  8.567   11.854  1.00 36.34 ? 249 MET A C   1 
ATOM   438 O O   . MET A 1 84  ? -2.301  8.395   10.668  1.00 36.79 ? 249 MET A O   1 
ATOM   439 C CB  . MET A 1 84  ? -4.757  9.149   12.633  1.00 35.13 ? 249 MET A CB  1 
ATOM   440 C CG  . MET A 1 84  ? -6.149  8.644   12.717  1.00 36.53 ? 249 MET A CG  1 
ATOM   441 S SD  . MET A 1 84  ? -7.379  9.950   12.852  1.00 43.75 ? 249 MET A SD  1 
ATOM   442 C CE  . MET A 1 84  ? -6.808  10.846  14.294  1.00 44.37 ? 249 MET A CE  1 
ATOM   443 N N   . LYS A 1 85  ? -1.638  9.169   12.662  1.00 36.86 ? 250 LYS A N   1 
ATOM   444 C CA  . LYS A 1 85  ? -0.372  9.736   12.187  1.00 37.03 ? 250 LYS A CA  1 
ATOM   445 C C   . LYS A 1 85  ? 0.540   8.664   11.582  1.00 36.85 ? 250 LYS A C   1 
ATOM   446 O O   . LYS A 1 85  ? 1.020   8.831   10.477  1.00 35.71 ? 250 LYS A O   1 
ATOM   447 C CB  . LYS A 1 85  ? 0.373   10.499  13.293  1.00 38.27 ? 250 LYS A CB  1 
ATOM   448 C CG  . LYS A 1 85  ? 1.720   11.124  12.830  1.00 41.10 ? 250 LYS A CG  1 
ATOM   449 C CD  . LYS A 1 85  ? 2.456   11.878  13.964  1.00 46.52 ? 250 LYS A CD  1 
ATOM   450 C CE  . LYS A 1 85  ? 3.390   12.990  13.415  1.00 49.72 ? 250 LYS A CE  1 
ATOM   451 N NZ  . LYS A 1 85  ? 3.789   14.012  14.469  1.00 53.22 ? 250 LYS A NZ  1 
ATOM   452 N N   . GLU A 1 86  ? 0.783   7.596   12.339  1.00 36.20 ? 251 GLU A N   1 
ATOM   453 C CA  . GLU A 1 86  ? 1.499   6.399   11.899  1.00 36.34 ? 251 GLU A CA  1 
ATOM   454 C C   . GLU A 1 86  ? 0.934   5.781   10.622  1.00 34.28 ? 251 GLU A C   1 
ATOM   455 O O   . GLU A 1 86  ? 1.685   5.501   9.714   1.00 34.27 ? 251 GLU A O   1 
ATOM   456 C CB  . GLU A 1 86  ? 1.349   5.280   12.940  1.00 36.18 ? 251 GLU A CB  1 
ATOM   457 C CG  . GLU A 1 86  ? 2.328   5.257   14.111  1.00 42.49 ? 251 GLU A CG  1 
ATOM   458 C CD  . GLU A 1 86  ? 3.807   5.184   13.738  1.00 45.12 ? 251 GLU A CD  1 
ATOM   459 O OE1 . GLU A 1 86  ? 4.603   5.706   14.541  1.00 47.23 ? 251 GLU A OE1 1 
ATOM   460 O OE2 . GLU A 1 86  ? 4.146   4.644   12.671  1.00 48.12 ? 251 GLU A OE2 1 
ATOM   461 N N   . LEU A 1 87  ? -0.377  5.551   10.597  1.00 32.74 ? 252 LEU A N   1 
ATOM   462 C CA  . LEU A 1 87  ? -1.059  5.035   9.416   1.00 33.62 ? 252 LEU A CA  1 
ATOM   463 C C   . LEU A 1 87  ? -0.805  5.974   8.233   1.00 33.57 ? 252 LEU A C   1 
ATOM   464 O O   . LEU A 1 87  ? -0.488  5.510   7.151   1.00 31.97 ? 252 LEU A O   1 
ATOM   465 C CB  . LEU A 1 87  ? -2.563  4.829   9.663   1.00 32.54 ? 252 LEU A CB  1 
ATOM   466 C CG  . LEU A 1 87  ? -2.960  3.698   10.616  1.00 32.41 ? 252 LEU A CG  1 
ATOM   467 C CD1 . LEU A 1 87  ? -4.427  3.888   11.045  1.00 30.74 ? 252 LEU A CD1 1 
ATOM   468 C CD2 . LEU A 1 87  ? -2.737  2.330   9.993   1.00 31.41 ? 252 LEU A CD2 1 
ATOM   469 N N   . TYR A 1 88  ? -0.894  7.285   8.482   1.00 34.16 ? 253 TYR A N   1 
ATOM   470 C CA  . TYR A 1 88  ? -0.596  8.290   7.463   1.00 35.60 ? 253 TYR A CA  1 
ATOM   471 C C   . TYR A 1 88  ? 0.839   8.142   6.976   1.00 35.24 ? 253 TYR A C   1 
ATOM   472 O O   . TYR A 1 88  ? 1.076   8.150   5.799   1.00 35.99 ? 253 TYR A O   1 
ATOM   473 C CB  . TYR A 1 88  ? -0.843  9.742   7.952   1.00 36.01 ? 253 TYR A CB  1 
ATOM   474 C CG  . TYR A 1 88  ? -0.371  10.791  6.966   1.00 39.02 ? 253 TYR A CG  1 
ATOM   475 C CD1 . TYR A 1 88  ? 0.745   11.590  7.225   1.00 43.39 ? 253 TYR A CD1 1 
ATOM   476 C CD2 . TYR A 1 88  ? -1.009  10.949  5.760   1.00 39.69 ? 253 TYR A CD2 1 
ATOM   477 C CE1 . TYR A 1 88  ? 1.178   12.537  6.297   1.00 44.77 ? 253 TYR A CE1 1 
ATOM   478 C CE2 . TYR A 1 88  ? -0.575  11.877  4.839   1.00 43.89 ? 253 TYR A CE2 1 
ATOM   479 C CZ  . TYR A 1 88  ? 0.503   12.677  5.113   1.00 45.92 ? 253 TYR A CZ  1 
ATOM   480 O OH  . TYR A 1 88  ? 0.900   13.572  4.140   1.00 51.35 ? 253 TYR A OH  1 
ATOM   481 N N   . GLN A 1 89  ? 1.783   7.907   7.865   1.00 34.37 ? 254 GLN A N   1 
ATOM   482 C CA  . GLN A 1 89  ? 3.156   7.876   7.418   1.00 34.81 ? 254 GLN A CA  1 
ATOM   483 C C   . GLN A 1 89  ? 3.404   6.593   6.623   1.00 33.53 ? 254 GLN A C   1 
ATOM   484 O O   . GLN A 1 89  ? 4.061   6.641   5.594   1.00 33.64 ? 254 GLN A O   1 
ATOM   485 C CB  . GLN A 1 89  ? 4.158   8.009   8.589   1.00 36.31 ? 254 GLN A CB  1 
ATOM   486 C CG  . GLN A 1 89  ? 3.996   9.295   9.391   1.00 39.43 ? 254 GLN A CG  1 
ATOM   487 C CD  . GLN A 1 89  ? 4.995   9.388   10.542  1.00 45.29 ? 254 GLN A CD  1 
ATOM   488 O OE1 . GLN A 1 89  ? 4.948   8.590   11.464  1.00 49.88 ? 254 GLN A OE1 1 
ATOM   489 N NE2 . GLN A 1 89  ? 5.890   10.358  10.485  1.00 48.01 ? 254 GLN A NE2 1 
ATOM   490 N N   . ARG A 1 90  ? 2.863   5.465   7.098   1.00 31.62 ? 255 ARG A N   1 
ATOM   491 C CA  . ARG A 1 90  ? 2.925   4.192   6.363   1.00 31.02 ? 255 ARG A CA  1 
ATOM   492 C C   . ARG A 1 90  ? 2.345   4.309   4.944   1.00 29.47 ? 255 ARG A C   1 
ATOM   493 O O   . ARG A 1 90  ? 2.837   3.679   4.010   1.00 26.64 ? 255 ARG A O   1 
ATOM   494 C CB  . ARG A 1 90  ? 2.178   3.052   7.107   1.00 31.71 ? 255 ARG A CB  1 
ATOM   495 C CG  . ARG A 1 90  ? 2.891   2.528   8.387   1.00 34.41 ? 255 ARG A CG  1 
ATOM   496 C CD  . ARG A 1 90  ? 2.275   1.229   9.009   1.00 35.71 ? 255 ARG A CD  1 
ATOM   497 N NE  . ARG A 1 90  ? 3.156   0.676   10.047  1.00 44.74 ? 255 ARG A NE  1 
ATOM   498 C CZ  . ARG A 1 90  ? 3.253   -0.610  10.379  1.00 45.50 ? 255 ARG A CZ  1 
ATOM   499 N NH1 . ARG A 1 90  ? 2.535   -1.543  9.768   1.00 47.86 ? 255 ARG A NH1 1 
ATOM   500 N NH2 . ARG A 1 90  ? 4.077   -0.971  11.336  1.00 49.59 ? 255 ARG A NH2 1 
ATOM   501 N N   . CYS A 1 91  ? 1.284   5.113   4.818   1.00 28.85 ? 256 CYS A N   1 
ATOM   502 C CA  . CYS A 1 91  ? 0.622   5.349   3.559   1.00 28.37 ? 256 CYS A CA  1 
ATOM   503 C C   . CYS A 1 91  ? 1.593   6.103   2.622   1.00 28.84 ? 256 CYS A C   1 
ATOM   504 O O   . CYS A 1 91  ? 1.745   5.715   1.469   1.00 27.56 ? 256 CYS A O   1 
ATOM   505 C CB  . CYS A 1 91  ? -0.751  6.043   3.751   1.00 27.11 ? 256 CYS A CB  1 
ATOM   506 S SG  . CYS A 1 91  ? -2.125  4.922   4.226   1.00 29.32 ? 256 CYS A SG  1 
ATOM   507 N N   . GLU A 1 92  ? 2.328   7.083   3.148   1.00 29.54 ? 257 GLU A N   1 
ATOM   508 C CA  . GLU A 1 92  ? 3.236   7.883   2.326   1.00 30.67 ? 257 GLU A CA  1 
ATOM   509 C C   . GLU A 1 92  ? 4.385   7.015   1.862   1.00 28.54 ? 257 GLU A C   1 
ATOM   510 O O   . GLU A 1 92  ? 4.912   7.076   0.782   1.00 27.71 ? 257 GLU A O   1 
ATOM   511 C CB  . GLU A 1 92  ? 3.779   9.060   3.183   1.00 32.87 ? 257 GLU A CB  1 
ATOM   512 C CG  . GLU A 1 92  ? 2.916   10.331  3.216   1.00 37.98 ? 257 GLU A CG  1 
ATOM   513 C CD  . GLU A 1 92  ? 3.673   11.589  3.676   1.00 47.74 ? 257 GLU A CD  1 
ATOM   514 O OE1 . GLU A 1 92  ? 4.593   11.465  4.523   1.00 49.11 ? 257 GLU A OE1 1 
ATOM   515 O OE2 . GLU A 1 92  ? 3.326   12.720  3.208   1.00 52.20 ? 257 GLU A OE2 1 
ATOM   516 N N   . ARG A 1 93  ? 4.780   6.157   2.746   1.00 27.81 ? 258 ARG A N   1 
ATOM   517 C CA  . ARG A 1 93  ? 5.835   5.294   2.510   1.00 27.93 ? 258 ARG A CA  1 
ATOM   518 C C   . ARG A 1 93  ? 5.529   4.207   1.485   1.00 25.76 ? 258 ARG A C   1 
ATOM   519 O O   . ARG A 1 93  ? 6.392   3.769   0.834   1.00 23.75 ? 258 ARG A O   1 
ATOM   520 C CB  . ARG A 1 93  ? 6.292   4.738   3.864   1.00 29.17 ? 258 ARG A CB  1 
ATOM   521 C CG  . ARG A 1 93  ? 7.301   5.690   4.517   1.00 33.91 ? 258 ARG A CG  1 
ATOM   522 C CD  . ARG A 1 93  ? 7.989   5.136   5.788   1.00 38.63 ? 258 ARG A CD  1 
ATOM   523 N NE  . ARG A 1 93  ? 7.057   5.026   6.890   1.00 42.73 ? 258 ARG A NE  1 
ATOM   524 C CZ  . ARG A 1 93  ? 7.320   4.426   8.051   1.00 45.24 ? 258 ARG A CZ  1 
ATOM   525 N NH1 . ARG A 1 93  ? 8.492   3.842   8.261   1.00 47.47 ? 258 ARG A NH1 1 
ATOM   526 N NH2 . ARG A 1 93  ? 6.404   4.385   8.995   1.00 43.08 ? 258 ARG A NH2 1 
ATOM   527 N N   . MET A 1 94  ? 4.278   3.860   1.305   1.00 25.20 ? 259 MET A N   1 
ATOM   528 C CA  . MET A 1 94  ? 3.952   2.791   0.373   1.00 26.68 ? 259 MET A CA  1 
ATOM   529 C C   . MET A 1 94  ? 3.875   3.262   -1.077  1.00 26.07 ? 259 MET A C   1 
ATOM   530 O O   . MET A 1 94  ? 3.885   2.455   -1.976  1.00 25.95 ? 259 MET A O   1 
ATOM   531 C CB  . MET A 1 94  ? 2.626   2.125   0.751   1.00 25.23 ? 259 MET A CB  1 
ATOM   532 C CG  . MET A 1 94  ? 2.849   0.753   1.430   1.00 36.06 ? 259 MET A CG  1 
ATOM   533 S SD  . MET A 1 94  ? 3.302   -0.510  0.185   1.00 43.05 ? 259 MET A SD  1 
ATOM   534 C CE  . MET A 1 94  ? 2.781   -1.953  1.110   1.00 40.12 ? 259 MET A CE  1 
ATOM   535 N N   . ARG A 1 95  ? 3.729   4.559   -1.311  1.00 26.41 ? 260 ARG A N   1 
ATOM   536 C CA  . ARG A 1 95  ? 3.676   4.992   -2.718  1.00 26.43 ? 260 ARG A CA  1 
ATOM   537 C C   . ARG A 1 95  ? 4.922   4.687   -3.499  1.00 26.29 ? 260 ARG A C   1 
ATOM   538 O O   . ARG A 1 95  ? 4.817   4.126   -4.564  1.00 25.18 ? 260 ARG A O   1 
ATOM   539 C CB  . ARG A 1 95  ? 3.316   6.421   -2.792  1.00 26.07 ? 260 ARG A CB  1 
ATOM   540 C CG  . ARG A 1 95  ? 1.969   6.619   -2.120  1.00 29.48 ? 260 ARG A CG  1 
ATOM   541 C CD  . ARG A 1 95  ? 1.719   8.073   -1.798  1.00 33.33 ? 260 ARG A CD  1 
ATOM   542 N NE  . ARG A 1 95  ? 1.253   8.764   -2.964  1.00 36.50 ? 260 ARG A NE  1 
ATOM   543 C CZ  . ARG A 1 95  ? 1.191   10.083  -3.112  1.00 36.85 ? 260 ARG A CZ  1 
ATOM   544 N NH1 . ARG A 1 95  ? 1.749   10.910  -2.242  1.00 35.54 ? 260 ARG A NH1 1 
ATOM   545 N NH2 . ARG A 1 95  ? 0.670   10.561  -4.209  1.00 30.14 ? 260 ARG A NH2 1 
ATOM   546 N N   . PRO A 1 96  ? 6.089   5.050   -2.966  1.00 26.75 ? 261 PRO A N   1 
ATOM   547 C CA  . PRO A 1 96  ? 7.342   4.684   -3.613  1.00 27.25 ? 261 PRO A CA  1 
ATOM   548 C C   . PRO A 1 96  ? 7.376   3.180   -3.815  1.00 27.20 ? 261 PRO A C   1 
ATOM   549 O O   . PRO A 1 96  ? 7.753   2.720   -4.897  1.00 26.12 ? 261 PRO A O   1 
ATOM   550 C CB  . PRO A 1 96  ? 8.439   5.061   -2.587  1.00 27.23 ? 261 PRO A CB  1 
ATOM   551 C CG  . PRO A 1 96  ? 7.760   6.117   -1.616  1.00 27.44 ? 261 PRO A CG  1 
ATOM   552 C CD  . PRO A 1 96  ? 6.279   5.867   -1.752  1.00 26.46 ? 261 PRO A CD  1 
ATOM   553 N N   . THR A 1 97  ? 6.974   2.422   -2.792  1.00 27.25 ? 262 THR A N   1 
ATOM   554 C CA  . THR A 1 97  ? 6.983   0.965   -2.940  1.00 27.02 ? 262 THR A CA  1 
ATOM   555 C C   . THR A 1 97  ? 6.158   0.492   -4.137  1.00 26.38 ? 262 THR A C   1 
ATOM   556 O O   . THR A 1 97  ? 6.603   -0.340  -4.936  1.00 25.08 ? 262 THR A O   1 
ATOM   557 C CB  . THR A 1 97  ? 6.508   0.284   -1.663  1.00 28.87 ? 262 THR A CB  1 
ATOM   558 O OG1 . THR A 1 97  ? 7.330   0.733   -0.576  1.00 29.93 ? 262 THR A OG1 1 
ATOM   559 C CG2 . THR A 1 97  ? 6.762   -1.210  -1.762  1.00 27.45 ? 262 THR A CG2 1 
ATOM   560 N N   . LEU A 1 98  ? 4.964   1.060   -4.290  1.00 25.71 ? 263 LEU A N   1 
ATOM   561 C CA  . LEU A 1 98  ? 4.109   0.709   -5.409  1.00 25.61 ? 263 LEU A CA  1 
ATOM   562 C C   . LEU A 1 98  ? 4.654   1.138   -6.764  1.00 25.09 ? 263 LEU A C   1 
ATOM   563 O O   . LEU A 1 98  ? 4.373   0.529   -7.789  1.00 24.49 ? 263 LEU A O   1 
ATOM   564 C CB  . LEU A 1 98  ? 2.753   1.376   -5.219  1.00 24.94 ? 263 LEU A CB  1 
ATOM   565 C CG  . LEU A 1 98  ? 1.686   0.547   -4.548  1.00 29.75 ? 263 LEU A CG  1 
ATOM   566 C CD1 . LEU A 1 98  ? 2.207   -0.318  -3.377  1.00 28.46 ? 263 LEU A CD1 1 
ATOM   567 C CD2 . LEU A 1 98  ? 0.485   1.332   -4.142  1.00 20.41 ? 263 LEU A CD2 1 
ATOM   568 N N   . PHE A 1 99  ? 5.420   2.207   -6.767  1.00 25.22 ? 264 PHE A N   1 
ATOM   569 C CA  . PHE A 1 99  ? 5.934   2.736   -8.014  1.00 27.00 ? 264 PHE A CA  1 
ATOM   570 C C   . PHE A 1 99  ? 6.958   1.755   -8.470  1.00 26.01 ? 264 PHE A C   1 
ATOM   571 O O   . PHE A 1 99  ? 6.977   1.355   -9.633  1.00 23.40 ? 264 PHE A O   1 
ATOM   572 C CB  . PHE A 1 99  ? 6.480   4.166   -7.801  1.00 26.82 ? 264 PHE A CB  1 
ATOM   573 C CG  . PHE A 1 99  ? 7.228   4.721   -8.984  1.00 33.42 ? 264 PHE A CG  1 
ATOM   574 C CD1 . PHE A 1 99  ? 6.540   5.457   -9.938  1.00 37.82 ? 264 PHE A CD1 1 
ATOM   575 C CD2 . PHE A 1 99  ? 8.584   4.610   -9.073  1.00 35.74 ? 264 PHE A CD2 1 
ATOM   576 C CE1 . PHE A 1 99  ? 7.211   6.035   -10.995 1.00 40.89 ? 264 PHE A CE1 1 
ATOM   577 C CE2 . PHE A 1 99  ? 9.307   5.139   -10.165 1.00 37.80 ? 264 PHE A CE2 1 
ATOM   578 C CZ  . PHE A 1 99  ? 8.624   5.839   -11.135 1.00 39.19 ? 264 PHE A CZ  1 
ATOM   579 N N   . ARG A 1 100 ? 7.777   1.307   -7.531  1.00 27.20 ? 265 ARG A N   1 
ATOM   580 C CA  . ARG A 1 100 ? 8.829   0.348   -7.847  1.00 29.53 ? 265 ARG A CA  1 
ATOM   581 C C   . ARG A 1 100 ? 8.269   -1.057  -8.239  1.00 30.94 ? 265 ARG A C   1 
ATOM   582 O O   . ARG A 1 100 ? 8.835   -1.775  -9.103  1.00 30.00 ? 265 ARG A O   1 
ATOM   583 C CB  . ARG A 1 100 ? 9.818   0.261   -6.666  1.00 30.24 ? 265 ARG A CB  1 
ATOM   584 C CG  . ARG A 1 100 ? 10.498  1.620   -6.368  1.00 30.13 ? 265 ARG A CG  1 
ATOM   585 C CD  . ARG A 1 100 ? 11.828  1.506   -5.699  1.00 30.82 ? 265 ARG A CD  1 
ATOM   586 N NE  . ARG A 1 100 ? 12.192  2.644   -4.893  1.00 28.69 ? 265 ARG A NE  1 
ATOM   587 C CZ  . ARG A 1 100 ? 12.800  3.734   -5.373  1.00 33.44 ? 265 ARG A CZ  1 
ATOM   588 N NH1 . ARG A 1 100 ? 13.052  3.843   -6.687  1.00 30.43 ? 265 ARG A NH1 1 
ATOM   589 N NH2 . ARG A 1 100 ? 13.118  4.731   -4.541  1.00 28.98 ? 265 ARG A NH2 1 
ATOM   590 N N   . LEU A 1 101 ? 7.174   -1.458  -7.603  1.00 29.56 ? 266 LEU A N   1 
ATOM   591 C CA  . LEU A 1 101 ? 6.572   -2.716  -7.985  1.00 30.65 ? 266 LEU A CA  1 
ATOM   592 C C   . LEU A 1 101 ? 5.994   -2.585  -9.387  1.00 31.28 ? 266 LEU A C   1 
ATOM   593 O O   . LEU A 1 101 ? 6.176   -3.461  -10.242 1.00 32.80 ? 266 LEU A O   1 
ATOM   594 C CB  . LEU A 1 101 ? 5.482   -3.158  -7.016  1.00 30.28 ? 266 LEU A CB  1 
ATOM   595 C CG  . LEU A 1 101 ? 5.849   -3.519  -5.590  1.00 31.51 ? 266 LEU A CG  1 
ATOM   596 C CD1 . LEU A 1 101 ? 4.643   -4.048  -4.857  1.00 33.15 ? 266 LEU A CD1 1 
ATOM   597 C CD2 . LEU A 1 101 ? 6.908   -4.583  -5.644  1.00 34.27 ? 266 LEU A CD2 1 
ATOM   598 N N   . ALA A 1 102 ? 5.388   -1.471  -9.702  1.00 31.62 ? 267 ALA A N   1 
ATOM   599 C CA  . ALA A 1 102 ? 4.756   -1.351  -11.009 1.00 32.52 ? 267 ALA A CA  1 
ATOM   600 C C   . ALA A 1 102 ? 5.741   -1.342  -12.183 1.00 32.76 ? 267 ALA A C   1 
ATOM   601 O O   . ALA A 1 102 ? 5.383   -1.668  -13.313 1.00 31.08 ? 267 ALA A O   1 
ATOM   602 C CB  . ALA A 1 102 ? 3.867   -0.130  -11.036 1.00 32.20 ? 267 ALA A CB  1 
ATOM   603 N N   . SER A 1 103 ? 6.982   -0.942  -11.944 1.00 34.73 ? 268 SER A N   1 
ATOM   604 C CA  . SER A 1 103 ? 7.940   -1.009  -13.033 1.00 36.67 ? 268 SER A CA  1 
ATOM   605 C C   . SER A 1 103 ? 8.450   -2.409  -13.118 1.00 37.44 ? 268 SER A C   1 
ATOM   606 O O   . SER A 1 103 ? 9.376   -2.602  -13.860 1.00 38.23 ? 268 SER A O   1 
ATOM   607 C CB  . SER A 1 103 ? 9.137   -0.088  -12.821 1.00 38.14 ? 268 SER A CB  1 
ATOM   608 O OG  . SER A 1 103 ? 9.873   -0.544  -11.705 1.00 39.84 ? 268 SER A OG  1 
ATOM   609 N N   . ASP A 1 104 ? 7.888   -3.386  -12.388 1.00 37.59 ? 269 ASP A N   1 
ATOM   610 C CA  . ASP A 1 104 ? 8.341   -4.789  -12.536 1.00 38.46 ? 269 ASP A CA  1 
ATOM   611 C C   . ASP A 1 104 ? 7.171   -5.716  -12.835 1.00 37.52 ? 269 ASP A C   1 
ATOM   612 O O   . ASP A 1 104 ? 6.981   -6.749  -12.161 1.00 37.87 ? 269 ASP A O   1 
ATOM   613 C CB  . ASP A 1 104 ? 8.987   -5.289  -11.235 1.00 39.41 ? 269 ASP A CB  1 
ATOM   614 C CG  . ASP A 1 104 ? 9.770   -6.600  -11.409 1.00 42.28 ? 269 ASP A CG  1 
ATOM   615 O OD1 . ASP A 1 104 ? 9.872   -7.365  -10.426 1.00 42.07 ? 269 ASP A OD1 1 
ATOM   616 O OD2 . ASP A 1 104 ? 10.342  -6.928  -12.475 1.00 46.43 ? 269 ASP A OD2 1 
ATOM   617 N N   . THR A 1 105 ? 6.361   -5.329  -13.813 1.00 36.75 ? 270 THR A N   1 
ATOM   618 C CA  . THR A 1 105 ? 5.157   -6.094  -14.149 1.00 36.25 ? 270 THR A CA  1 
ATOM   619 C C   . THR A 1 105 ? 5.134   -6.413  -15.646 1.00 36.97 ? 270 THR A C   1 
ATOM   620 O O   . THR A 1 105 ? 4.096   -6.383  -16.317 1.00 35.54 ? 270 THR A O   1 
ATOM   621 C CB  . THR A 1 105 ? 3.882   -5.304  -13.748 1.00 35.06 ? 270 THR A CB  1 
ATOM   622 O OG1 . THR A 1 105 ? 3.857   -4.067  -14.473 1.00 34.13 ? 270 THR A OG1 1 
ATOM   623 C CG2 . THR A 1 105 ? 3.954   -4.880  -12.322 1.00 34.19 ? 270 THR A CG2 1 
ATOM   624 N N   . GLU A 1 106 ? 6.316   -6.690  -16.161 1.00 38.80 ? 271 GLU A N   1 
ATOM   625 C CA  . GLU A 1 106 ? 6.486   -7.129  -17.524 1.00 40.52 ? 271 GLU A CA  1 
ATOM   626 C C   . GLU A 1 106 ? 5.393   -8.079  -17.954 1.00 40.23 ? 271 GLU A C   1 
ATOM   627 O O   . GLU A 1 106 ? 5.211   -9.139  -17.368 1.00 40.79 ? 271 GLU A O   1 
ATOM   628 C CB  . GLU A 1 106 ? 7.825   -7.857  -17.641 1.00 41.20 ? 271 GLU A CB  1 
ATOM   629 C CG  . GLU A 1 106 ? 8.998   -7.112  -17.021 1.00 45.22 ? 271 GLU A CG  1 
ATOM   630 C CD  . GLU A 1 106 ? 9.031   -7.134  -15.494 1.00 48.44 ? 271 GLU A CD  1 
ATOM   631 O OE1 . GLU A 1 106 ? 9.650   -6.226  -14.912 1.00 50.58 ? 271 GLU A OE1 1 
ATOM   632 O OE2 . GLU A 1 106 ? 8.482   -8.061  -14.865 1.00 48.94 ? 271 GLU A OE2 1 
ATOM   633 N N   . ASP A 1 107 ? 4.683   -7.714  -19.006 1.00 41.18 ? 272 ASP A N   1 
ATOM   634 C CA  . ASP A 1 107 ? 3.657   -8.585  -19.574 1.00 41.79 ? 272 ASP A CA  1 
ATOM   635 C C   . ASP A 1 107 ? 2.464   -8.941  -18.687 1.00 41.15 ? 272 ASP A C   1 
ATOM   636 O O   . ASP A 1 107 ? 1.689   -9.844  -19.045 1.00 41.64 ? 272 ASP A O   1 
ATOM   637 C CB  . ASP A 1 107 ? 4.308   -9.868  -20.118 1.00 42.85 ? 272 ASP A CB  1 
ATOM   638 C CG  . ASP A 1 107 ? 5.190   -9.593  -21.309 1.00 46.82 ? 272 ASP A CG  1 
ATOM   639 O OD1 . ASP A 1 107 ? 4.656   -9.153  -22.350 1.00 51.08 ? 272 ASP A OD1 1 
ATOM   640 O OD2 . ASP A 1 107 ? 6.429   -9.714  -21.283 1.00 50.58 ? 272 ASP A OD2 1 
ATOM   641 N N   . ASN A 1 108 ? 2.299   -8.274  -17.541 1.00 38.84 ? 273 ASN A N   1 
ATOM   642 C CA  . ASN A 1 108 ? 1.132   -8.569  -16.689 1.00 36.37 ? 273 ASN A CA  1 
ATOM   643 C C   . ASN A 1 108 ? 0.385   -7.283  -16.347 1.00 35.09 ? 273 ASN A C   1 
ATOM   644 O O   . ASN A 1 108 ? 0.606   -6.671  -15.304 1.00 31.54 ? 273 ASN A O   1 
ATOM   645 C CB  . ASN A 1 108 ? 1.547   -9.280  -15.411 1.00 36.58 ? 273 ASN A CB  1 
ATOM   646 C CG  . ASN A 1 108 ? 0.355   -9.751  -14.596 1.00 37.38 ? 273 ASN A CG  1 
ATOM   647 O OD1 . ASN A 1 108 ? -0.770  -9.362  -14.850 1.00 41.58 ? 273 ASN A OD1 1 
ATOM   648 N ND2 . ASN A 1 108 ? 0.607   -10.595 -13.606 1.00 37.20 ? 273 ASN A ND2 1 
ATOM   649 N N   . ASP A 1 109 ? -0.481  -6.885  -17.264 1.00 33.27 ? 274 ASP A N   1 
ATOM   650 C CA  . ASP A 1 109 ? -1.222  -5.663  -17.112 1.00 33.05 ? 274 ASP A CA  1 
ATOM   651 C C   . ASP A 1 109 ? -2.202  -5.807  -15.993 1.00 31.45 ? 274 ASP A C   1 
ATOM   652 O O   . ASP A 1 109 ? -2.555  -4.820  -15.363 1.00 28.79 ? 274 ASP A O   1 
ATOM   653 C CB  . ASP A 1 109 ? -1.947  -5.378  -18.409 1.00 33.49 ? 274 ASP A CB  1 
ATOM   654 C CG  . ASP A 1 109 ? -1.010  -4.783  -19.454 1.00 36.42 ? 274 ASP A CG  1 
ATOM   655 O OD1 . ASP A 1 109 ? 0.190   -4.543  -19.165 1.00 36.96 ? 274 ASP A OD1 1 
ATOM   656 O OD2 . ASP A 1 109 ? -1.366  -4.499  -20.607 1.00 40.56 ? 274 ASP A OD2 1 
ATOM   657 N N   . GLU A 1 110 ? -2.635  -7.046  -15.753 1.00 29.86 ? 275 GLU A N   1 
ATOM   658 C CA  . GLU A 1 110 ? -3.502  -7.256  -14.631 1.00 30.48 ? 275 GLU A CA  1 
ATOM   659 C C   . GLU A 1 110 ? -2.839  -6.890  -13.322 1.00 28.80 ? 275 GLU A C   1 
ATOM   660 O O   . GLU A 1 110 ? -3.453  -6.170  -12.547 1.00 27.84 ? 275 GLU A O   1 
ATOM   661 C CB  . GLU A 1 110 ? -4.286  -8.602  -14.560 1.00 32.16 ? 275 GLU A CB  1 
ATOM   662 C CG  . GLU A 1 110 ? -4.774  -9.136  -15.915 1.00 38.27 ? 275 GLU A CG  1 
ATOM   663 C CD  . GLU A 1 110 ? -3.649  -9.717  -16.809 1.00 46.56 ? 275 GLU A CD  1 
ATOM   664 O OE1 . GLU A 1 110 ? -2.928  -10.690 -16.430 1.00 50.59 ? 275 GLU A OE1 1 
ATOM   665 O OE2 . GLU A 1 110 ? -3.480  -9.206  -17.937 1.00 48.91 ? 275 GLU A OE2 1 
ATOM   666 N N   . ALA A 1 111 ? -1.604  -7.289  -13.116 1.00 27.04 ? 276 ALA A N   1 
ATOM   667 C CA  . ALA A 1 111 ? -0.904  -6.967  -11.888 1.00 26.97 ? 276 ALA A CA  1 
ATOM   668 C C   . ALA A 1 111 ? -0.666  -5.457  -11.881 1.00 25.00 ? 276 ALA A C   1 
ATOM   669 O O   . ALA A 1 111 ? -0.963  -4.774  -10.923 1.00 22.88 ? 276 ALA A O   1 
ATOM   670 C CB  . ALA A 1 111 ? 0.387   -7.692  -11.824 1.00 26.27 ? 276 ALA A CB  1 
ATOM   671 N N   . LEU A 1 112 ? -0.166  -4.917  -12.987 1.00 25.31 ? 277 LEU A N   1 
ATOM   672 C CA  . LEU A 1 112 ? -0.015  -3.459  -13.069 1.00 24.84 ? 277 LEU A CA  1 
ATOM   673 C C   . LEU A 1 112 ? -1.296  -2.660  -12.675 1.00 23.45 ? 277 LEU A C   1 
ATOM   674 O O   . LEU A 1 112 ? -1.227  -1.711  -11.923 1.00 21.45 ? 277 LEU A O   1 
ATOM   675 C CB  . LEU A 1 112 ? 0.521   -3.069  -14.458 1.00 25.12 ? 277 LEU A CB  1 
ATOM   676 C CG  . LEU A 1 112 ? 0.833   -1.593  -14.700 1.00 24.12 ? 277 LEU A CG  1 
ATOM   677 C CD1 . LEU A 1 112 ? 1.643   -0.986  -13.571 1.00 24.75 ? 277 LEU A CD1 1 
ATOM   678 C CD2 . LEU A 1 112 ? 1.533   -1.403  -16.023 1.00 21.51 ? 277 LEU A CD2 1 
ATOM   679 N N   . ALA A 1 113 ? -2.453  -3.054  -13.201 1.00 23.11 ? 278 ALA A N   1 
ATOM   680 C CA  . ALA A 1 113 ? -3.728  -2.412  -12.810 1.00 23.87 ? 278 ALA A CA  1 
ATOM   681 C C   . ALA A 1 113 ? -4.025  -2.446  -11.295 1.00 24.67 ? 278 ALA A C   1 
ATOM   682 O O   . ALA A 1 113 ? -4.511  -1.450  -10.758 1.00 24.00 ? 278 ALA A O   1 
ATOM   683 C CB  . ALA A 1 113 ? -5.020  -3.040  -13.569 1.00 22.96 ? 278 ALA A CB  1 
ATOM   684 N N   . GLU A 1 114 ? -3.798  -3.618  -10.662 1.00 23.64 ? 279 GLU A N   1 
ATOM   685 C CA  . GLU A 1 114 ? -4.035  -3.728  -9.238  1.00 24.67 ? 279 GLU A CA  1 
ATOM   686 C C   . GLU A 1 114 ? -3.176  -2.744  -8.491  1.00 23.40 ? 279 GLU A C   1 
ATOM   687 O O   . GLU A 1 114 ? -3.607  -2.130  -7.561  1.00 22.90 ? 279 GLU A O   1 
ATOM   688 C CB  . GLU A 1 114 ? -3.717  -5.141  -8.748  1.00 25.24 ? 279 GLU A CB  1 
ATOM   689 C CG  . GLU A 1 114 ? -4.821  -6.107  -9.050  1.00 30.69 ? 279 GLU A CG  1 
ATOM   690 C CD  . GLU A 1 114 ? -4.567  -7.462  -8.383  1.00 36.84 ? 279 GLU A CD  1 
ATOM   691 O OE1 . GLU A 1 114 ? -4.550  -7.524  -7.121  1.00 36.26 ? 279 GLU A OE1 1 
ATOM   692 O OE2 . GLU A 1 114 ? -4.356  -8.425  -9.146  1.00 37.47 ? 279 GLU A OE2 1 
ATOM   693 N N   . ILE A 1 115 ? -1.939  -2.591  -8.941  1.00 23.17 ? 280 ILE A N   1 
ATOM   694 C CA  . ILE A 1 115 ? -0.997  -1.702  -8.303  1.00 22.45 ? 280 ILE A CA  1 
ATOM   695 C C   . ILE A 1 115 ? -1.509  -0.269  -8.395  1.00 24.40 ? 280 ILE A C   1 
ATOM   696 O O   . ILE A 1 115 ? -1.508  0.482   -7.404  1.00 22.90 ? 280 ILE A O   1 
ATOM   697 C CB  . ILE A 1 115 ? 0.415   -1.903  -8.899  1.00 21.97 ? 280 ILE A CB  1 
ATOM   698 C CG1 . ILE A 1 115 ? 1.049   -3.250  -8.418  1.00 22.14 ? 280 ILE A CG1 1 
ATOM   699 C CG2 . ILE A 1 115 ? 1.357   -0.740  -8.597  1.00 22.94 ? 280 ILE A CG2 1 
ATOM   700 C CD1 . ILE A 1 115 ? 2.399   -3.652  -9.161  1.00 23.12 ? 280 ILE A CD1 1 
ATOM   701 N N   . LEU A 1 116 ? -2.002  0.076   -9.576  1.00 25.35 ? 281 LEU A N   1 
ATOM   702 C CA  . LEU A 1 116 ? -2.400  1.438   -9.881  1.00 28.56 ? 281 LEU A CA  1 
ATOM   703 C C   . LEU A 1 116 ? -3.676  1.818   -9.103  1.00 29.87 ? 281 LEU A C   1 
ATOM   704 O O   . LEU A 1 116 ? -3.742  2.880   -8.527  1.00 31.57 ? 281 LEU A O   1 
ATOM   705 C CB  . LEU A 1 116 ? -2.545  1.620   -11.392 1.00 27.55 ? 281 LEU A CB  1 
ATOM   706 C CG  . LEU A 1 116 ? -1.345  1.569   -12.343 1.00 28.47 ? 281 LEU A CG  1 
ATOM   707 C CD1 . LEU A 1 116 ? -1.804  1.535   -13.835 1.00 31.83 ? 281 LEU A CD1 1 
ATOM   708 C CD2 . LEU A 1 116 ? -0.395  2.698   -12.108 1.00 33.85 ? 281 LEU A CD2 1 
ATOM   709 N N   . GLN A 1 117 ? -4.659  0.950   -9.091  1.00 31.31 ? 282 GLN A N   1 
ATOM   710 C CA  . GLN A 1 117 ? -5.771  1.112   -8.186  1.00 34.28 ? 282 GLN A CA  1 
ATOM   711 C C   . GLN A 1 117 ? -5.283  1.275   -6.703  1.00 34.03 ? 282 GLN A C   1 
ATOM   712 O O   . GLN A 1 117 ? -5.717  2.190   -5.989  1.00 34.92 ? 282 GLN A O   1 
ATOM   713 C CB  . GLN A 1 117 ? -6.714  -0.099  -8.334  1.00 35.81 ? 282 GLN A CB  1 
ATOM   714 C CG  . GLN A 1 117 ? -7.589  -0.418  -7.113  1.00 40.55 ? 282 GLN A CG  1 
ATOM   715 C CD  . GLN A 1 117 ? -8.825  -1.265  -7.450  1.00 46.68 ? 282 GLN A CD  1 
ATOM   716 O OE1 . GLN A 1 117 ? -8.837  -2.499  -7.263  1.00 48.67 ? 282 GLN A OE1 1 
ATOM   717 N NE2 . GLN A 1 117 ? -9.876  -0.602  -7.917  1.00 47.76 ? 282 GLN A NE2 1 
ATOM   718 N N   . ALA A 1 118 ? -4.371  0.420   -6.231  1.00 32.51 ? 283 ALA A N   1 
ATOM   719 C CA  . ALA A 1 118 ? -3.910  0.564   -4.849  1.00 30.45 ? 283 ALA A CA  1 
ATOM   720 C C   . ALA A 1 118 ? -3.257  1.953   -4.611  1.00 30.98 ? 283 ALA A C   1 
ATOM   721 O O   . ALA A 1 118 ? -3.450  2.604   -3.584  1.00 28.32 ? 283 ALA A O   1 
ATOM   722 C CB  . ALA A 1 118 ? -2.954  -0.597  -4.472  1.00 30.17 ? 283 ALA A CB  1 
ATOM   723 N N   . ASN A 1 119 ? -2.464  2.426   -5.557  1.00 30.48 ? 284 ASN A N   1 
ATOM   724 C CA  . ASN A 1 119 ? -1.839  3.736   -5.351  1.00 33.24 ? 284 ASN A CA  1 
ATOM   725 C C   . ASN A 1 119 ? -2.943  4.849   -5.230  1.00 33.69 ? 284 ASN A C   1 
ATOM   726 O O   . ASN A 1 119 ? -2.775  5.829   -4.467  1.00 31.97 ? 284 ASN A O   1 
ATOM   727 C CB  . ASN A 1 119 ? -0.791  4.063   -6.425  1.00 32.32 ? 284 ASN A CB  1 
ATOM   728 C CG  . ASN A 1 119 ? -0.202  5.423   -6.253  1.00 35.42 ? 284 ASN A CG  1 
ATOM   729 O OD1 . ASN A 1 119 ? 0.627   5.637   -5.389  1.00 37.56 ? 284 ASN A OD1 1 
ATOM   730 N ND2 . ASN A 1 119 ? -0.618  6.373   -7.103  1.00 38.55 ? 284 ASN A ND2 1 
ATOM   731 N N   . ASP A 1 120 ? -4.046  4.641   -5.955  1.00 34.87 ? 285 ASP A N   1 
ATOM   732 C CA  . ASP A 1 120 ? -5.139  5.569   -5.959  1.00 36.10 ? 285 ASP A CA  1 
ATOM   733 C C   . ASP A 1 120 ? -5.798  5.608   -4.571  1.00 36.22 ? 285 ASP A C   1 
ATOM   734 O O   . ASP A 1 120 ? -6.203  6.657   -4.092  1.00 36.11 ? 285 ASP A O   1 
ATOM   735 C CB  . ASP A 1 120 ? -6.192  5.207   -7.001  1.00 35.00 ? 285 ASP A CB  1 
ATOM   736 C CG  . ASP A 1 120 ? -5.776  5.610   -8.422  1.00 37.73 ? 285 ASP A CG  1 
ATOM   737 O OD1 . ASP A 1 120 ? -6.512  5.194   -9.307  1.00 29.64 ? 285 ASP A OD1 1 
ATOM   738 O OD2 . ASP A 1 120 ? -4.722  6.222   -8.732  1.00 43.64 ? 285 ASP A OD2 1 
ATOM   739 N N   . ASN A 1 121 ? -5.959  4.432   -3.964  1.00 35.22 ? 286 ASN A N   1 
ATOM   740 C CA  . ASN A 1 121 ? -6.498  4.321   -2.624  1.00 34.20 ? 286 ASN A CA  1 
ATOM   741 C C   . ASN A 1 121 ? -5.668  5.067   -1.627  1.00 33.37 ? 286 ASN A C   1 
ATOM   742 O O   . ASN A 1 121 ? -6.233  5.708   -0.733  1.00 35.09 ? 286 ASN A O   1 
ATOM   743 C CB  . ASN A 1 121 ? -6.665  2.859   -2.234  1.00 34.37 ? 286 ASN A CB  1 
ATOM   744 C CG  . ASN A 1 121 ? -7.533  2.130   -3.193  1.00 35.57 ? 286 ASN A CG  1 
ATOM   745 O OD1 . ASN A 1 121 ? -7.708  0.924   -3.121  1.00 35.36 ? 286 ASN A OD1 1 
ATOM   746 N ND2 . ASN A 1 121 ? -8.086  2.871   -4.122  1.00 35.75 ? 286 ASN A ND2 1 
ATOM   747 N N   . LEU A 1 122 ? -4.354  5.002   -1.808  1.00 31.66 ? 287 LEU A N   1 
ATOM   748 C CA  . LEU A 1 122 ? -3.369  5.692   -1.001  1.00 31.02 ? 287 LEU A CA  1 
ATOM   749 C C   . LEU A 1 122 ? -3.367  7.227   -1.153  1.00 31.81 ? 287 LEU A C   1 
ATOM   750 O O   . LEU A 1 122 ? -3.310  7.991   -0.177  1.00 29.81 ? 287 LEU A O   1 
ATOM   751 C CB  . LEU A 1 122 ? -1.979  5.203   -1.361  1.00 30.19 ? 287 LEU A CB  1 
ATOM   752 C CG  . LEU A 1 122 ? -1.582  3.803   -0.888  1.00 31.49 ? 287 LEU A CG  1 
ATOM   753 C CD1 . LEU A 1 122 ? -0.166  3.560   -1.375  1.00 28.12 ? 287 LEU A CD1 1 
ATOM   754 C CD2 . LEU A 1 122 ? -1.686  3.750   0.629   1.00 26.16 ? 287 LEU A CD2 1 
ATOM   755 N N   . THR A 1 123 ? -3.337  7.678   -2.394  1.00 31.51 ? 288 THR A N   1 
ATOM   756 C CA  . THR A 1 123 ? -3.346  9.117   -2.621  1.00 32.68 ? 288 THR A CA  1 
ATOM   757 C C   . THR A 1 123 ? -4.595  9.674   -2.004  1.00 33.35 ? 288 THR A C   1 
ATOM   758 O O   . THR A 1 123 ? -4.528  10.619  -1.251  1.00 34.74 ? 288 THR A O   1 
ATOM   759 C CB  . THR A 1 123 ? -3.211  9.418   -4.090  1.00 32.23 ? 288 THR A CB  1 
ATOM   760 O OG1 . THR A 1 123 ? -1.864  9.102   -4.459  1.00 30.60 ? 288 THR A OG1 1 
ATOM   761 C CG2 . THR A 1 123 ? -3.406  10.957  -4.378  1.00 34.02 ? 288 THR A CG2 1 
ATOM   762 N N   . GLN A 1 124 ? -5.721  9.020   -2.256  1.00 33.66 ? 289 GLN A N   1 
ATOM   763 C CA  . GLN A 1 124 ? -6.985  9.432   -1.734  1.00 33.19 ? 289 GLN A CA  1 
ATOM   764 C C   . GLN A 1 124 ? -6.945  9.604   -0.217  1.00 34.27 ? 289 GLN A C   1 
ATOM   765 O O   . GLN A 1 124 ? -7.257  10.695  0.324   1.00 32.34 ? 289 GLN A O   1 
ATOM   766 C CB  . GLN A 1 124 ? -8.045  8.381   -2.075  1.00 33.07 ? 289 GLN A CB  1 
ATOM   767 C CG  . GLN A 1 124 ? -9.474  8.867   -1.694  1.00 39.27 ? 289 GLN A CG  1 
ATOM   768 C CD  . GLN A 1 124 ? -10.599 7.828   -1.914  1.00 45.37 ? 289 GLN A CD  1 
ATOM   769 O OE1 . GLN A 1 124 ? -11.789 8.177   -1.963  1.00 47.17 ? 289 GLN A OE1 1 
ATOM   770 N NE2 . GLN A 1 124 ? -10.220 6.555   -2.044  1.00 49.83 ? 289 GLN A NE2 1 
ATOM   771 N N   . VAL A 1 125 ? -6.595  8.516   0.480   1.00 33.80 ? 290 VAL A N   1 
ATOM   772 C CA  . VAL A 1 125 ? -6.626  8.546   1.922   1.00 34.12 ? 290 VAL A CA  1 
ATOM   773 C C   . VAL A 1 125 ? -5.605  9.547   2.350   1.00 36.59 ? 290 VAL A C   1 
ATOM   774 O O   . VAL A 1 125 ? -5.817  10.240  3.339   1.00 38.12 ? 290 VAL A O   1 
ATOM   775 C CB  . VAL A 1 125 ? -6.388  7.158   2.605   1.00 34.80 ? 290 VAL A CB  1 
ATOM   776 C CG1 . VAL A 1 125 ? -4.894  6.865   2.698   1.00 30.05 ? 290 VAL A CG1 1 
ATOM   777 C CG2 . VAL A 1 125 ? -7.052  7.120   4.033   1.00 31.47 ? 290 VAL A CG2 1 
ATOM   778 N N   . ILE A 1 126 ? -4.504  9.716   1.642   1.00 38.28 ? 291 ILE A N   1 
ATOM   779 C CA  . ILE A 1 126 ? -3.614  10.661  2.247   1.00 41.33 ? 291 ILE A CA  1 
ATOM   780 C C   . ILE A 1 126 ? -4.255  12.048  2.166   1.00 43.88 ? 291 ILE A C   1 
ATOM   781 O O   . ILE A 1 126 ? -3.835  12.967  2.894   1.00 44.02 ? 291 ILE A O   1 
ATOM   782 C CB  . ILE A 1 126 ? -2.179  10.640  1.763   1.00 41.52 ? 291 ILE A CB  1 
ATOM   783 C CG1 . ILE A 1 126 ? -1.805  11.875  0.949   1.00 40.27 ? 291 ILE A CG1 1 
ATOM   784 C CG2 . ILE A 1 126 ? -1.737  9.337   1.092   1.00 43.76 ? 291 ILE A CG2 1 
ATOM   785 C CD1 . ILE A 1 126 ? -0.484  12.400  1.349   1.00 36.12 ? 291 ILE A CD1 1 
ATOM   786 N N   . ASN A 1 127 ? -5.312  12.157  1.350   1.00 45.29 ? 292 ASN A N   1 
ATOM   787 C CA  . ASN A 1 127 ? -6.058  13.403  1.150   1.00 47.31 ? 292 ASN A CA  1 
ATOM   788 C C   . ASN A 1 127 ? -7.010  13.681  2.282   1.00 47.84 ? 292 ASN A C   1 
ATOM   789 O O   . ASN A 1 127 ? -7.054  14.817  2.730   1.00 48.61 ? 292 ASN A O   1 
ATOM   790 C CB  . ASN A 1 127 ? -6.844  13.406  -0.158  1.00 47.29 ? 292 ASN A CB  1 
ATOM   791 C CG  . ASN A 1 127 ? -5.993  13.744  -1.359  1.00 48.53 ? 292 ASN A CG  1 
ATOM   792 O OD1 . ASN A 1 127 ? -4.809  14.112  -1.275  1.00 47.90 ? 292 ASN A OD1 1 
ATOM   793 N ND2 . ASN A 1 127 ? -6.595  13.568  -2.519  1.00 53.16 ? 292 ASN A ND2 1 
ATOM   794 N N   . LEU A 1 128 ? -7.788  12.689  2.715   1.00 47.75 ? 293 LEU A N   1 
ATOM   795 C CA  . LEU A 1 128 ? -8.659  12.935  3.836   1.00 48.74 ? 293 LEU A CA  1 
ATOM   796 C C   . LEU A 1 128 ? -7.828  13.317  5.049   1.00 48.31 ? 293 LEU A C   1 
ATOM   797 O O   . LEU A 1 128 ? -8.059  14.349  5.653   1.00 48.52 ? 293 LEU A O   1 
ATOM   798 C CB  . LEU A 1 128 ? -9.556  11.748  4.175   1.00 49.38 ? 293 LEU A CB  1 
ATOM   799 C CG  . LEU A 1 128 ? -10.456 11.120  3.122   1.00 50.13 ? 293 LEU A CG  1 
ATOM   800 C CD1 . LEU A 1 128 ? -11.165 9.948   3.778   1.00 51.46 ? 293 LEU A CD1 1 
ATOM   801 C CD2 . LEU A 1 128 ? -11.460 12.137  2.604   1.00 51.05 ? 293 LEU A CD2 1 
ATOM   802 N N   . TYR A 1 129 ? -6.829  12.512  5.393   1.00 47.63 ? 294 TYR A N   1 
ATOM   803 C CA  . TYR A 1 129 ? -6.046  12.824  6.598   1.00 47.02 ? 294 TYR A CA  1 
ATOM   804 C C   . TYR A 1 129 ? -5.637  14.293  6.694   1.00 48.02 ? 294 TYR A C   1 
ATOM   805 O O   . TYR A 1 129 ? -5.676  14.871  7.781   1.00 47.87 ? 294 TYR A O   1 
ATOM   806 C CB  . TYR A 1 129 ? -4.762  12.005  6.677   1.00 45.15 ? 294 TYR A CB  1 
ATOM   807 C CG  . TYR A 1 129 ? -3.997  12.259  7.935   1.00 41.97 ? 294 TYR A CG  1 
ATOM   808 C CD1 . TYR A 1 129 ? -4.521  11.904  9.166   1.00 42.30 ? 294 TYR A CD1 1 
ATOM   809 C CD2 . TYR A 1 129 ? -2.769  12.895  7.908   1.00 39.97 ? 294 TYR A CD2 1 
ATOM   810 C CE1 . TYR A 1 129 ? -3.819  12.146  10.345  1.00 40.20 ? 294 TYR A CE1 1 
ATOM   811 C CE2 . TYR A 1 129 ? -2.055  13.144  9.073   1.00 37.60 ? 294 TYR A CE2 1 
ATOM   812 C CZ  . TYR A 1 129 ? -2.589  12.768  10.284  1.00 39.45 ? 294 TYR A CZ  1 
ATOM   813 O OH  . TYR A 1 129 ? -1.883  13.004  11.441  1.00 41.26 ? 294 TYR A OH  1 
ATOM   814 N N   . LYS A 1 130 ? -5.137  14.800  5.564   1.00 49.13 ? 295 LYS A N   1 
ATOM   815 C CA  . LYS A 1 130 ? -4.585  16.137  5.421   1.00 51.35 ? 295 LYS A CA  1 
ATOM   816 C C   . LYS A 1 130 ? -5.663  17.192  5.673   1.00 52.44 ? 295 LYS A C   1 
ATOM   817 O O   . LYS A 1 130 ? -5.375  18.233  6.246   1.00 51.66 ? 295 LYS A O   1 
ATOM   818 C CB  . LYS A 1 130 ? -4.061  16.323  3.996   1.00 51.14 ? 295 LYS A CB  1 
ATOM   819 C CG  . LYS A 1 130 ? -2.596  16.116  3.840   1.00 51.42 ? 295 LYS A CG  1 
ATOM   820 C CD  . LYS A 1 130 ? -2.328  15.278  2.596   1.00 51.71 ? 295 LYS A CD  1 
ATOM   821 C CE  . LYS A 1 130 ? -1.018  15.655  1.965   1.00 51.14 ? 295 LYS A CE  1 
ATOM   822 N NZ  . LYS A 1 130 ? -1.202  16.476  0.749   1.00 53.81 ? 295 LYS A NZ  1 
ATOM   823 N N   . GLN A 1 131 ? -6.864  16.918  5.171   1.00 53.77 ? 296 GLN A N   1 
ATOM   824 C CA  . GLN A 1 131 ? -7.998  17.795  5.332   1.00 55.62 ? 296 GLN A CA  1 
ATOM   825 C C   . GLN A 1 131 ? -8.327  17.829  6.808   1.00 57.23 ? 296 GLN A C   1 
ATOM   826 O O   . GLN A 1 131 ? -8.416  18.895  7.421   1.00 56.94 ? 296 GLN A O   1 
ATOM   827 C CB  . GLN A 1 131 ? -9.189  17.269  4.527   1.00 55.08 ? 296 GLN A CB  1 
ATOM   828 C CG  . GLN A 1 131 ? -9.026  17.460  3.026   1.00 54.34 ? 296 GLN A CG  1 
ATOM   829 C CD  . GLN A 1 131 ? -10.212 16.977  2.219   1.00 53.21 ? 296 GLN A CD  1 
ATOM   830 O OE1 . GLN A 1 131 ? -11.029 16.186  2.694   1.00 52.74 ? 296 GLN A OE1 1 
ATOM   831 N NE2 . GLN A 1 131 ? -10.311 17.458  0.992   1.00 54.38 ? 296 GLN A NE2 1 
ATOM   832 N N   . LEU A 1 132 ? -8.465  16.634  7.369   1.00 58.90 ? 297 LEU A N   1 
ATOM   833 C CA  . LEU A 1 132 ? -8.757  16.460  8.771   1.00 60.96 ? 297 LEU A CA  1 
ATOM   834 C C   . LEU A 1 132 ? -7.739  17.236  9.603   1.00 62.19 ? 297 LEU A C   1 
ATOM   835 O O   . LEU A 1 132 ? -8.109  17.937  10.549  1.00 62.49 ? 297 LEU A O   1 
ATOM   836 C CB  . LEU A 1 132 ? -8.725  14.968  9.115   1.00 60.59 ? 297 LEU A CB  1 
ATOM   837 C CG  . LEU A 1 132 ? -9.318  14.516  10.446  1.00 61.08 ? 297 LEU A CG  1 
ATOM   838 C CD1 . LEU A 1 132 ? -8.269  14.483  11.545  1.00 61.83 ? 297 LEU A CD1 1 
ATOM   839 C CD2 . LEU A 1 132 ? -10.504 15.390  10.826  1.00 60.49 ? 297 LEU A CD2 1 
ATOM   840 N N   . VAL A 1 133 ? -6.465  17.136  9.225   1.00 63.39 ? 298 VAL A N   1 
ATOM   841 C CA  . VAL A 1 133 ? -5.383  17.777  9.980   1.00 64.80 ? 298 VAL A CA  1 
ATOM   842 C C   . VAL A 1 133 ? -5.344  19.312  9.869   1.00 65.62 ? 298 VAL A C   1 
ATOM   843 O O   . VAL A 1 133 ? -4.822  19.982  10.764  1.00 65.13 ? 298 VAL A O   1 
ATOM   844 C CB  . VAL A 1 133 ? -3.984  17.099  9.714   1.00 64.81 ? 298 VAL A CB  1 
ATOM   845 C CG1 . VAL A 1 133 ? -2.830  18.106  9.630   1.00 65.26 ? 298 VAL A CG1 1 
ATOM   846 C CG2 . VAL A 1 133 ? -3.694  16.085  10.799  1.00 65.79 ? 298 VAL A CG2 1 
ATOM   847 N N   . ARG A 1 134 ? -5.926  19.868  8.804   1.00 66.62 ? 299 ARG A N   1 
ATOM   848 C CA  . ARG A 1 134 ? -5.888  21.321  8.631   1.00 68.01 ? 299 ARG A CA  1 
ATOM   849 C C   . ARG A 1 134 ? -7.228  22.083  8.479   1.00 68.57 ? 299 ARG A C   1 
ATOM   850 O O   . ARG A 1 134 ? -7.261  23.180  7.919   1.00 68.58 ? 299 ARG A O   1 
ATOM   851 C CB  . ARG A 1 134 ? -4.848  21.734  7.570   1.00 68.15 ? 299 ARG A CB  1 
ATOM   852 C CG  . ARG A 1 134 ? -5.132  21.340  6.141   1.00 68.80 ? 299 ARG A CG  1 
ATOM   853 C CD  . ARG A 1 134 ? -3.858  20.985  5.387   1.00 72.35 ? 299 ARG A CD  1 
ATOM   854 N NE  . ARG A 1 134 ? -2.701  21.775  5.818   1.00 75.27 ? 299 ARG A NE  1 
ATOM   855 C CZ  . ARG A 1 134 ? -1.424  21.425  5.638   1.00 76.49 ? 299 ARG A CZ  1 
ATOM   856 N NH1 . ARG A 1 134 ? -1.123  20.282  5.027   1.00 77.03 ? 299 ARG A NH1 1 
ATOM   857 N NH2 . ARG A 1 134 ? -0.446  22.224  6.072   1.00 75.33 ? 299 ARG A NH2 1 
ATOM   858 N N   . GLY A 1 135 ? -8.313  21.494  8.984   1.00 69.31 ? 300 GLY A N   1 
ATOM   859 C CA  . GLY A 1 135 ? -9.612  22.152  9.046   1.00 70.11 ? 300 GLY A CA  1 
ATOM   860 C C   . GLY A 1 135 ? -10.628 22.068  7.918   1.00 70.75 ? 300 GLY A C   1 
ATOM   861 O O   . GLY A 1 135 ? -11.738 22.591  8.049   1.00 70.74 ? 300 GLY A O   1 
ATOM   862 N N   . GLU A 1 136 ? -10.285 21.422  6.812   1.00 71.32 ? 301 GLU A N   1 
ATOM   863 C CA  . GLU A 1 136 ? -11.225 21.343  5.696   1.00 71.93 ? 301 GLU A CA  1 
ATOM   864 C C   . GLU A 1 136 ? -12.451 20.486  5.986   1.00 72.52 ? 301 GLU A C   1 
ATOM   865 O O   . GLU A 1 136 ? -12.610 19.964  7.079   1.00 72.49 ? 301 GLU A O   1 
ATOM   866 C CB  . GLU A 1 136 ? -10.527 20.870  4.422   1.00 71.83 ? 301 GLU A CB  1 
ATOM   867 C CG  . GLU A 1 136 ? -9.799  21.980  3.684   1.00 71.48 ? 301 GLU A CG  1 
ATOM   868 C CD  . GLU A 1 136 ? -8.620  21.472  2.881   1.00 71.05 ? 301 GLU A CD  1 
ATOM   869 O OE1 . GLU A 1 136 ? -7.522  21.354  3.469   1.00 70.17 ? 301 GLU A OE1 1 
ATOM   870 O OE2 . GLU A 1 136 ? -8.787  21.203  1.666   1.00 70.31 ? 301 GLU A OE2 1 
ATOM   871 N N   . GLU A 1 137 ? -13.305 20.347  4.981   1.00 73.58 ? 302 GLU A N   1 
ATOM   872 C CA  . GLU A 1 137 ? -14.547 19.588  5.086   1.00 74.58 ? 302 GLU A CA  1 
ATOM   873 C C   . GLU A 1 137 ? -14.439 18.160  4.537   1.00 74.79 ? 302 GLU A C   1 
ATOM   874 O O   . GLU A 1 137 ? -13.359 17.572  4.505   1.00 74.93 ? 302 GLU A O   1 
ATOM   875 C CB  . GLU A 1 137 ? -15.653 20.320  4.320   1.00 74.73 ? 302 GLU A CB  1 
ATOM   876 C CG  . GLU A 1 137 ? -15.287 20.611  2.868   1.00 75.91 ? 302 GLU A CG  1 
ATOM   877 C CD  . GLU A 1 137 ? -16.432 21.199  2.066   1.00 77.77 ? 302 GLU A CD  1 
ATOM   878 O OE1 . GLU A 1 137 ? -17.338 20.431  1.658   1.00 78.09 ? 302 GLU A OE1 1 
ATOM   879 O OE2 . GLU A 1 137 ? -16.422 22.434  1.845   1.00 78.56 ? 302 GLU A OE2 1 
ATOM   880 N N   . VAL A 1 138 ? -15.591 17.647  4.097   1.00 75.12 ? 303 VAL A N   1 
ATOM   881 C CA  . VAL A 1 138 ? -15.797 16.307  3.518   1.00 75.27 ? 303 VAL A CA  1 
ATOM   882 C C   . VAL A 1 138 ? -15.682 15.157  4.521   1.00 75.33 ? 303 VAL A C   1 
ATOM   883 O O   . VAL A 1 138 ? -16.581 14.309  4.585   1.00 74.78 ? 303 VAL A O   1 
ATOM   884 C CB  . VAL A 1 138 ? -14.959 16.010  2.220   1.00 75.26 ? 303 VAL A CB  1 
ATOM   885 C CG1 . VAL A 1 138 ? -14.827 17.257  1.343   1.00 75.37 ? 303 VAL A CG1 1 
ATOM   886 C CG2 . VAL A 1 138 ? -13.608 15.407  2.554   1.00 75.18 ? 303 VAL A CG2 1 
HETATM 887 O O   . HOH B 2 .   ? 3.202   5.335   -9.080  1.00 40.36 ? 1   HOH A O   1 
HETATM 888 O O   . HOH B 2 .   ? -5.565  -2.964  -5.660  1.00 24.69 ? 2   HOH A O   1 
HETATM 889 O O   . HOH B 2 .   ? -7.148  -6.680  -3.100  1.00 39.20 ? 3   HOH A O   1 
HETATM 890 O O   . HOH B 2 .   ? -11.873 0.425   14.133  1.00 55.69 ? 4   HOH A O   1 
HETATM 891 O O   . HOH B 2 .   ? 1.511   14.246  -1.322  1.00 43.98 ? 5   HOH A O   1 
HETATM 892 O O   . HOH B 2 .   ? 3.335   -3.568  11.420  1.00 48.54 ? 6   HOH A O   1 
HETATM 893 O O   . HOH B 2 .   ? 11.110  3.050   -13.437 1.00 46.83 ? 7   HOH A O   1 
HETATM 894 O O   . HOH B 2 .   ? 3.268   5.957   -5.943  1.00 53.57 ? 8   HOH A O   1 
HETATM 895 O O   . HOH B 2 .   ? 3.618   -11.694 -12.952 1.00 34.04 ? 9   HOH A O   1 
HETATM 896 O O   . HOH B 2 .   ? 7.121   -16.768 -1.823  1.00 48.40 ? 10  HOH A O   1 
HETATM 897 O O   . HOH B 2 .   ? -20.084 8.129   18.644  1.00 54.28 ? 11  HOH A O   1 
HETATM 898 O O   . HOH B 2 .   ? 13.106  -14.413 -14.747 1.00 43.99 ? 12  HOH A O   1 
HETATM 899 O O   . HOH B 2 .   ? -2.417  8.955   -11.054 1.00 50.43 ? 13  HOH A O   1 
HETATM 900 O O   . HOH B 2 .   ? -0.220  -8.440  -22.625 1.00 52.54 ? 14  HOH A O   1 
HETATM 901 O O   . HOH B 2 .   ? 6.140   -8.140  -25.335 1.00 51.89 ? 15  HOH A O   1 
HETATM 902 O O   . HOH B 2 .   ? 15.928  -30.689 -17.529 1.00 57.04 ? 16  HOH A O   1 
HETATM 903 O O   . HOH B 2 .   ? 21.721  -17.692 -14.053 1.00 57.50 ? 17  HOH A O   1 
HETATM 904 O O   . HOH B 2 .   ? -4.245  -12.807 -19.694 1.00 52.83 ? 18  HOH A O   1 
HETATM 905 O O   . HOH B 2 .   ? 11.188  -2.243  -16.269 1.00 47.95 ? 19  HOH A O   1 
HETATM 906 O O   . HOH B 2 .   ? -6.389  -5.652  -5.147  1.00 43.84 ? 20  HOH A O   1 
HETATM 907 O O   . HOH B 2 .   ? -3.383  18.265  17.417  1.00 53.00 ? 21  HOH A O   1 
HETATM 908 O O   . HOH B 2 .   ? 9.204   3.701   1.466   1.00 38.79 ? 22  HOH A O   1 
HETATM 909 O O   . HOH B 2 .   ? -7.315  -8.105  -9.544  1.00 42.94 ? 23  HOH A O   1 
HETATM 910 O O   . HOH B 2 .   ? 12.457  1.890   -9.279  1.00 48.27 ? 24  HOH A O   1 
HETATM 911 O O   . HOH B 2 .   ? 5.330   -6.065  -9.469  1.00 38.74 ? 25  HOH A O   1 
HETATM 912 O O   . HOH B 2 .   ? 11.047  -8.523  -16.300 1.00 57.59 ? 26  HOH A O   1 
HETATM 913 O O   . HOH B 2 .   ? 8.147   12.669  5.435   1.00 47.98 ? 27  HOH A O   1 
HETATM 914 O O   . HOH B 2 .   ? 26.114  -20.763 -16.230 1.00 63.75 ? 28  HOH A O   1 
HETATM 915 O O   . HOH B 2 .   ? 10.405  -4.564  -5.581  1.00 58.54 ? 29  HOH A O   1 
HETATM 916 O O   . HOH B 2 .   ? -2.534  19.893  2.902   1.00 44.46 ? 30  HOH A O   1 
HETATM 917 O O   . HOH B 2 .   ? 2.213   25.034  3.607   1.00 53.92 ? 31  HOH A O   1 
HETATM 918 O O   . HOH B 2 .   ? 25.112  -19.328 -10.259 1.00 48.76 ? 32  HOH A O   1 
HETATM 919 O O   . HOH B 2 .   ? -6.634  -5.852  -12.650 1.00 45.09 ? 33  HOH A O   1 
HETATM 920 O O   . HOH B 2 .   ? -7.867  -10.114 -13.728 1.00 51.22 ? 34  HOH A O   1 
HETATM 921 O O   . HOH B 2 .   ? 9.273   -18.037 -19.491 1.00 54.59 ? 35  HOH A O   1 
HETATM 922 O O   . HOH B 2 .   ? 0.114   5.855   22.099  1.00 44.76 ? 36  HOH A O   1 
HETATM 923 O O   . HOH B 2 .   ? 4.958   13.672  5.140   1.00 43.37 ? 37  HOH A O   1 
HETATM 924 O O   . HOH B 2 .   ? -13.115 18.322  13.403  1.00 51.54 ? 38  HOH A O   1 
HETATM 925 O O   . HOH B 2 .   ? -2.069  -4.818  -24.470 1.00 52.36 ? 39  HOH A O   1 
HETATM 926 O O   . HOH B 2 .   ? -8.952  16.297  -4.847  1.00 58.96 ? 40  HOH A O   1 
HETATM 927 O O   . HOH B 2 .   ? 0.713   16.762  18.636  1.00 51.75 ? 41  HOH A O   1 
HETATM 928 O O   . HOH B 2 .   ? 6.021   -16.122 2.865   1.00 54.08 ? 42  HOH A O   1 
HETATM 929 O O   . HOH B 2 .   ? 6.026   -6.239  -0.916  1.00 39.48 ? 43  HOH A O   1 
HETATM 930 O O   . HOH B 2 .   ? 16.053  -18.105 -17.847 1.00 64.40 ? 44  HOH A O   1 
HETATM 931 O O   . HOH B 2 .   ? -16.605 13.487  -0.911  1.00 55.77 ? 45  HOH A O   1 
HETATM 932 O O   . HOH B 2 .   ? 22.997  -27.939 -19.590 1.00 65.34 ? 46  HOH A O   1 
HETATM 933 O O   . HOH B 2 .   ? -0.697  -11.251 -18.824 1.00 59.42 ? 47  HOH A O   1 
HETATM 934 O O   . HOH B 2 .   ? -13.805 -7.303  6.395   1.00 49.17 ? 48  HOH A O   1 
HETATM 935 O O   . HOH B 2 .   ? 29.538  -31.123 -12.159 1.00 65.74 ? 49  HOH A O   1 
HETATM 936 O O   . HOH B 2 .   ? 11.100  -19.076 -0.952  1.00 46.25 ? 50  HOH A O   1 
HETATM 937 O O   . HOH B 2 .   ? 12.340  -3.063  -18.407 1.00 47.70 ? 51  HOH A O   1 
HETATM 938 O O   . HOH B 2 .   ? 4.713   -3.870  -24.284 1.00 59.20 ? 52  HOH A O   1 
HETATM 939 O O   . HOH B 2 .   ? -2.911  24.449  3.504   1.00 55.65 ? 53  HOH A O   1 
HETATM 940 O O   . HOH B 2 .   ? 4.650   25.511  7.757   1.00 56.19 ? 54  HOH A O   1 
HETATM 941 O O   . HOH B 2 .   ? -12.338 14.301  22.937  1.00 56.88 ? 55  HOH A O   1 
HETATM 942 O O   . HOH B 2 .   ? -5.238  -5.372  -25.424 1.00 62.02 ? 56  HOH A O   1 
HETATM 943 O O   . HOH B 2 .   ? 1.009   6.768   -10.785 1.00 46.61 ? 57  HOH A O   1 
HETATM 944 O O   . HOH B 2 .   ? 3.245   18.941  17.949  1.00 52.01 ? 58  HOH A O   1 
HETATM 945 O O   . HOH B 2 .   ? -13.344 -7.750  11.348  1.00 52.39 ? 59  HOH A O   1 
HETATM 946 O O   . HOH B 2 .   ? -12.431 1.537   -1.889  1.00 61.37 ? 60  HOH A O   1 
HETATM 947 O O   . HOH B 2 .   ? -20.831 10.542  5.189   1.00 61.50 ? 61  HOH A O   1 
HETATM 948 O O   . HOH B 2 .   ? 8.108   -18.799 -1.341  1.00 58.99 ? 62  HOH A O   1 
HETATM 949 O O   . HOH B 2 .   ? 5.058   -5.518  -26.170 1.00 49.14 ? 63  HOH A O   1 
HETATM 950 O O   . HOH B 2 .   ? 15.397  -32.360 -19.609 1.00 53.84 ? 64  HOH A O   1 
HETATM 951 O O   . HOH B 2 .   ? -6.588  -8.567  -19.257 1.00 59.76 ? 65  HOH A O   1 
HETATM 952 O O   . HOH B 2 .   ? 30.628  -21.027 -17.204 1.00 54.38 ? 66  HOH A O   1 
HETATM 953 O O   . HOH B 2 .   ? 9.277   -12.097 -16.882 1.00 58.52 ? 67  HOH A O   1 
HETATM 954 O O   . HOH B 2 .   ? -2.383  -14.366 -20.764 1.00 52.47 ? 68  HOH A O   1 
HETATM 955 O O   . HOH B 2 .   ? -14.600 -0.320  17.155  1.00 60.09 ? 69  HOH A O   1 
HETATM 956 O O   . HOH B 2 .   ? -13.970 10.001  -4.047  1.00 71.06 ? 70  HOH A O   1 
HETATM 957 O O   . HOH B 2 .   ? 5.856   -16.881 0.043   1.00 68.57 ? 71  HOH A O   1 
HETATM 958 O O   . HOH B 2 .   ? 10.065  -12.675 -12.708 1.00 58.75 ? 72  HOH A O   1 
HETATM 959 O O   . HOH B 2 .   ? -17.238 -0.306  14.250  1.00 51.32 ? 73  HOH A O   1 
HETATM 960 O O   . HOH B 2 .   ? -10.012 -0.893  14.789  1.00 49.22 ? 74  HOH A O   1 
HETATM 961 O O   . HOH B 2 .   ? -0.463  -7.777  -25.368 1.00 60.25 ? 75  HOH A O   1 
HETATM 962 O O   . HOH B 2 .   ? 4.627   -5.829  -20.481 1.00 44.22 ? 76  HOH A O   1 
HETATM 963 O O   . HOH B 2 .   ? 16.523  -29.569 -12.437 1.00 55.59 ? 77  HOH A O   1 
HETATM 964 O O   . HOH B 2 .   ? 30.937  -26.257 -14.168 1.00 48.84 ? 78  HOH A O   1 
HETATM 965 O O   . HOH B 2 .   ? 8.260   -4.663  -2.494  1.00 47.84 ? 79  HOH A O   1 
HETATM 966 O O   . HOH B 2 .   ? 2.992   23.029  5.123   1.00 49.43 ? 80  HOH A O   1 
HETATM 967 O O   . HOH B 2 .   ? 8.898   -22.181 -18.672 1.00 49.10 ? 81  HOH A O   1 
HETATM 968 O O   . HOH B 2 .   ? 8.523   -24.189 -15.772 1.00 46.12 ? 82  HOH A O   1 
HETATM 969 O O   . HOH B 2 .   ? 7.358   -24.186 -22.204 1.00 52.79 ? 83  HOH A O   1 
HETATM 970 O O   . HOH B 2 .   ? 8.084   -21.825 -16.410 1.00 48.61 ? 84  HOH A O   1 
HETATM 971 O O   . HOH B 2 .   ? 6.516   -5.730  -28.556 1.00 61.09 ? 85  HOH A O   1 
HETATM 972 O O   . HOH B 2 .   ? -3.895  -17.896 -20.070 1.00 52.45 ? 86  HOH A O   1 
HETATM 973 O O   . HOH B 2 .   ? 30.662  -25.701 -17.607 1.00 69.50 ? 87  HOH A O   1 
HETATM 974 O O   . HOH B 2 .   ? 13.991  -26.342 -16.238 1.00 60.49 ? 88  HOH A O   1 
HETATM 975 O O   . HOH B 2 .   ? 18.273  -14.105 -11.087 1.00 56.65 ? 89  HOH A O   1 
HETATM 976 O O   . HOH B 2 .   ? 13.872  -20.861 -1.776  1.00 54.68 ? 90  HOH A O   1 
HETATM 977 O O   . HOH B 2 .   ? 10.333  -8.767  -0.725  1.00 42.87 ? 91  HOH A O   1 
HETATM 978 O O   . HOH B 2 .   ? -9.583  -2.268  -3.043  1.00 51.29 ? 92  HOH A O   1 
HETATM 979 O O   . HOH B 2 .   ? -15.982 -5.682  9.640   1.00 73.75 ? 93  HOH A O   1 
HETATM 980 O O   . HOH B 2 .   ? -14.145 2.491   12.951  1.00 57.19 ? 94  HOH A O   1 
HETATM 981 O O   . HOH B 2 .   ? -19.464 9.722   16.338  1.00 57.79 ? 95  HOH A O   1 
HETATM 982 O O   . HOH B 2 .   ? -8.686  15.822  -1.004  1.00 63.22 ? 96  HOH A O   1 
HETATM 983 O O   . HOH B 2 .   ? 2.446   23.989  8.065   1.00 61.65 ? 97  HOH A O   1 
HETATM 984 O O   . HOH B 2 .   ? -12.577 22.518  2.840   1.00 66.97 ? 98  HOH A O   1 
HETATM 985 O O   . HOH B 2 .   ? -12.917 6.033   15.644  1.00 55.07 ? 99  HOH A O   1 
HETATM 986 O O   . HOH B 2 .   ? 10.352  -24.258 -6.702  1.00 50.36 ? 100 HOH A O   1 
HETATM 987 O O   . HOH B 2 .   ? -7.820  -3.891  -11.313 1.00 62.56 ? 101 HOH A O   1 
HETATM 988 O O   . HOH B 2 .   ? -6.550  10.779  -6.610  1.00 53.07 ? 102 HOH A O   1 
HETATM 989 O O   . HOH B 2 .   ? -1.749  20.088  19.966  1.00 60.09 ? 103 HOH A O   1 
HETATM 990 O O   . HOH B 2 .   ? 7.918   -17.396 -24.138 1.00 46.65 ? 104 HOH A O   1 
HETATM 991 O O   . HOH B 2 .   ? 1.759   -13.924 -20.246 1.00 45.13 ? 105 HOH A O   1 
HETATM 992 O O   . HOH B 2 .   ? -15.388 24.893  5.396   1.00 61.20 ? 106 HOH A O   1 
HETATM 993 O O   . HOH B 2 .   ? 10.208  14.273  7.002   1.00 50.63 ? 107 HOH A O   1 
HETATM 994 O O   . HOH B 2 .   ? 10.730  -23.832 -14.856 1.00 60.19 ? 108 HOH A O   1 
# 
